data_1LHT
# 
_entry.id   1LHT 
# 
_audit_conform.dict_name       mmcif_pdbx.dic 
_audit_conform.dict_version    5.386 
_audit_conform.dict_location   http://mmcif.pdb.org/dictionaries/ascii/mmcif_pdbx.dic 
# 
loop_
_database_2.database_id 
_database_2.database_code 
_database_2.pdbx_database_accession 
_database_2.pdbx_DOI 
PDB   1LHT         pdb_00001lht 10.2210/pdb1lht/pdb 
WWPDB D_1000174727 ?            ?                   
# 
loop_
_pdbx_audit_revision_history.ordinal 
_pdbx_audit_revision_history.data_content_type 
_pdbx_audit_revision_history.major_revision 
_pdbx_audit_revision_history.minor_revision 
_pdbx_audit_revision_history.revision_date 
1 'Structure model' 1 0 1995-06-03 
2 'Structure model' 1 1 2008-03-24 
3 'Structure model' 1 2 2011-07-13 
4 'Structure model' 1 3 2012-02-22 
5 'Structure model' 1 4 2017-02-15 
6 'Structure model' 1 5 2024-02-14 
# 
_pdbx_audit_revision_details.ordinal             1 
_pdbx_audit_revision_details.revision_ordinal    1 
_pdbx_audit_revision_details.data_content_type   'Structure model' 
_pdbx_audit_revision_details.provider            repository 
_pdbx_audit_revision_details.type                'Initial release' 
_pdbx_audit_revision_details.description         ? 
_pdbx_audit_revision_details.details             ? 
# 
loop_
_pdbx_audit_revision_group.ordinal 
_pdbx_audit_revision_group.revision_ordinal 
_pdbx_audit_revision_group.data_content_type 
_pdbx_audit_revision_group.group 
1 2 'Structure model' 'Version format compliance' 
2 3 'Structure model' 'Version format compliance' 
3 4 'Structure model' 'Database references'       
4 5 'Structure model' 'Database references'       
5 6 'Structure model' 'Data collection'           
6 6 'Structure model' 'Database references'       
7 6 'Structure model' 'Derived calculations'      
8 6 'Structure model' Other                       
# 
loop_
_pdbx_audit_revision_category.ordinal 
_pdbx_audit_revision_category.revision_ordinal 
_pdbx_audit_revision_category.data_content_type 
_pdbx_audit_revision_category.category 
1 6 'Structure model' chem_comp_atom       
2 6 'Structure model' chem_comp_bond       
3 6 'Structure model' database_2           
4 6 'Structure model' pdbx_database_status 
5 6 'Structure model' struct_conn          
6 6 'Structure model' struct_site          
# 
loop_
_pdbx_audit_revision_item.ordinal 
_pdbx_audit_revision_item.revision_ordinal 
_pdbx_audit_revision_item.data_content_type 
_pdbx_audit_revision_item.item 
1  6 'Structure model' '_database_2.pdbx_DOI'                
2  6 'Structure model' '_database_2.pdbx_database_accession' 
3  6 'Structure model' '_pdbx_database_status.process_site'  
4  6 'Structure model' '_struct_conn.ptnr1_auth_comp_id'     
5  6 'Structure model' '_struct_conn.ptnr1_auth_seq_id'      
6  6 'Structure model' '_struct_conn.ptnr1_label_asym_id'    
7  6 'Structure model' '_struct_conn.ptnr1_label_atom_id'    
8  6 'Structure model' '_struct_conn.ptnr1_label_comp_id'    
9  6 'Structure model' '_struct_conn.ptnr1_label_seq_id'     
10 6 'Structure model' '_struct_conn.ptnr2_auth_comp_id'     
11 6 'Structure model' '_struct_conn.ptnr2_auth_seq_id'      
12 6 'Structure model' '_struct_conn.ptnr2_label_asym_id'    
13 6 'Structure model' '_struct_conn.ptnr2_label_atom_id'    
14 6 'Structure model' '_struct_conn.ptnr2_label_comp_id'    
15 6 'Structure model' '_struct_conn.ptnr2_label_seq_id'     
16 6 'Structure model' '_struct_site.pdbx_auth_asym_id'      
17 6 'Structure model' '_struct_site.pdbx_auth_comp_id'      
18 6 'Structure model' '_struct_site.pdbx_auth_seq_id'       
# 
_pdbx_database_status.status_code                     REL 
_pdbx_database_status.entry_id                        1LHT 
_pdbx_database_status.recvd_initial_deposition_date   1995-02-01 
_pdbx_database_status.deposit_site                    ? 
_pdbx_database_status.process_site                    BNL 
_pdbx_database_status.SG_entry                        . 
_pdbx_database_status.status_code_sf                  ? 
_pdbx_database_status.status_code_mr                  ? 
_pdbx_database_status.status_code_cs                  ? 
_pdbx_database_status.methods_development_category    ? 
_pdbx_database_status.pdb_format_compatible           Y 
_pdbx_database_status.status_code_nmr_data            ? 
# 
loop_
_audit_author.name 
_audit_author.pdbx_ordinal 
'Nardini, M.'     1  
'Tarricone, C.'   2  
'Lania, A.'       3  
'Desideri, A.'    4  
'De Sanctis, G.'  5  
'Coletta, M.'     6  
'Petruzzelli, R.' 7  
'Ascenzi, P.'     8  
'Coda, A.'        9  
'Bolognesi, M.'   10 
# 
loop_
_citation.id 
_citation.title 
_citation.journal_abbrev 
_citation.journal_volume 
_citation.page_first 
_citation.page_last 
_citation.year 
_citation.journal_id_ASTM 
_citation.country 
_citation.journal_id_ISSN 
_citation.journal_id_CSD 
_citation.book_publisher 
_citation.pdbx_database_id_PubMed 
_citation.pdbx_database_id_DOI 
primary 
;Reptile heme protein structure: X-ray crystallographic study of the aquo-met and cyano-met derivatives of the loggerhead sea turtle (Caretta caretta) myoglobin at 2.0 A resolution.
;
J.Mol.Biol.           247 459 465 1995 JMOBAK UK 0022-2836 0070 ? 7714901 10.1006/jmbi.1994.0153 
1       'X-ray crystal structure of ferric Aplysia limacina myoglobin in different liganded states.' J.Mol.Biol.           233 498 
508 1993 JMOBAK UK 0022-2836 0070 ? 8411158 10.1006/jmbi.1993.1527 
2       'Structural Studies on the Loggerhead Sea Turtle (Caretta Caretta) Myoglobin' Biochem.Mol.Biol.Int. 31  19  ?   1993 
BMBIES AT 1039-9712 2062 ? ?       ?                      
# 
loop_
_citation_author.citation_id 
_citation_author.name 
_citation_author.ordinal 
_citation_author.identifier_ORCID 
primary 'Nardini, M.'     1  ? 
primary 'Tarricone, C.'   2  ? 
primary 'Rizzi, M.'       3  ? 
primary 'Lania, A.'       4  ? 
primary 'Desideri, A.'    5  ? 
primary 'De Sanctis, G.'  6  ? 
primary 'Coletta, M.'     7  ? 
primary 'Petruzzelli, R.' 8  ? 
primary 'Ascenzi, P.'     9  ? 
primary 'Coda, A.'        10 ? 
primary 'Bolognesi, M.'   11 ? 
1       'Conti, E.'       12 ? 
1       'Moser, C.'       13 ? 
1       'Rizzi, M.'       14 ? 
1       'Mattevi, A.'     15 ? 
1       'Lionetti, C.'    16 ? 
1       'Coda, A.'        17 ? 
1       'Ascenzi, P.'     18 ? 
1       'Brunori, M.'     19 ? 
1       'Bolognesi, M.'   20 ? 
2       'Petruzzelli, R.' 21 ? 
2       'Aureli, G.'      22 ? 
2       'Casale, E.'      23 ? 
2       'Nardini, M.'     24 ? 
2       'Rizzi, M.'       25 ? 
2       'Ascenzi, P.'     26 ? 
2       'Coletta, M.'     27 ? 
2       'De Sanctis, G.'  28 ? 
2       'Desideri, A.'    29 ? 
2       'Galtieri, A.'    30 ? 
2       'Bolognesi, M.'   31 ? 
# 
loop_
_entity.id 
_entity.type 
_entity.src_method 
_entity.pdbx_description 
_entity.formula_weight 
_entity.pdbx_number_of_molecules 
_entity.pdbx_ec 
_entity.pdbx_mutation 
_entity.pdbx_fragment 
_entity.details 
1 polymer     man MYOGLOBIN                         17420.980 1  ? ? ? ? 
2 non-polymer syn 'CYANIDE ION'                     26.017    1  ? ? ? ? 
3 non-polymer syn 'PROTOPORPHYRIN IX CONTAINING FE' 616.487   1  ? ? ? ? 
4 water       nat water                             18.015    68 ? ? ? ? 
# 
_entity_poly.entity_id                      1 
_entity_poly.type                           'polypeptide(L)' 
_entity_poly.nstd_linkage                   no 
_entity_poly.nstd_monomer                   no 
_entity_poly.pdbx_seq_one_letter_code       
;GLSDDEWNHVLGIWAKVEPDLSAHGQEVIIRLFQLHPETQERFAKFKNLTTIDALKSSEEVKKHGTTVLTALGRILKQKN
NHEQELKPLAESHATKHKIPVKYLEFICEIIVKVIAEKHPSDFGADSQAAMKKALELFRNDMASKYKEFGFQG
;
_entity_poly.pdbx_seq_one_letter_code_can   
;GLSDDEWNHVLGIWAKVEPDLSAHGQEVIIRLFQLHPETQERFAKFKNLTTIDALKSSEEVKKHGTTVLTALGRILKQKN
NHEQELKPLAESHATKHKIPVKYLEFICEIIVKVIAEKHPSDFGADSQAAMKKALELFRNDMASKYKEFGFQG
;
_entity_poly.pdbx_strand_id                 A 
_entity_poly.pdbx_target_identifier         ? 
# 
loop_
_pdbx_entity_nonpoly.entity_id 
_pdbx_entity_nonpoly.name 
_pdbx_entity_nonpoly.comp_id 
2 'CYANIDE ION'                     CYN 
3 'PROTOPORPHYRIN IX CONTAINING FE' HEM 
4 water                             HOH 
# 
loop_
_entity_poly_seq.entity_id 
_entity_poly_seq.num 
_entity_poly_seq.mon_id 
_entity_poly_seq.hetero 
1 1   GLY n 
1 2   LEU n 
1 3   SER n 
1 4   ASP n 
1 5   ASP n 
1 6   GLU n 
1 7   TRP n 
1 8   ASN n 
1 9   HIS n 
1 10  VAL n 
1 11  LEU n 
1 12  GLY n 
1 13  ILE n 
1 14  TRP n 
1 15  ALA n 
1 16  LYS n 
1 17  VAL n 
1 18  GLU n 
1 19  PRO n 
1 20  ASP n 
1 21  LEU n 
1 22  SER n 
1 23  ALA n 
1 24  HIS n 
1 25  GLY n 
1 26  GLN n 
1 27  GLU n 
1 28  VAL n 
1 29  ILE n 
1 30  ILE n 
1 31  ARG n 
1 32  LEU n 
1 33  PHE n 
1 34  GLN n 
1 35  LEU n 
1 36  HIS n 
1 37  PRO n 
1 38  GLU n 
1 39  THR n 
1 40  GLN n 
1 41  GLU n 
1 42  ARG n 
1 43  PHE n 
1 44  ALA n 
1 45  LYS n 
1 46  PHE n 
1 47  LYS n 
1 48  ASN n 
1 49  LEU n 
1 50  THR n 
1 51  THR n 
1 52  ILE n 
1 53  ASP n 
1 54  ALA n 
1 55  LEU n 
1 56  LYS n 
1 57  SER n 
1 58  SER n 
1 59  GLU n 
1 60  GLU n 
1 61  VAL n 
1 62  LYS n 
1 63  LYS n 
1 64  HIS n 
1 65  GLY n 
1 66  THR n 
1 67  THR n 
1 68  VAL n 
1 69  LEU n 
1 70  THR n 
1 71  ALA n 
1 72  LEU n 
1 73  GLY n 
1 74  ARG n 
1 75  ILE n 
1 76  LEU n 
1 77  LYS n 
1 78  GLN n 
1 79  LYS n 
1 80  ASN n 
1 81  ASN n 
1 82  HIS n 
1 83  GLU n 
1 84  GLN n 
1 85  GLU n 
1 86  LEU n 
1 87  LYS n 
1 88  PRO n 
1 89  LEU n 
1 90  ALA n 
1 91  GLU n 
1 92  SER n 
1 93  HIS n 
1 94  ALA n 
1 95  THR n 
1 96  LYS n 
1 97  HIS n 
1 98  LYS n 
1 99  ILE n 
1 100 PRO n 
1 101 VAL n 
1 102 LYS n 
1 103 TYR n 
1 104 LEU n 
1 105 GLU n 
1 106 PHE n 
1 107 ILE n 
1 108 CYS n 
1 109 GLU n 
1 110 ILE n 
1 111 ILE n 
1 112 VAL n 
1 113 LYS n 
1 114 VAL n 
1 115 ILE n 
1 116 ALA n 
1 117 GLU n 
1 118 LYS n 
1 119 HIS n 
1 120 PRO n 
1 121 SER n 
1 122 ASP n 
1 123 PHE n 
1 124 GLY n 
1 125 ALA n 
1 126 ASP n 
1 127 SER n 
1 128 GLN n 
1 129 ALA n 
1 130 ALA n 
1 131 MET n 
1 132 LYS n 
1 133 LYS n 
1 134 ALA n 
1 135 LEU n 
1 136 GLU n 
1 137 LEU n 
1 138 PHE n 
1 139 ARG n 
1 140 ASN n 
1 141 ASP n 
1 142 MET n 
1 143 ALA n 
1 144 SER n 
1 145 LYS n 
1 146 TYR n 
1 147 LYS n 
1 148 GLU n 
1 149 PHE n 
1 150 GLY n 
1 151 PHE n 
1 152 GLN n 
1 153 GLY n 
# 
_entity_src_gen.entity_id                          1 
_entity_src_gen.pdbx_src_id                        1 
_entity_src_gen.pdbx_alt_source_flag               sample 
_entity_src_gen.pdbx_seq_type                      ? 
_entity_src_gen.pdbx_beg_seq_num                   ? 
_entity_src_gen.pdbx_end_seq_num                   ? 
_entity_src_gen.gene_src_common_name               'Loggerhead turtle' 
_entity_src_gen.gene_src_genus                     Caretta 
_entity_src_gen.pdbx_gene_src_gene                 ? 
_entity_src_gen.gene_src_species                   ? 
_entity_src_gen.gene_src_strain                    ? 
_entity_src_gen.gene_src_tissue                    ? 
_entity_src_gen.gene_src_tissue_fraction           ? 
_entity_src_gen.gene_src_details                   ? 
_entity_src_gen.pdbx_gene_src_fragment             ? 
_entity_src_gen.pdbx_gene_src_scientific_name      'Caretta caretta' 
_entity_src_gen.pdbx_gene_src_ncbi_taxonomy_id     8467 
_entity_src_gen.pdbx_gene_src_variant              ? 
_entity_src_gen.pdbx_gene_src_cell_line            ? 
_entity_src_gen.pdbx_gene_src_atcc                 ? 
_entity_src_gen.pdbx_gene_src_organ                ? 
_entity_src_gen.pdbx_gene_src_organelle            ? 
_entity_src_gen.pdbx_gene_src_cell                 ? 
_entity_src_gen.pdbx_gene_src_cellular_location    ? 
_entity_src_gen.host_org_common_name               ? 
_entity_src_gen.pdbx_host_org_scientific_name      ? 
_entity_src_gen.pdbx_host_org_ncbi_taxonomy_id     ? 
_entity_src_gen.host_org_genus                     ? 
_entity_src_gen.pdbx_host_org_gene                 ? 
_entity_src_gen.pdbx_host_org_organ                ? 
_entity_src_gen.host_org_species                   ? 
_entity_src_gen.pdbx_host_org_tissue               ? 
_entity_src_gen.pdbx_host_org_tissue_fraction      ? 
_entity_src_gen.pdbx_host_org_strain               ? 
_entity_src_gen.pdbx_host_org_variant              ? 
_entity_src_gen.pdbx_host_org_cell_line            ? 
_entity_src_gen.pdbx_host_org_atcc                 ? 
_entity_src_gen.pdbx_host_org_culture_collection   ? 
_entity_src_gen.pdbx_host_org_cell                 ? 
_entity_src_gen.pdbx_host_org_organelle            ? 
_entity_src_gen.pdbx_host_org_cellular_location    ? 
_entity_src_gen.pdbx_host_org_vector_type          ? 
_entity_src_gen.pdbx_host_org_vector               ? 
_entity_src_gen.host_org_details                   ? 
_entity_src_gen.expression_system_id               ? 
_entity_src_gen.plasmid_name                       ? 
_entity_src_gen.plasmid_details                    ? 
_entity_src_gen.pdbx_description                   ? 
# 
loop_
_chem_comp.id 
_chem_comp.type 
_chem_comp.mon_nstd_flag 
_chem_comp.name 
_chem_comp.pdbx_synonyms 
_chem_comp.formula 
_chem_comp.formula_weight 
ALA 'L-peptide linking' y ALANINE                           ?    'C3 H7 N O2'       89.093  
ARG 'L-peptide linking' y ARGININE                          ?    'C6 H15 N4 O2 1'   175.209 
ASN 'L-peptide linking' y ASPARAGINE                        ?    'C4 H8 N2 O3'      132.118 
ASP 'L-peptide linking' y 'ASPARTIC ACID'                   ?    'C4 H7 N O4'       133.103 
CYN non-polymer         . 'CYANIDE ION'                     ?    'C N -1'           26.017  
CYS 'L-peptide linking' y CYSTEINE                          ?    'C3 H7 N O2 S'     121.158 
GLN 'L-peptide linking' y GLUTAMINE                         ?    'C5 H10 N2 O3'     146.144 
GLU 'L-peptide linking' y 'GLUTAMIC ACID'                   ?    'C5 H9 N O4'       147.129 
GLY 'peptide linking'   y GLYCINE                           ?    'C2 H5 N O2'       75.067  
HEM non-polymer         . 'PROTOPORPHYRIN IX CONTAINING FE' HEME 'C34 H32 Fe N4 O4' 616.487 
HIS 'L-peptide linking' y HISTIDINE                         ?    'C6 H10 N3 O2 1'   156.162 
HOH non-polymer         . WATER                             ?    'H2 O'             18.015  
ILE 'L-peptide linking' y ISOLEUCINE                        ?    'C6 H13 N O2'      131.173 
LEU 'L-peptide linking' y LEUCINE                           ?    'C6 H13 N O2'      131.173 
LYS 'L-peptide linking' y LYSINE                            ?    'C6 H15 N2 O2 1'   147.195 
MET 'L-peptide linking' y METHIONINE                        ?    'C5 H11 N O2 S'    149.211 
PHE 'L-peptide linking' y PHENYLALANINE                     ?    'C9 H11 N O2'      165.189 
PRO 'L-peptide linking' y PROLINE                           ?    'C5 H9 N O2'       115.130 
SER 'L-peptide linking' y SERINE                            ?    'C3 H7 N O3'       105.093 
THR 'L-peptide linking' y THREONINE                         ?    'C4 H9 N O3'       119.119 
TRP 'L-peptide linking' y TRYPTOPHAN                        ?    'C11 H12 N2 O2'    204.225 
TYR 'L-peptide linking' y TYROSINE                          ?    'C9 H11 N O3'      181.189 
VAL 'L-peptide linking' y VALINE                            ?    'C5 H11 N O2'      117.146 
# 
loop_
_pdbx_poly_seq_scheme.asym_id 
_pdbx_poly_seq_scheme.entity_id 
_pdbx_poly_seq_scheme.seq_id 
_pdbx_poly_seq_scheme.mon_id 
_pdbx_poly_seq_scheme.ndb_seq_num 
_pdbx_poly_seq_scheme.pdb_seq_num 
_pdbx_poly_seq_scheme.auth_seq_num 
_pdbx_poly_seq_scheme.pdb_mon_id 
_pdbx_poly_seq_scheme.auth_mon_id 
_pdbx_poly_seq_scheme.pdb_strand_id 
_pdbx_poly_seq_scheme.pdb_ins_code 
_pdbx_poly_seq_scheme.hetero 
A 1 1   GLY 1   1   1   GLY GLY A . n 
A 1 2   LEU 2   2   2   LEU LEU A . n 
A 1 3   SER 3   3   3   SER SER A . n 
A 1 4   ASP 4   4   4   ASP ASP A . n 
A 1 5   ASP 5   5   5   ASP ASP A . n 
A 1 6   GLU 6   6   6   GLU GLU A . n 
A 1 7   TRP 7   7   7   TRP TRP A . n 
A 1 8   ASN 8   8   8   ASN ASN A . n 
A 1 9   HIS 9   9   9   HIS HIS A . n 
A 1 10  VAL 10  10  10  VAL VAL A . n 
A 1 11  LEU 11  11  11  LEU LEU A . n 
A 1 12  GLY 12  12  12  GLY GLY A . n 
A 1 13  ILE 13  13  13  ILE ILE A . n 
A 1 14  TRP 14  14  14  TRP TRP A . n 
A 1 15  ALA 15  15  15  ALA ALA A . n 
A 1 16  LYS 16  16  16  LYS LYS A . n 
A 1 17  VAL 17  17  17  VAL VAL A . n 
A 1 18  GLU 18  18  18  GLU GLU A . n 
A 1 19  PRO 19  19  19  PRO PRO A . n 
A 1 20  ASP 20  20  20  ASP ASP A . n 
A 1 21  LEU 21  21  21  LEU LEU A . n 
A 1 22  SER 22  22  22  SER SER A . n 
A 1 23  ALA 23  23  23  ALA ALA A . n 
A 1 24  HIS 24  24  24  HIS HIS A . n 
A 1 25  GLY 25  25  25  GLY GLY A . n 
A 1 26  GLN 26  26  26  GLN GLN A . n 
A 1 27  GLU 27  27  27  GLU GLU A . n 
A 1 28  VAL 28  28  28  VAL VAL A . n 
A 1 29  ILE 29  29  29  ILE ILE A . n 
A 1 30  ILE 30  30  30  ILE ILE A . n 
A 1 31  ARG 31  31  31  ARG ARG A . n 
A 1 32  LEU 32  32  32  LEU LEU A . n 
A 1 33  PHE 33  33  33  PHE PHE A . n 
A 1 34  GLN 34  34  34  GLN GLN A . n 
A 1 35  LEU 35  35  35  LEU LEU A . n 
A 1 36  HIS 36  36  36  HIS HIS A . n 
A 1 37  PRO 37  37  37  PRO PRO A . n 
A 1 38  GLU 38  38  38  GLU GLU A . n 
A 1 39  THR 39  39  39  THR THR A . n 
A 1 40  GLN 40  40  40  GLN GLN A . n 
A 1 41  GLU 41  41  41  GLU GLU A . n 
A 1 42  ARG 42  42  42  ARG ARG A . n 
A 1 43  PHE 43  43  43  PHE PHE A . n 
A 1 44  ALA 44  44  44  ALA ALA A . n 
A 1 45  LYS 45  45  45  LYS LYS A . n 
A 1 46  PHE 46  46  46  PHE PHE A . n 
A 1 47  LYS 47  47  47  LYS LYS A . n 
A 1 48  ASN 48  48  48  ASN ASN A . n 
A 1 49  LEU 49  49  49  LEU LEU A . n 
A 1 50  THR 50  50  50  THR THR A . n 
A 1 51  THR 51  51  51  THR THR A . n 
A 1 52  ILE 52  52  52  ILE ILE A . n 
A 1 53  ASP 53  53  53  ASP ASP A . n 
A 1 54  ALA 54  54  54  ALA ALA A . n 
A 1 55  LEU 55  55  55  LEU LEU A . n 
A 1 56  LYS 56  56  56  LYS LYS A . n 
A 1 57  SER 57  57  57  SER SER A . n 
A 1 58  SER 58  58  58  SER SER A . n 
A 1 59  GLU 59  59  59  GLU GLU A . n 
A 1 60  GLU 60  60  60  GLU GLU A . n 
A 1 61  VAL 61  61  61  VAL VAL A . n 
A 1 62  LYS 62  62  62  LYS LYS A . n 
A 1 63  LYS 63  63  63  LYS LYS A . n 
A 1 64  HIS 64  64  64  HIS HIS A . n 
A 1 65  GLY 65  65  65  GLY GLY A . n 
A 1 66  THR 66  66  66  THR THR A . n 
A 1 67  THR 67  67  67  THR THR A . n 
A 1 68  VAL 68  68  68  VAL VAL A . n 
A 1 69  LEU 69  69  69  LEU LEU A . n 
A 1 70  THR 70  70  70  THR THR A . n 
A 1 71  ALA 71  71  71  ALA ALA A . n 
A 1 72  LEU 72  72  72  LEU LEU A . n 
A 1 73  GLY 73  73  73  GLY GLY A . n 
A 1 74  ARG 74  74  74  ARG ARG A . n 
A 1 75  ILE 75  75  75  ILE ILE A . n 
A 1 76  LEU 76  76  76  LEU LEU A . n 
A 1 77  LYS 77  77  77  LYS LYS A . n 
A 1 78  GLN 78  78  78  GLN GLN A . n 
A 1 79  LYS 79  79  79  LYS LYS A . n 
A 1 80  ASN 80  80  80  ASN ASN A . n 
A 1 81  ASN 81  81  81  ASN ASN A . n 
A 1 82  HIS 82  82  82  HIS HIS A . n 
A 1 83  GLU 83  83  83  GLU GLU A . n 
A 1 84  GLN 84  84  84  GLN GLN A . n 
A 1 85  GLU 85  85  85  GLU GLU A . n 
A 1 86  LEU 86  86  86  LEU LEU A . n 
A 1 87  LYS 87  87  87  LYS LYS A . n 
A 1 88  PRO 88  88  88  PRO PRO A . n 
A 1 89  LEU 89  89  89  LEU LEU A . n 
A 1 90  ALA 90  90  90  ALA ALA A . n 
A 1 91  GLU 91  91  91  GLU GLU A . n 
A 1 92  SER 92  92  92  SER SER A . n 
A 1 93  HIS 93  93  93  HIS HIS A . n 
A 1 94  ALA 94  94  94  ALA ALA A . n 
A 1 95  THR 95  95  95  THR THR A . n 
A 1 96  LYS 96  96  96  LYS LYS A . n 
A 1 97  HIS 97  97  97  HIS HIS A . n 
A 1 98  LYS 98  98  98  LYS LYS A . n 
A 1 99  ILE 99  99  99  ILE ILE A . n 
A 1 100 PRO 100 100 100 PRO PRO A . n 
A 1 101 VAL 101 101 101 VAL VAL A . n 
A 1 102 LYS 102 102 102 LYS LYS A . n 
A 1 103 TYR 103 103 103 TYR TYR A . n 
A 1 104 LEU 104 104 104 LEU LEU A . n 
A 1 105 GLU 105 105 105 GLU GLU A . n 
A 1 106 PHE 106 106 106 PHE PHE A . n 
A 1 107 ILE 107 107 107 ILE ILE A . n 
A 1 108 CYS 108 108 108 CYS CYS A . n 
A 1 109 GLU 109 109 109 GLU GLU A . n 
A 1 110 ILE 110 110 110 ILE ILE A . n 
A 1 111 ILE 111 111 111 ILE ILE A . n 
A 1 112 VAL 112 112 112 VAL VAL A . n 
A 1 113 LYS 113 113 113 LYS LYS A . n 
A 1 114 VAL 114 114 114 VAL VAL A . n 
A 1 115 ILE 115 115 115 ILE ILE A . n 
A 1 116 ALA 116 116 116 ALA ALA A . n 
A 1 117 GLU 117 117 117 GLU GLU A . n 
A 1 118 LYS 118 118 118 LYS LYS A . n 
A 1 119 HIS 119 119 119 HIS HIS A . n 
A 1 120 PRO 120 120 120 PRO PRO A . n 
A 1 121 SER 121 121 121 SER SER A . n 
A 1 122 ASP 122 122 122 ASP ASP A . n 
A 1 123 PHE 123 123 123 PHE PHE A . n 
A 1 124 GLY 124 124 124 GLY GLY A . n 
A 1 125 ALA 125 125 125 ALA ALA A . n 
A 1 126 ASP 126 126 126 ASP ASP A . n 
A 1 127 SER 127 127 127 SER SER A . n 
A 1 128 GLN 128 128 128 GLN GLN A . n 
A 1 129 ALA 129 129 129 ALA ALA A . n 
A 1 130 ALA 130 130 130 ALA ALA A . n 
A 1 131 MET 131 131 131 MET MET A . n 
A 1 132 LYS 132 132 132 LYS LYS A . n 
A 1 133 LYS 133 133 133 LYS LYS A . n 
A 1 134 ALA 134 134 134 ALA ALA A . n 
A 1 135 LEU 135 135 135 LEU LEU A . n 
A 1 136 GLU 136 136 136 GLU GLU A . n 
A 1 137 LEU 137 137 137 LEU LEU A . n 
A 1 138 PHE 138 138 138 PHE PHE A . n 
A 1 139 ARG 139 139 139 ARG ARG A . n 
A 1 140 ASN 140 140 140 ASN ASN A . n 
A 1 141 ASP 141 141 141 ASP ASP A . n 
A 1 142 MET 142 142 142 MET MET A . n 
A 1 143 ALA 143 143 143 ALA ALA A . n 
A 1 144 SER 144 144 144 SER SER A . n 
A 1 145 LYS 145 145 145 LYS LYS A . n 
A 1 146 TYR 146 146 146 TYR TYR A . n 
A 1 147 LYS 147 147 147 LYS LYS A . n 
A 1 148 GLU 148 148 148 GLU GLU A . n 
A 1 149 PHE 149 149 149 PHE PHE A . n 
A 1 150 GLY 150 150 150 GLY GLY A . n 
A 1 151 PHE 151 151 151 PHE PHE A . n 
A 1 152 GLN 152 152 152 GLN GLN A . n 
A 1 153 GLY 153 153 153 GLY GLY A . n 
# 
loop_
_pdbx_nonpoly_scheme.asym_id 
_pdbx_nonpoly_scheme.entity_id 
_pdbx_nonpoly_scheme.mon_id 
_pdbx_nonpoly_scheme.ndb_seq_num 
_pdbx_nonpoly_scheme.pdb_seq_num 
_pdbx_nonpoly_scheme.auth_seq_num 
_pdbx_nonpoly_scheme.pdb_mon_id 
_pdbx_nonpoly_scheme.auth_mon_id 
_pdbx_nonpoly_scheme.pdb_strand_id 
_pdbx_nonpoly_scheme.pdb_ins_code 
B 2 CYN 1  158 158 CYN CYN A . 
C 3 HEM 1  155 155 HEM HEM A . 
D 4 HOH 1  201 201 HOH HOH A . 
D 4 HOH 2  202 202 HOH HOH A . 
D 4 HOH 3  203 203 HOH HOH A . 
D 4 HOH 4  204 204 HOH HOH A . 
D 4 HOH 5  205 205 HOH HOH A . 
D 4 HOH 6  206 206 HOH HOH A . 
D 4 HOH 7  207 207 HOH HOH A . 
D 4 HOH 8  208 208 HOH HOH A . 
D 4 HOH 9  209 209 HOH HOH A . 
D 4 HOH 10 210 210 HOH HOH A . 
D 4 HOH 11 211 211 HOH HOH A . 
D 4 HOH 12 212 212 HOH HOH A . 
D 4 HOH 13 213 213 HOH HOH A . 
D 4 HOH 14 214 214 HOH HOH A . 
D 4 HOH 15 215 215 HOH HOH A . 
D 4 HOH 16 216 216 HOH HOH A . 
D 4 HOH 17 217 217 HOH HOH A . 
D 4 HOH 18 218 218 HOH HOH A . 
D 4 HOH 19 219 219 HOH HOH A . 
D 4 HOH 20 220 220 HOH HOH A . 
D 4 HOH 21 221 221 HOH HOH A . 
D 4 HOH 22 222 222 HOH HOH A . 
D 4 HOH 23 223 223 HOH HOH A . 
D 4 HOH 24 224 224 HOH HOH A . 
D 4 HOH 25 225 225 HOH HOH A . 
D 4 HOH 26 226 226 HOH HOH A . 
D 4 HOH 27 227 227 HOH HOH A . 
D 4 HOH 28 228 228 HOH HOH A . 
D 4 HOH 29 229 229 HOH HOH A . 
D 4 HOH 30 230 230 HOH HOH A . 
D 4 HOH 31 231 231 HOH HOH A . 
D 4 HOH 32 232 232 HOH HOH A . 
D 4 HOH 33 233 233 HOH HOH A . 
D 4 HOH 34 234 234 HOH HOH A . 
D 4 HOH 35 235 235 HOH HOH A . 
D 4 HOH 36 236 236 HOH HOH A . 
D 4 HOH 37 237 237 HOH HOH A . 
D 4 HOH 38 238 238 HOH HOH A . 
D 4 HOH 39 239 239 HOH HOH A . 
D 4 HOH 40 240 240 HOH HOH A . 
D 4 HOH 41 241 241 HOH HOH A . 
D 4 HOH 42 242 242 HOH HOH A . 
D 4 HOH 43 243 243 HOH HOH A . 
D 4 HOH 44 244 244 HOH HOH A . 
D 4 HOH 45 245 245 HOH HOH A . 
D 4 HOH 46 246 246 HOH HOH A . 
D 4 HOH 47 247 247 HOH HOH A . 
D 4 HOH 48 248 248 HOH HOH A . 
D 4 HOH 49 249 249 HOH HOH A . 
D 4 HOH 50 250 250 HOH HOH A . 
D 4 HOH 51 251 251 HOH HOH A . 
D 4 HOH 52 252 252 HOH HOH A . 
D 4 HOH 53 253 253 HOH HOH A . 
D 4 HOH 54 254 254 HOH HOH A . 
D 4 HOH 55 255 255 HOH HOH A . 
D 4 HOH 56 256 256 HOH HOH A . 
D 4 HOH 57 257 257 HOH HOH A . 
D 4 HOH 58 258 258 HOH HOH A . 
D 4 HOH 59 259 259 HOH HOH A . 
D 4 HOH 60 260 260 HOH HOH A . 
D 4 HOH 61 261 261 HOH HOH A . 
D 4 HOH 62 262 262 HOH HOH A . 
D 4 HOH 63 263 263 HOH HOH A . 
D 4 HOH 64 264 264 HOH HOH A . 
D 4 HOH 65 265 265 HOH HOH A . 
D 4 HOH 66 266 266 HOH HOH A . 
D 4 HOH 67 267 267 HOH HOH A . 
D 4 HOH 68 268 268 HOH HOH A . 
# 
loop_
_pdbx_unobs_or_zero_occ_atoms.id 
_pdbx_unobs_or_zero_occ_atoms.PDB_model_num 
_pdbx_unobs_or_zero_occ_atoms.polymer_flag 
_pdbx_unobs_or_zero_occ_atoms.occupancy_flag 
_pdbx_unobs_or_zero_occ_atoms.auth_asym_id 
_pdbx_unobs_or_zero_occ_atoms.auth_comp_id 
_pdbx_unobs_or_zero_occ_atoms.auth_seq_id 
_pdbx_unobs_or_zero_occ_atoms.PDB_ins_code 
_pdbx_unobs_or_zero_occ_atoms.auth_atom_id 
_pdbx_unobs_or_zero_occ_atoms.label_alt_id 
_pdbx_unobs_or_zero_occ_atoms.label_asym_id 
_pdbx_unobs_or_zero_occ_atoms.label_comp_id 
_pdbx_unobs_or_zero_occ_atoms.label_seq_id 
_pdbx_unobs_or_zero_occ_atoms.label_atom_id 
1  1 Y 1 A ASP 5   ? OD1 ? A ASP 5   OD1 
2  1 Y 1 A ASP 5   ? OD2 ? A ASP 5   OD2 
3  1 Y 1 A ILE 13  ? CD1 ? A ILE 13  CD1 
4  1 Y 1 A LEU 35  ? CD1 ? A LEU 35  CD1 
5  1 Y 1 A LYS 45  ? CG  ? A LYS 45  CG  
6  1 Y 1 A LYS 45  ? CD  ? A LYS 45  CD  
7  1 Y 1 A LYS 45  ? CE  ? A LYS 45  CE  
8  1 Y 1 A LYS 45  ? NZ  ? A LYS 45  NZ  
9  1 Y 1 A LYS 47  ? CB  ? A LYS 47  CB  
10 1 Y 1 A LYS 47  ? CG  ? A LYS 47  CG  
11 1 Y 1 A LYS 47  ? CD  ? A LYS 47  CD  
12 1 Y 1 A LYS 47  ? CE  ? A LYS 47  CE  
13 1 Y 1 A LYS 47  ? NZ  ? A LYS 47  NZ  
14 1 Y 1 A ASN 48  ? CB  ? A ASN 48  CB  
15 1 Y 1 A ASN 48  ? CG  ? A ASN 48  CG  
16 1 Y 1 A ASN 48  ? OD1 ? A ASN 48  OD1 
17 1 Y 1 A ASN 48  ? ND2 ? A ASN 48  ND2 
18 1 Y 1 A THR 51  ? OG1 ? A THR 51  OG1 
19 1 Y 1 A THR 51  ? CG2 ? A THR 51  CG2 
20 1 Y 1 A ILE 52  ? CG1 ? A ILE 52  CG1 
21 1 Y 1 A ILE 52  ? CD1 ? A ILE 52  CD1 
22 1 Y 1 A ASP 53  ? CG  ? A ASP 53  CG  
23 1 Y 1 A ASP 53  ? OD1 ? A ASP 53  OD1 
24 1 Y 1 A ASP 53  ? OD2 ? A ASP 53  OD2 
25 1 Y 1 A LYS 56  ? CB  ? A LYS 56  CB  
26 1 Y 1 A LYS 56  ? CG  ? A LYS 56  CG  
27 1 Y 1 A LYS 56  ? CD  ? A LYS 56  CD  
28 1 Y 1 A LYS 56  ? CE  ? A LYS 56  CE  
29 1 Y 1 A LYS 56  ? NZ  ? A LYS 56  NZ  
30 1 Y 1 A GLU 59  ? CG  ? A GLU 59  CG  
31 1 Y 1 A GLU 59  ? CD  ? A GLU 59  CD  
32 1 Y 1 A GLU 59  ? OE1 ? A GLU 59  OE1 
33 1 Y 1 A GLU 59  ? OE2 ? A GLU 59  OE2 
34 1 Y 1 A LYS 63  ? CD  ? A LYS 63  CD  
35 1 Y 1 A LYS 63  ? CE  ? A LYS 63  CE  
36 1 Y 1 A LYS 63  ? NZ  ? A LYS 63  NZ  
37 1 Y 1 A ARG 74  ? NH1 ? A ARG 74  NH1 
38 1 Y 1 A GLN 78  ? NE2 ? A GLN 78  NE2 
39 1 Y 1 A GLU 83  ? CG  ? A GLU 83  CG  
40 1 Y 1 A GLU 83  ? CD  ? A GLU 83  CD  
41 1 Y 1 A GLU 83  ? OE1 ? A GLU 83  OE1 
42 1 Y 1 A GLU 83  ? OE2 ? A GLU 83  OE2 
43 1 Y 1 A GLN 84  ? CG  ? A GLN 84  CG  
44 1 Y 1 A GLN 84  ? CD  ? A GLN 84  CD  
45 1 Y 1 A GLN 84  ? OE1 ? A GLN 84  OE1 
46 1 Y 1 A GLN 84  ? NE2 ? A GLN 84  NE2 
47 1 Y 1 A LYS 87  ? CG  ? A LYS 87  CG  
48 1 Y 1 A LYS 87  ? CD  ? A LYS 87  CD  
49 1 Y 1 A LYS 87  ? CE  ? A LYS 87  CE  
50 1 Y 1 A LYS 87  ? NZ  ? A LYS 87  NZ  
51 1 Y 1 A LYS 96  ? CD  ? A LYS 96  CD  
52 1 Y 1 A LYS 96  ? CE  ? A LYS 96  CE  
53 1 Y 1 A LYS 96  ? NZ  ? A LYS 96  NZ  
54 1 Y 1 A LYS 98  ? CD  ? A LYS 98  CD  
55 1 Y 1 A LYS 98  ? CE  ? A LYS 98  CE  
56 1 Y 1 A LYS 98  ? NZ  ? A LYS 98  NZ  
57 1 Y 1 A LYS 102 ? CD  ? A LYS 102 CD  
58 1 Y 1 A LYS 102 ? CE  ? A LYS 102 CE  
59 1 Y 1 A LYS 102 ? NZ  ? A LYS 102 NZ  
60 1 Y 1 A GLU 109 ? CD  ? A GLU 109 CD  
61 1 Y 1 A GLU 109 ? OE1 ? A GLU 109 OE1 
62 1 Y 1 A GLU 109 ? OE2 ? A GLU 109 OE2 
63 1 Y 1 A LYS 113 ? CG  ? A LYS 113 CG  
64 1 Y 1 A LYS 113 ? CD  ? A LYS 113 CD  
65 1 Y 1 A LYS 113 ? CE  ? A LYS 113 CE  
66 1 Y 1 A LYS 113 ? NZ  ? A LYS 113 NZ  
67 1 Y 1 A LYS 132 ? NZ  ? A LYS 132 NZ  
68 1 Y 1 A LYS 133 ? NZ  ? A LYS 133 NZ  
69 1 Y 1 A LYS 145 ? CD  ? A LYS 145 CD  
70 1 Y 1 A LYS 145 ? CE  ? A LYS 145 CE  
71 1 Y 1 A LYS 145 ? NZ  ? A LYS 145 NZ  
72 1 Y 1 A LYS 147 ? CG  ? A LYS 147 CG  
73 1 Y 1 A LYS 147 ? CD  ? A LYS 147 CD  
74 1 Y 1 A LYS 147 ? CE  ? A LYS 147 CE  
75 1 Y 1 A LYS 147 ? NZ  ? A LYS 147 NZ  
76 1 Y 1 A GLN 152 ? CB  ? A GLN 152 CB  
77 1 Y 1 A GLN 152 ? CG  ? A GLN 152 CG  
78 1 Y 1 A GLN 152 ? CD  ? A GLN 152 CD  
79 1 Y 1 A GLN 152 ? OE1 ? A GLN 152 OE1 
80 1 Y 1 A GLN 152 ? NE2 ? A GLN 152 NE2 
# 
loop_
_software.name 
_software.classification 
_software.version 
_software.citation_id 
_software.pdbx_ordinal 
X-PLOR 'model building' 3.1 ? 1 
TNT    refinement       .   ? 2 
X-PLOR refinement       3.1 ? 3 
MOSFLM 'data reduction' .   ? 4 
X-PLOR phasing          3.1 ? 5 
# 
_cell.entry_id           1LHT 
_cell.length_a           37.570 
_cell.length_b           61.270 
_cell.length_c           75.290 
_cell.angle_alpha        90.00 
_cell.angle_beta         90.00 
_cell.angle_gamma        90.00 
_cell.Z_PDB              4 
_cell.pdbx_unique_axis   ? 
_cell.length_a_esd       ? 
_cell.length_b_esd       ? 
_cell.length_c_esd       ? 
_cell.angle_alpha_esd    ? 
_cell.angle_beta_esd     ? 
_cell.angle_gamma_esd    ? 
# 
_symmetry.entry_id                         1LHT 
_symmetry.space_group_name_H-M             'P 21 21 21' 
_symmetry.pdbx_full_space_group_name_H-M   ? 
_symmetry.cell_setting                     ? 
_symmetry.Int_Tables_number                19 
_symmetry.space_group_name_Hall            ? 
# 
_exptl.entry_id          1LHT 
_exptl.method            'X-RAY DIFFRACTION' 
_exptl.crystals_number   1 
# 
_exptl_crystal.id                    1 
_exptl_crystal.density_meas          ? 
_exptl_crystal.density_Matthews      2.49 
_exptl_crystal.density_percent_sol   50.53 
_exptl_crystal.description           ? 
_exptl_crystal.F_000                 ? 
_exptl_crystal.preparation           ? 
# 
_diffrn.id                     1 
_diffrn.ambient_temp           ? 
_diffrn.ambient_temp_details   ? 
_diffrn.crystal_id             1 
# 
_diffrn_detector.diffrn_id              1 
_diffrn_detector.detector               'IMAGE PLATE' 
_diffrn_detector.type                   'RIGAKU RAXIS' 
_diffrn_detector.pdbx_collection_date   1994-10-01 
_diffrn_detector.details                ? 
# 
_diffrn_radiation.diffrn_id                        1 
_diffrn_radiation.wavelength_id                    1 
_diffrn_radiation.pdbx_monochromatic_or_laue_m_l   ? 
_diffrn_radiation.monochromator                    ? 
_diffrn_radiation.pdbx_diffrn_protocol             ? 
_diffrn_radiation.pdbx_scattering_type             x-ray 
# 
_diffrn_radiation_wavelength.id           1 
_diffrn_radiation_wavelength.wavelength   1.5418 
_diffrn_radiation_wavelength.wt           1.0 
# 
_diffrn_source.diffrn_id                   1 
_diffrn_source.source                      ? 
_diffrn_source.type                        ? 
_diffrn_source.pdbx_synchrotron_site       ? 
_diffrn_source.pdbx_synchrotron_beamline   ? 
_diffrn_source.pdbx_wavelength             ? 
_diffrn_source.pdbx_wavelength_list        1.5418 
# 
_reflns.entry_id                     1LHT 
_reflns.observed_criterion_sigma_I   3. 
_reflns.observed_criterion_sigma_F   ? 
_reflns.d_resolution_low             ? 
_reflns.d_resolution_high            ? 
_reflns.number_obs                   9759 
_reflns.number_all                   ? 
_reflns.percent_possible_obs         81.0 
_reflns.pdbx_Rmerge_I_obs            ? 
_reflns.pdbx_Rsym_value              ? 
_reflns.pdbx_netI_over_sigmaI        ? 
_reflns.B_iso_Wilson_estimate        ? 
_reflns.pdbx_redundancy              4.5 
_reflns.pdbx_ordinal                 1 
_reflns.pdbx_diffrn_id               1 
_reflns.R_free_details               ? 
_reflns.limit_h_max                  ? 
_reflns.limit_h_min                  ? 
_reflns.limit_k_max                  ? 
_reflns.limit_k_min                  ? 
_reflns.limit_l_max                  ? 
_reflns.limit_l_min                  ? 
_reflns.observed_criterion_F_max     ? 
_reflns.observed_criterion_F_min     ? 
_reflns.pdbx_chi_squared             ? 
_reflns.pdbx_scaling_rejects         ? 
# 
_refine.entry_id                                 1LHT 
_refine.ls_number_reflns_obs                     9759 
_refine.ls_number_reflns_all                     ? 
_refine.pdbx_ls_sigma_I                          ? 
_refine.pdbx_ls_sigma_F                          3. 
_refine.pdbx_data_cutoff_high_absF               ? 
_refine.pdbx_data_cutoff_low_absF                ? 
_refine.pdbx_data_cutoff_high_rms_absF           ? 
_refine.ls_d_res_low                             15. 
_refine.ls_d_res_high                            2.0 
_refine.ls_percent_reflns_obs                    ? 
_refine.ls_R_factor_obs                          0.1780000 
_refine.ls_R_factor_all                          ? 
_refine.ls_R_factor_R_work                       ? 
_refine.ls_R_factor_R_free                       ? 
_refine.ls_R_factor_R_free_error                 ? 
_refine.ls_R_factor_R_free_error_details         ? 
_refine.ls_percent_reflns_R_free                 ? 
_refine.ls_number_reflns_R_free                  ? 
_refine.ls_number_parameters                     ? 
_refine.ls_number_restraints                     ? 
_refine.occupancy_min                            ? 
_refine.occupancy_max                            ? 
_refine.B_iso_mean                               ? 
_refine.aniso_B[1][1]                            ? 
_refine.aniso_B[2][2]                            ? 
_refine.aniso_B[3][3]                            ? 
_refine.aniso_B[1][2]                            ? 
_refine.aniso_B[1][3]                            ? 
_refine.aniso_B[2][3]                            ? 
_refine.solvent_model_details                    ? 
_refine.solvent_model_param_ksol                 ? 
_refine.solvent_model_param_bsol                 ? 
_refine.pdbx_ls_cross_valid_method               ? 
_refine.details                                  ? 
_refine.pdbx_starting_model                      ? 
_refine.pdbx_method_to_determine_struct          ? 
_refine.pdbx_isotropic_thermal_model             ? 
_refine.pdbx_stereochemistry_target_values       ? 
_refine.pdbx_stereochem_target_val_spec_case     ? 
_refine.pdbx_R_Free_selection_details            ? 
_refine.pdbx_overall_ESU_R                       ? 
_refine.pdbx_overall_ESU_R_Free                  ? 
_refine.overall_SU_ML                            ? 
_refine.overall_SU_B                             ? 
_refine.pdbx_refine_id                           'X-RAY DIFFRACTION' 
_refine.pdbx_diffrn_id                           1 
_refine.ls_redundancy_reflns_obs                 ? 
_refine.pdbx_overall_phase_error                 ? 
_refine.B_iso_min                                ? 
_refine.B_iso_max                                ? 
_refine.correlation_coeff_Fo_to_Fc               ? 
_refine.correlation_coeff_Fo_to_Fc_free          ? 
_refine.pdbx_solvent_vdw_probe_radii             ? 
_refine.pdbx_solvent_ion_probe_radii             ? 
_refine.pdbx_solvent_shrinkage_radii             ? 
_refine.overall_SU_R_Cruickshank_DPI             ? 
_refine.overall_SU_R_free                        ? 
_refine.ls_wR_factor_R_free                      ? 
_refine.ls_wR_factor_R_work                      ? 
_refine.overall_FOM_free_R_set                   ? 
_refine.overall_FOM_work_R_set                   ? 
_refine.pdbx_TLS_residual_ADP_flag               ? 
_refine.pdbx_overall_SU_R_free_Cruickshank_DPI   ? 
_refine.pdbx_overall_SU_R_Blow_DPI               ? 
_refine.pdbx_overall_SU_R_free_Blow_DPI          ? 
# 
_refine_hist.pdbx_refine_id                   'X-RAY DIFFRACTION' 
_refine_hist.cycle_id                         LAST 
_refine_hist.pdbx_number_atoms_protein        1148 
_refine_hist.pdbx_number_atoms_nucleic_acid   0 
_refine_hist.pdbx_number_atoms_ligand         45 
_refine_hist.number_atoms_solvent             68 
_refine_hist.number_atoms_total               1261 
_refine_hist.d_res_high                       2.0 
_refine_hist.d_res_low                        15. 
# 
_struct.entry_id                  1LHT 
_struct.title                     'LOGGERHEAD SEA TURTLE MYOGLOBIN (CYANO-MET)' 
_struct.pdbx_model_details        ? 
_struct.pdbx_CASP_flag            ? 
_struct.pdbx_model_type_details   ? 
# 
_struct_keywords.entry_id        1LHT 
_struct_keywords.pdbx_keywords   'OXYGEN STORAGE' 
_struct_keywords.text            'OXYGEN STORAGE' 
# 
loop_
_struct_asym.id 
_struct_asym.pdbx_blank_PDB_chainid_flag 
_struct_asym.pdbx_modified 
_struct_asym.entity_id 
_struct_asym.details 
A N N 1 ? 
B N N 2 ? 
C N N 3 ? 
D N N 4 ? 
# 
_struct_ref.id                         1 
_struct_ref.db_name                    UNP 
_struct_ref.db_code                    MYG_CARCR 
_struct_ref.entity_id                  1 
_struct_ref.pdbx_db_accession          P56208 
_struct_ref.pdbx_align_begin           1 
_struct_ref.pdbx_seq_one_letter_code   
;GLSDDEWNHVLGIWAKVEPDLSAHGQEVIIRLFQLHPETQERFAKFKNLTTIDALKSSEEVKKHGTTVLTALGRILKQKN
NHEQELKPLAESHATKHKIPVKYLEFICEIIVKVIAEKHPSDFGADSQAAMKKALELFRNDMASKYKEFGFQG
;
_struct_ref.pdbx_db_isoform            ? 
# 
_struct_ref_seq.align_id                      1 
_struct_ref_seq.ref_id                        1 
_struct_ref_seq.pdbx_PDB_id_code              1LHT 
_struct_ref_seq.pdbx_strand_id                A 
_struct_ref_seq.seq_align_beg                 1 
_struct_ref_seq.pdbx_seq_align_beg_ins_code   ? 
_struct_ref_seq.seq_align_end                 153 
_struct_ref_seq.pdbx_seq_align_end_ins_code   ? 
_struct_ref_seq.pdbx_db_accession             P56208 
_struct_ref_seq.db_align_beg                  1 
_struct_ref_seq.pdbx_db_align_beg_ins_code    ? 
_struct_ref_seq.db_align_end                  153 
_struct_ref_seq.pdbx_db_align_end_ins_code    ? 
_struct_ref_seq.pdbx_auth_seq_align_beg       1 
_struct_ref_seq.pdbx_auth_seq_align_end       153 
# 
_pdbx_struct_assembly.id                   1 
_pdbx_struct_assembly.details              author_defined_assembly 
_pdbx_struct_assembly.method_details       ? 
_pdbx_struct_assembly.oligomeric_details   monomeric 
_pdbx_struct_assembly.oligomeric_count     1 
# 
_pdbx_struct_assembly_gen.assembly_id       1 
_pdbx_struct_assembly_gen.oper_expression   1 
_pdbx_struct_assembly_gen.asym_id_list      A,B,C,D 
# 
_pdbx_struct_oper_list.id                   1 
_pdbx_struct_oper_list.type                 'identity operation' 
_pdbx_struct_oper_list.name                 1_555 
_pdbx_struct_oper_list.symmetry_operation   x,y,z 
_pdbx_struct_oper_list.matrix[1][1]         1.0000000000 
_pdbx_struct_oper_list.matrix[1][2]         0.0000000000 
_pdbx_struct_oper_list.matrix[1][3]         0.0000000000 
_pdbx_struct_oper_list.vector[1]            0.0000000000 
_pdbx_struct_oper_list.matrix[2][1]         0.0000000000 
_pdbx_struct_oper_list.matrix[2][2]         1.0000000000 
_pdbx_struct_oper_list.matrix[2][3]         0.0000000000 
_pdbx_struct_oper_list.vector[2]            0.0000000000 
_pdbx_struct_oper_list.matrix[3][1]         0.0000000000 
_pdbx_struct_oper_list.matrix[3][2]         0.0000000000 
_pdbx_struct_oper_list.matrix[3][3]         1.0000000000 
_pdbx_struct_oper_list.vector[3]            0.0000000000 
# 
_struct_biol.id        1 
_struct_biol.details   ? 
# 
loop_
_struct_conf.conf_type_id 
_struct_conf.id 
_struct_conf.pdbx_PDB_helix_id 
_struct_conf.beg_label_comp_id 
_struct_conf.beg_label_asym_id 
_struct_conf.beg_label_seq_id 
_struct_conf.pdbx_beg_PDB_ins_code 
_struct_conf.end_label_comp_id 
_struct_conf.end_label_asym_id 
_struct_conf.end_label_seq_id 
_struct_conf.pdbx_end_PDB_ins_code 
_struct_conf.beg_auth_comp_id 
_struct_conf.beg_auth_asym_id 
_struct_conf.beg_auth_seq_id 
_struct_conf.end_auth_comp_id 
_struct_conf.end_auth_asym_id 
_struct_conf.end_auth_seq_id 
_struct_conf.pdbx_PDB_helix_class 
_struct_conf.details 
_struct_conf.pdbx_PDB_helix_length 
HELX_P HELX_P1 1 ASP A 4   ? LEU A 35  ? ASP A 4   LEU A 35  1 ? 32 
HELX_P HELX_P2 2 PRO A 37  ? ARG A 42  ? PRO A 37  ARG A 42  5 ? 6  
HELX_P HELX_P3 3 ALA A 44  ? PHE A 46  ? ALA A 44  PHE A 46  5 ? 3  
HELX_P HELX_P4 4 ILE A 52  ? SER A 57  ? ILE A 52  SER A 57  1 ? 6  
HELX_P HELX_P5 5 GLU A 59  ? GLN A 78  ? GLU A 59  GLN A 78  1 ? 20 
HELX_P HELX_P6 6 GLU A 83  ? THR A 95  ? GLU A 83  THR A 95  1 ? 13 
HELX_P HELX_P7 7 VAL A 101 ? LYS A 118 ? VAL A 101 LYS A 118 1 ? 18 
HELX_P HELX_P8 8 ALA A 125 ? PHE A 149 ? ALA A 125 PHE A 149 1 ? 25 
# 
_struct_conf_type.id          HELX_P 
_struct_conf_type.criteria    ? 
_struct_conf_type.reference   ? 
# 
loop_
_struct_conn.id 
_struct_conn.conn_type_id 
_struct_conn.pdbx_leaving_atom_flag 
_struct_conn.pdbx_PDB_id 
_struct_conn.ptnr1_label_asym_id 
_struct_conn.ptnr1_label_comp_id 
_struct_conn.ptnr1_label_seq_id 
_struct_conn.ptnr1_label_atom_id 
_struct_conn.pdbx_ptnr1_label_alt_id 
_struct_conn.pdbx_ptnr1_PDB_ins_code 
_struct_conn.pdbx_ptnr1_standard_comp_id 
_struct_conn.ptnr1_symmetry 
_struct_conn.ptnr2_label_asym_id 
_struct_conn.ptnr2_label_comp_id 
_struct_conn.ptnr2_label_seq_id 
_struct_conn.ptnr2_label_atom_id 
_struct_conn.pdbx_ptnr2_label_alt_id 
_struct_conn.pdbx_ptnr2_PDB_ins_code 
_struct_conn.ptnr1_auth_asym_id 
_struct_conn.ptnr1_auth_comp_id 
_struct_conn.ptnr1_auth_seq_id 
_struct_conn.ptnr2_auth_asym_id 
_struct_conn.ptnr2_auth_comp_id 
_struct_conn.ptnr2_auth_seq_id 
_struct_conn.ptnr2_symmetry 
_struct_conn.pdbx_ptnr3_label_atom_id 
_struct_conn.pdbx_ptnr3_label_seq_id 
_struct_conn.pdbx_ptnr3_label_comp_id 
_struct_conn.pdbx_ptnr3_label_asym_id 
_struct_conn.pdbx_ptnr3_label_alt_id 
_struct_conn.pdbx_ptnr3_PDB_ins_code 
_struct_conn.details 
_struct_conn.pdbx_dist_value 
_struct_conn.pdbx_value_order 
_struct_conn.pdbx_role 
metalc1 metalc ? ? A HIS 93 NE2 ? ? ? 1_555 C HEM . FE ? ? A HIS 93  A HEM 155 1_555 ? ? ? ? ? ? ? 2.155 ? ? 
metalc2 metalc ? ? C HEM .  FE  ? ? ? 1_555 B CYN . C  ? ? A HEM 155 A CYN 158 1_555 ? ? ? ? ? ? ? 2.356 ? ? 
metalc3 metalc ? ? C HEM .  FE  ? ? ? 1_555 B CYN . N  ? ? A HEM 155 A CYN 158 1_555 ? ? ? ? ? ? ? 2.825 ? ? 
# 
_struct_conn_type.id          metalc 
_struct_conn_type.criteria    ? 
_struct_conn_type.reference   ? 
# 
loop_
_pdbx_struct_conn_angle.id 
_pdbx_struct_conn_angle.ptnr1_label_atom_id 
_pdbx_struct_conn_angle.ptnr1_label_alt_id 
_pdbx_struct_conn_angle.ptnr1_label_asym_id 
_pdbx_struct_conn_angle.ptnr1_label_comp_id 
_pdbx_struct_conn_angle.ptnr1_label_seq_id 
_pdbx_struct_conn_angle.ptnr1_auth_atom_id 
_pdbx_struct_conn_angle.ptnr1_auth_asym_id 
_pdbx_struct_conn_angle.ptnr1_auth_comp_id 
_pdbx_struct_conn_angle.ptnr1_auth_seq_id 
_pdbx_struct_conn_angle.ptnr1_PDB_ins_code 
_pdbx_struct_conn_angle.ptnr1_symmetry 
_pdbx_struct_conn_angle.ptnr2_label_atom_id 
_pdbx_struct_conn_angle.ptnr2_label_alt_id 
_pdbx_struct_conn_angle.ptnr2_label_asym_id 
_pdbx_struct_conn_angle.ptnr2_label_comp_id 
_pdbx_struct_conn_angle.ptnr2_label_seq_id 
_pdbx_struct_conn_angle.ptnr2_auth_atom_id 
_pdbx_struct_conn_angle.ptnr2_auth_asym_id 
_pdbx_struct_conn_angle.ptnr2_auth_comp_id 
_pdbx_struct_conn_angle.ptnr2_auth_seq_id 
_pdbx_struct_conn_angle.ptnr2_PDB_ins_code 
_pdbx_struct_conn_angle.ptnr2_symmetry 
_pdbx_struct_conn_angle.ptnr3_label_atom_id 
_pdbx_struct_conn_angle.ptnr3_label_alt_id 
_pdbx_struct_conn_angle.ptnr3_label_asym_id 
_pdbx_struct_conn_angle.ptnr3_label_comp_id 
_pdbx_struct_conn_angle.ptnr3_label_seq_id 
_pdbx_struct_conn_angle.ptnr3_auth_atom_id 
_pdbx_struct_conn_angle.ptnr3_auth_asym_id 
_pdbx_struct_conn_angle.ptnr3_auth_comp_id 
_pdbx_struct_conn_angle.ptnr3_auth_seq_id 
_pdbx_struct_conn_angle.ptnr3_PDB_ins_code 
_pdbx_struct_conn_angle.ptnr3_symmetry 
_pdbx_struct_conn_angle.value 
_pdbx_struct_conn_angle.value_esd 
1  NE2 ? A HIS 93 ? A HIS 93  ? 1_555 FE ? C HEM . ? A HEM 155 ? 1_555 NA ? C HEM . ? A HEM 155 ? 1_555 89.6  ? 
2  NE2 ? A HIS 93 ? A HIS 93  ? 1_555 FE ? C HEM . ? A HEM 155 ? 1_555 NB ? C HEM . ? A HEM 155 ? 1_555 90.8  ? 
3  NA  ? C HEM .  ? A HEM 155 ? 1_555 FE ? C HEM . ? A HEM 155 ? 1_555 NB ? C HEM . ? A HEM 155 ? 1_555 89.8  ? 
4  NE2 ? A HIS 93 ? A HIS 93  ? 1_555 FE ? C HEM . ? A HEM 155 ? 1_555 NC ? C HEM . ? A HEM 155 ? 1_555 91.9  ? 
5  NA  ? C HEM .  ? A HEM 155 ? 1_555 FE ? C HEM . ? A HEM 155 ? 1_555 NC ? C HEM . ? A HEM 155 ? 1_555 178.0 ? 
6  NB  ? C HEM .  ? A HEM 155 ? 1_555 FE ? C HEM . ? A HEM 155 ? 1_555 NC ? C HEM . ? A HEM 155 ? 1_555 88.8  ? 
7  NE2 ? A HIS 93 ? A HIS 93  ? 1_555 FE ? C HEM . ? A HEM 155 ? 1_555 ND ? C HEM . ? A HEM 155 ? 1_555 86.3  ? 
8  NA  ? C HEM .  ? A HEM 155 ? 1_555 FE ? C HEM . ? A HEM 155 ? 1_555 ND ? C HEM . ? A HEM 155 ? 1_555 88.3  ? 
9  NB  ? C HEM .  ? A HEM 155 ? 1_555 FE ? C HEM . ? A HEM 155 ? 1_555 ND ? C HEM . ? A HEM 155 ? 1_555 176.5 ? 
10 NC  ? C HEM .  ? A HEM 155 ? 1_555 FE ? C HEM . ? A HEM 155 ? 1_555 ND ? C HEM . ? A HEM 155 ? 1_555 93.2  ? 
11 NE2 ? A HIS 93 ? A HIS 93  ? 1_555 FE ? C HEM . ? A HEM 155 ? 1_555 C  ? B CYN . ? A CYN 158 ? 1_555 175.5 ? 
12 NA  ? C HEM .  ? A HEM 155 ? 1_555 FE ? C HEM . ? A HEM 155 ? 1_555 C  ? B CYN . ? A CYN 158 ? 1_555 86.0  ? 
13 NB  ? C HEM .  ? A HEM 155 ? 1_555 FE ? C HEM . ? A HEM 155 ? 1_555 C  ? B CYN . ? A CYN 158 ? 1_555 88.9  ? 
14 NC  ? C HEM .  ? A HEM 155 ? 1_555 FE ? C HEM . ? A HEM 155 ? 1_555 C  ? B CYN . ? A CYN 158 ? 1_555 92.6  ? 
15 ND  ? C HEM .  ? A HEM 155 ? 1_555 FE ? C HEM . ? A HEM 155 ? 1_555 C  ? B CYN . ? A CYN 158 ? 1_555 93.9  ? 
16 NE2 ? A HIS 93 ? A HIS 93  ? 1_555 FE ? C HEM . ? A HEM 155 ? 1_555 N  ? B CYN . ? A CYN 158 ? 1_555 160.9 ? 
17 NA  ? C HEM .  ? A HEM 155 ? 1_555 FE ? C HEM . ? A HEM 155 ? 1_555 N  ? B CYN . ? A CYN 158 ? 1_555 108.1 ? 
18 NB  ? C HEM .  ? A HEM 155 ? 1_555 FE ? C HEM . ? A HEM 155 ? 1_555 N  ? B CYN . ? A CYN 158 ? 1_555 96.4  ? 
19 NC  ? C HEM .  ? A HEM 155 ? 1_555 FE ? C HEM . ? A HEM 155 ? 1_555 N  ? B CYN . ? A CYN 158 ? 1_555 70.7  ? 
20 ND  ? C HEM .  ? A HEM 155 ? 1_555 FE ? C HEM . ? A HEM 155 ? 1_555 N  ? B CYN . ? A CYN 158 ? 1_555 86.9  ? 
21 C   ? B CYN .  ? A CYN 158 ? 1_555 FE ? C HEM . ? A HEM 155 ? 1_555 N  ? B CYN . ? A CYN 158 ? 1_555 23.4  ? 
# 
_struct_site.id                   AC1 
_struct_site.pdbx_evidence_code   Software 
_struct_site.pdbx_auth_asym_id    A 
_struct_site.pdbx_auth_comp_id    HEM 
_struct_site.pdbx_auth_seq_id     155 
_struct_site.pdbx_auth_ins_code   ? 
_struct_site.pdbx_num_residues    11 
_struct_site.details              'BINDING SITE FOR RESIDUE HEM A 155' 
# 
loop_
_struct_site_gen.id 
_struct_site_gen.site_id 
_struct_site_gen.pdbx_num_res 
_struct_site_gen.label_comp_id 
_struct_site_gen.label_asym_id 
_struct_site_gen.label_seq_id 
_struct_site_gen.pdbx_auth_ins_code 
_struct_site_gen.auth_comp_id 
_struct_site_gen.auth_asym_id 
_struct_site_gen.auth_seq_id 
_struct_site_gen.label_atom_id 
_struct_site_gen.label_alt_id 
_struct_site_gen.symmetry 
_struct_site_gen.details 
1  AC1 11 ARG A 42  ? ARG A 42  . ? 1_555 ? 
2  AC1 11 PHE A 43  ? PHE A 43  . ? 1_555 ? 
3  AC1 11 HIS A 64  ? HIS A 64  . ? 1_555 ? 
4  AC1 11 ALA A 71  ? ALA A 71  . ? 1_555 ? 
5  AC1 11 SER A 92  ? SER A 92  . ? 1_555 ? 
6  AC1 11 HIS A 93  ? HIS A 93  . ? 1_555 ? 
7  AC1 11 HIS A 97  ? HIS A 97  . ? 1_555 ? 
8  AC1 11 TYR A 103 ? TYR A 103 . ? 1_555 ? 
9  AC1 11 ILE A 107 ? ILE A 107 . ? 1_555 ? 
10 AC1 11 PHE A 138 ? PHE A 138 . ? 1_555 ? 
11 AC1 11 HOH D .   ? HOH A 204 . ? 1_555 ? 
# 
_pdbx_validate_close_contact.id               1 
_pdbx_validate_close_contact.PDB_model_num    1 
_pdbx_validate_close_contact.auth_atom_id_1   OE1 
_pdbx_validate_close_contact.auth_asym_id_1   A 
_pdbx_validate_close_contact.auth_comp_id_1   GLN 
_pdbx_validate_close_contact.auth_seq_id_1    128 
_pdbx_validate_close_contact.PDB_ins_code_1   ? 
_pdbx_validate_close_contact.label_alt_id_1   ? 
_pdbx_validate_close_contact.auth_atom_id_2   O 
_pdbx_validate_close_contact.auth_asym_id_2   A 
_pdbx_validate_close_contact.auth_comp_id_2   HOH 
_pdbx_validate_close_contact.auth_seq_id_2    254 
_pdbx_validate_close_contact.PDB_ins_code_2   ? 
_pdbx_validate_close_contact.label_alt_id_2   ? 
_pdbx_validate_close_contact.dist             2.08 
# 
loop_
_pdbx_validate_rmsd_bond.id 
_pdbx_validate_rmsd_bond.PDB_model_num 
_pdbx_validate_rmsd_bond.auth_atom_id_1 
_pdbx_validate_rmsd_bond.auth_asym_id_1 
_pdbx_validate_rmsd_bond.auth_comp_id_1 
_pdbx_validate_rmsd_bond.auth_seq_id_1 
_pdbx_validate_rmsd_bond.PDB_ins_code_1 
_pdbx_validate_rmsd_bond.label_alt_id_1 
_pdbx_validate_rmsd_bond.auth_atom_id_2 
_pdbx_validate_rmsd_bond.auth_asym_id_2 
_pdbx_validate_rmsd_bond.auth_comp_id_2 
_pdbx_validate_rmsd_bond.auth_seq_id_2 
_pdbx_validate_rmsd_bond.PDB_ins_code_2 
_pdbx_validate_rmsd_bond.label_alt_id_2 
_pdbx_validate_rmsd_bond.bond_value 
_pdbx_validate_rmsd_bond.bond_target_value 
_pdbx_validate_rmsd_bond.bond_deviation 
_pdbx_validate_rmsd_bond.bond_standard_deviation 
_pdbx_validate_rmsd_bond.linker_flag 
1  1 CG A ASP 20  ? ? OD2 A ASP 20  ? ? 1.440 1.249 0.191  0.023 N 
2  1 CA A HIS 24  ? ? C   A HIS 24  ? ? 1.695 1.525 0.170  0.026 N 
3  1 CD A GLN 26  ? ? NE2 A GLN 26  ? ? 1.159 1.324 -0.165 0.025 N 
4  1 CB A GLU 27  ? ? CG  A GLU 27  ? ? 1.650 1.517 0.133  0.019 N 
5  1 NE A ARG 31  ? ? CZ  A ARG 31  ? ? 1.636 1.326 0.310  0.013 N 
6  1 CB A GLU 38  ? ? CG  A GLU 38  ? ? 1.254 1.517 -0.263 0.019 N 
7  1 CG A GLU 38  ? ? CD  A GLU 38  ? ? 1.353 1.515 -0.162 0.015 N 
8  1 CG A GLU 41  ? ? CD  A GLU 41  ? ? 1.658 1.515 0.143  0.015 N 
9  1 CD A GLU 41  ? ? OE1 A GLU 41  ? ? 1.490 1.252 0.238  0.011 N 
10 1 CD A ARG 42  ? ? NE  A ARG 42  ? ? 1.332 1.460 -0.128 0.017 N 
11 1 CZ A ARG 42  ? ? NH2 A ARG 42  ? ? 1.472 1.326 0.146  0.013 N 
12 1 N  A ASN 48  ? ? CA  A ASN 48  ? ? 1.334 1.459 -0.125 0.020 N 
13 1 CB A THR 50  ? ? CG2 A THR 50  ? ? 1.728 1.519 0.209  0.033 N 
14 1 CA A ASP 53  ? ? CB  A ASP 53  ? ? 1.703 1.535 0.168  0.022 N 
15 1 CA A SER 57  ? ? CB  A SER 57  ? ? 1.768 1.525 0.243  0.015 N 
16 1 CD A GLU 60  ? ? OE1 A GLU 60  ? ? 1.399 1.252 0.147  0.011 N 
17 1 CD A GLU 60  ? ? OE2 A GLU 60  ? ? 1.490 1.252 0.238  0.011 N 
18 1 NE A ARG 74  ? ? CZ  A ARG 74  ? ? 1.442 1.326 0.116  0.013 N 
19 1 CG A GLN 78  ? ? CD  A GLN 78  ? ? 1.675 1.506 0.169  0.023 N 
20 1 CA A GLU 85  ? ? CB  A GLU 85  ? ? 1.673 1.535 0.138  0.022 N 
21 1 CD A GLU 91  ? ? OE1 A GLU 91  ? ? 1.341 1.252 0.089  0.011 N 
22 1 CG A HIS 93  ? ? CD2 A HIS 93  ? ? 1.438 1.354 0.084  0.009 N 
23 1 CB A GLU 105 ? ? CG  A GLU 105 ? ? 1.390 1.517 -0.127 0.019 N 
24 1 CG A GLU 105 ? ? CD  A GLU 105 ? ? 1.645 1.515 0.130  0.015 N 
25 1 CB A GLU 117 ? ? CG  A GLU 117 ? ? 1.392 1.517 -0.125 0.019 N 
26 1 CD A GLU 117 ? ? OE1 A GLU 117 ? ? 1.335 1.252 0.083  0.011 N 
27 1 CD A GLU 117 ? ? OE2 A GLU 117 ? ? 1.339 1.252 0.087  0.011 N 
28 1 CA A SER 121 ? ? CB  A SER 121 ? ? 1.666 1.525 0.141  0.015 N 
29 1 CD A ARG 139 ? ? NE  A ARG 139 ? ? 1.625 1.460 0.165  0.017 N 
30 1 NE A ARG 139 ? ? CZ  A ARG 139 ? ? 1.192 1.326 -0.134 0.013 N 
31 1 CZ A ARG 139 ? ? NH1 A ARG 139 ? ? 1.215 1.326 -0.111 0.013 N 
32 1 CZ A ARG 139 ? ? NH2 A ARG 139 ? ? 1.243 1.326 -0.083 0.013 N 
33 1 CA A TYR 146 ? ? C   A TYR 146 ? ? 1.703 1.525 0.178  0.026 N 
# 
loop_
_pdbx_validate_rmsd_angle.id 
_pdbx_validate_rmsd_angle.PDB_model_num 
_pdbx_validate_rmsd_angle.auth_atom_id_1 
_pdbx_validate_rmsd_angle.auth_asym_id_1 
_pdbx_validate_rmsd_angle.auth_comp_id_1 
_pdbx_validate_rmsd_angle.auth_seq_id_1 
_pdbx_validate_rmsd_angle.PDB_ins_code_1 
_pdbx_validate_rmsd_angle.label_alt_id_1 
_pdbx_validate_rmsd_angle.auth_atom_id_2 
_pdbx_validate_rmsd_angle.auth_asym_id_2 
_pdbx_validate_rmsd_angle.auth_comp_id_2 
_pdbx_validate_rmsd_angle.auth_seq_id_2 
_pdbx_validate_rmsd_angle.PDB_ins_code_2 
_pdbx_validate_rmsd_angle.label_alt_id_2 
_pdbx_validate_rmsd_angle.auth_atom_id_3 
_pdbx_validate_rmsd_angle.auth_asym_id_3 
_pdbx_validate_rmsd_angle.auth_comp_id_3 
_pdbx_validate_rmsd_angle.auth_seq_id_3 
_pdbx_validate_rmsd_angle.PDB_ins_code_3 
_pdbx_validate_rmsd_angle.label_alt_id_3 
_pdbx_validate_rmsd_angle.angle_value 
_pdbx_validate_rmsd_angle.angle_target_value 
_pdbx_validate_rmsd_angle.angle_deviation 
_pdbx_validate_rmsd_angle.angle_standard_deviation 
_pdbx_validate_rmsd_angle.linker_flag 
1  1 CA  A SER 22  ? ? CB  A SER 22  ? ? OG  A SER 22  ? ? 94.37  111.20 -16.83 2.70 N 
2  1 CB  A ARG 31  ? ? CG  A ARG 31  ? ? CD  A ARG 31  ? ? 127.22 111.60 15.62  2.60 N 
3  1 CB  A PHE 33  ? ? CG  A PHE 33  ? ? CD2 A PHE 33  ? ? 116.59 120.80 -4.21  0.70 N 
4  1 CB  A LEU 35  ? ? CG  A LEU 35  ? ? CD2 A LEU 35  ? ? 98.81  111.00 -12.19 1.70 N 
5  1 CB  A GLU 38  ? ? CA  A GLU 38  ? ? C   A GLU 38  ? ? 97.16  110.40 -13.24 2.00 N 
6  1 CB  A GLU 38  ? ? CG  A GLU 38  ? ? CD  A GLU 38  ? ? 132.72 114.20 18.52  2.70 N 
7  1 NH1 A ARG 42  ? ? CZ  A ARG 42  ? ? NH2 A ARG 42  ? ? 112.68 119.40 -6.72  1.10 N 
8  1 NE  A ARG 42  ? ? CZ  A ARG 42  ? ? NH1 A ARG 42  ? ? 127.87 120.30 7.57   0.50 N 
9  1 CD1 A PHE 46  ? ? CE1 A PHE 46  ? ? CZ  A PHE 46  ? ? 112.80 120.10 -7.30  1.20 N 
10 1 CA  A THR 50  ? ? CB  A THR 50  ? ? CG2 A THR 50  ? ? 103.82 112.40 -8.58  1.40 N 
11 1 CB  A ASP 53  ? ? CA  A ASP 53  ? ? C   A ASP 53  ? ? 124.65 110.40 14.25  2.00 N 
12 1 CB  A ALA 54  ? ? CA  A ALA 54  ? ? C   A ALA 54  ? ? 100.80 110.10 -9.30  1.50 N 
13 1 CB  A LEU 55  ? ? CG  A LEU 55  ? ? CD1 A LEU 55  ? ? 99.67  111.00 -11.33 1.70 N 
14 1 NE  A ARG 74  ? ? CZ  A ARG 74  ? ? NH2 A ARG 74  ? ? 113.81 120.30 -6.49  0.50 N 
15 1 N   A ASN 81  ? ? CA  A ASN 81  ? ? CB  A ASN 81  ? ? 98.42  110.60 -12.18 1.80 N 
16 1 CG  A GLU 105 ? ? CD  A GLU 105 ? ? OE1 A GLU 105 ? ? 131.27 118.30 12.97  2.00 N 
17 1 NH1 A ARG 139 ? ? CZ  A ARG 139 ? ? NH2 A ARG 139 ? ? 111.39 119.40 -8.01  1.10 N 
18 1 NE  A ARG 139 ? ? CZ  A ARG 139 ? ? NH1 A ARG 139 ? ? 128.02 120.30 7.72   0.50 N 
19 1 CB  A TYR 146 ? ? CG  A TYR 146 ? ? CD2 A TYR 146 ? ? 115.75 121.00 -5.25  0.60 N 
# 
loop_
_pdbx_validate_torsion.id 
_pdbx_validate_torsion.PDB_model_num 
_pdbx_validate_torsion.auth_comp_id 
_pdbx_validate_torsion.auth_asym_id 
_pdbx_validate_torsion.auth_seq_id 
_pdbx_validate_torsion.PDB_ins_code 
_pdbx_validate_torsion.label_alt_id 
_pdbx_validate_torsion.phi 
_pdbx_validate_torsion.psi 
1 1 LYS A 79  ? ? 54.63   -128.28 
2 1 PHE A 123 ? ? -108.20 76.79   
# 
_pdbx_unobs_or_zero_occ_residues.id               1 
_pdbx_unobs_or_zero_occ_residues.PDB_model_num    1 
_pdbx_unobs_or_zero_occ_residues.polymer_flag     N 
_pdbx_unobs_or_zero_occ_residues.occupancy_flag   0 
_pdbx_unobs_or_zero_occ_residues.auth_asym_id     A 
_pdbx_unobs_or_zero_occ_residues.auth_comp_id     CYN 
_pdbx_unobs_or_zero_occ_residues.auth_seq_id      158 
_pdbx_unobs_or_zero_occ_residues.PDB_ins_code     ? 
_pdbx_unobs_or_zero_occ_residues.label_asym_id    B 
_pdbx_unobs_or_zero_occ_residues.label_comp_id    CYN 
_pdbx_unobs_or_zero_occ_residues.label_seq_id     ? 
# 
loop_
_chem_comp_atom.comp_id 
_chem_comp_atom.atom_id 
_chem_comp_atom.type_symbol 
_chem_comp_atom.pdbx_aromatic_flag 
_chem_comp_atom.pdbx_stereo_config 
_chem_comp_atom.pdbx_ordinal 
ALA N    N  N N 1   
ALA CA   C  N S 2   
ALA C    C  N N 3   
ALA O    O  N N 4   
ALA CB   C  N N 5   
ALA OXT  O  N N 6   
ALA H    H  N N 7   
ALA H2   H  N N 8   
ALA HA   H  N N 9   
ALA HB1  H  N N 10  
ALA HB2  H  N N 11  
ALA HB3  H  N N 12  
ALA HXT  H  N N 13  
ARG N    N  N N 14  
ARG CA   C  N S 15  
ARG C    C  N N 16  
ARG O    O  N N 17  
ARG CB   C  N N 18  
ARG CG   C  N N 19  
ARG CD   C  N N 20  
ARG NE   N  N N 21  
ARG CZ   C  N N 22  
ARG NH1  N  N N 23  
ARG NH2  N  N N 24  
ARG OXT  O  N N 25  
ARG H    H  N N 26  
ARG H2   H  N N 27  
ARG HA   H  N N 28  
ARG HB2  H  N N 29  
ARG HB3  H  N N 30  
ARG HG2  H  N N 31  
ARG HG3  H  N N 32  
ARG HD2  H  N N 33  
ARG HD3  H  N N 34  
ARG HE   H  N N 35  
ARG HH11 H  N N 36  
ARG HH12 H  N N 37  
ARG HH21 H  N N 38  
ARG HH22 H  N N 39  
ARG HXT  H  N N 40  
ASN N    N  N N 41  
ASN CA   C  N S 42  
ASN C    C  N N 43  
ASN O    O  N N 44  
ASN CB   C  N N 45  
ASN CG   C  N N 46  
ASN OD1  O  N N 47  
ASN ND2  N  N N 48  
ASN OXT  O  N N 49  
ASN H    H  N N 50  
ASN H2   H  N N 51  
ASN HA   H  N N 52  
ASN HB2  H  N N 53  
ASN HB3  H  N N 54  
ASN HD21 H  N N 55  
ASN HD22 H  N N 56  
ASN HXT  H  N N 57  
ASP N    N  N N 58  
ASP CA   C  N S 59  
ASP C    C  N N 60  
ASP O    O  N N 61  
ASP CB   C  N N 62  
ASP CG   C  N N 63  
ASP OD1  O  N N 64  
ASP OD2  O  N N 65  
ASP OXT  O  N N 66  
ASP H    H  N N 67  
ASP H2   H  N N 68  
ASP HA   H  N N 69  
ASP HB2  H  N N 70  
ASP HB3  H  N N 71  
ASP HD2  H  N N 72  
ASP HXT  H  N N 73  
CYN C    C  N N 74  
CYN N    N  N N 75  
CYS N    N  N N 76  
CYS CA   C  N R 77  
CYS C    C  N N 78  
CYS O    O  N N 79  
CYS CB   C  N N 80  
CYS SG   S  N N 81  
CYS OXT  O  N N 82  
CYS H    H  N N 83  
CYS H2   H  N N 84  
CYS HA   H  N N 85  
CYS HB2  H  N N 86  
CYS HB3  H  N N 87  
CYS HG   H  N N 88  
CYS HXT  H  N N 89  
GLN N    N  N N 90  
GLN CA   C  N S 91  
GLN C    C  N N 92  
GLN O    O  N N 93  
GLN CB   C  N N 94  
GLN CG   C  N N 95  
GLN CD   C  N N 96  
GLN OE1  O  N N 97  
GLN NE2  N  N N 98  
GLN OXT  O  N N 99  
GLN H    H  N N 100 
GLN H2   H  N N 101 
GLN HA   H  N N 102 
GLN HB2  H  N N 103 
GLN HB3  H  N N 104 
GLN HG2  H  N N 105 
GLN HG3  H  N N 106 
GLN HE21 H  N N 107 
GLN HE22 H  N N 108 
GLN HXT  H  N N 109 
GLU N    N  N N 110 
GLU CA   C  N S 111 
GLU C    C  N N 112 
GLU O    O  N N 113 
GLU CB   C  N N 114 
GLU CG   C  N N 115 
GLU CD   C  N N 116 
GLU OE1  O  N N 117 
GLU OE2  O  N N 118 
GLU OXT  O  N N 119 
GLU H    H  N N 120 
GLU H2   H  N N 121 
GLU HA   H  N N 122 
GLU HB2  H  N N 123 
GLU HB3  H  N N 124 
GLU HG2  H  N N 125 
GLU HG3  H  N N 126 
GLU HE2  H  N N 127 
GLU HXT  H  N N 128 
GLY N    N  N N 129 
GLY CA   C  N N 130 
GLY C    C  N N 131 
GLY O    O  N N 132 
GLY OXT  O  N N 133 
GLY H    H  N N 134 
GLY H2   H  N N 135 
GLY HA2  H  N N 136 
GLY HA3  H  N N 137 
GLY HXT  H  N N 138 
HEM CHA  C  N N 139 
HEM CHB  C  N N 140 
HEM CHC  C  N N 141 
HEM CHD  C  N N 142 
HEM C1A  C  Y N 143 
HEM C2A  C  Y N 144 
HEM C3A  C  Y N 145 
HEM C4A  C  Y N 146 
HEM CMA  C  N N 147 
HEM CAA  C  N N 148 
HEM CBA  C  N N 149 
HEM CGA  C  N N 150 
HEM O1A  O  N N 151 
HEM O2A  O  N N 152 
HEM C1B  C  N N 153 
HEM C2B  C  N N 154 
HEM C3B  C  N N 155 
HEM C4B  C  N N 156 
HEM CMB  C  N N 157 
HEM CAB  C  N N 158 
HEM CBB  C  N N 159 
HEM C1C  C  Y N 160 
HEM C2C  C  Y N 161 
HEM C3C  C  Y N 162 
HEM C4C  C  Y N 163 
HEM CMC  C  N N 164 
HEM CAC  C  N N 165 
HEM CBC  C  N N 166 
HEM C1D  C  N N 167 
HEM C2D  C  N N 168 
HEM C3D  C  N N 169 
HEM C4D  C  N N 170 
HEM CMD  C  N N 171 
HEM CAD  C  N N 172 
HEM CBD  C  N N 173 
HEM CGD  C  N N 174 
HEM O1D  O  N N 175 
HEM O2D  O  N N 176 
HEM NA   N  Y N 177 
HEM NB   N  N N 178 
HEM NC   N  Y N 179 
HEM ND   N  N N 180 
HEM FE   FE N N 181 
HEM HHB  H  N N 182 
HEM HHC  H  N N 183 
HEM HHD  H  N N 184 
HEM HMA  H  N N 185 
HEM HMAA H  N N 186 
HEM HMAB H  N N 187 
HEM HAA  H  N N 188 
HEM HAAA H  N N 189 
HEM HBA  H  N N 190 
HEM HBAA H  N N 191 
HEM HMB  H  N N 192 
HEM HMBA H  N N 193 
HEM HMBB H  N N 194 
HEM HAB  H  N N 195 
HEM HBB  H  N N 196 
HEM HBBA H  N N 197 
HEM HMC  H  N N 198 
HEM HMCA H  N N 199 
HEM HMCB H  N N 200 
HEM HAC  H  N N 201 
HEM HBC  H  N N 202 
HEM HBCA H  N N 203 
HEM HMD  H  N N 204 
HEM HMDA H  N N 205 
HEM HMDB H  N N 206 
HEM HAD  H  N N 207 
HEM HADA H  N N 208 
HEM HBD  H  N N 209 
HEM HBDA H  N N 210 
HEM H2A  H  N N 211 
HEM H2D  H  N N 212 
HEM HHA  H  N N 213 
HIS N    N  N N 214 
HIS CA   C  N S 215 
HIS C    C  N N 216 
HIS O    O  N N 217 
HIS CB   C  N N 218 
HIS CG   C  Y N 219 
HIS ND1  N  Y N 220 
HIS CD2  C  Y N 221 
HIS CE1  C  Y N 222 
HIS NE2  N  Y N 223 
HIS OXT  O  N N 224 
HIS H    H  N N 225 
HIS H2   H  N N 226 
HIS HA   H  N N 227 
HIS HB2  H  N N 228 
HIS HB3  H  N N 229 
HIS HD1  H  N N 230 
HIS HD2  H  N N 231 
HIS HE1  H  N N 232 
HIS HE2  H  N N 233 
HIS HXT  H  N N 234 
HOH O    O  N N 235 
HOH H1   H  N N 236 
HOH H2   H  N N 237 
ILE N    N  N N 238 
ILE CA   C  N S 239 
ILE C    C  N N 240 
ILE O    O  N N 241 
ILE CB   C  N S 242 
ILE CG1  C  N N 243 
ILE CG2  C  N N 244 
ILE CD1  C  N N 245 
ILE OXT  O  N N 246 
ILE H    H  N N 247 
ILE H2   H  N N 248 
ILE HA   H  N N 249 
ILE HB   H  N N 250 
ILE HG12 H  N N 251 
ILE HG13 H  N N 252 
ILE HG21 H  N N 253 
ILE HG22 H  N N 254 
ILE HG23 H  N N 255 
ILE HD11 H  N N 256 
ILE HD12 H  N N 257 
ILE HD13 H  N N 258 
ILE HXT  H  N N 259 
LEU N    N  N N 260 
LEU CA   C  N S 261 
LEU C    C  N N 262 
LEU O    O  N N 263 
LEU CB   C  N N 264 
LEU CG   C  N N 265 
LEU CD1  C  N N 266 
LEU CD2  C  N N 267 
LEU OXT  O  N N 268 
LEU H    H  N N 269 
LEU H2   H  N N 270 
LEU HA   H  N N 271 
LEU HB2  H  N N 272 
LEU HB3  H  N N 273 
LEU HG   H  N N 274 
LEU HD11 H  N N 275 
LEU HD12 H  N N 276 
LEU HD13 H  N N 277 
LEU HD21 H  N N 278 
LEU HD22 H  N N 279 
LEU HD23 H  N N 280 
LEU HXT  H  N N 281 
LYS N    N  N N 282 
LYS CA   C  N S 283 
LYS C    C  N N 284 
LYS O    O  N N 285 
LYS CB   C  N N 286 
LYS CG   C  N N 287 
LYS CD   C  N N 288 
LYS CE   C  N N 289 
LYS NZ   N  N N 290 
LYS OXT  O  N N 291 
LYS H    H  N N 292 
LYS H2   H  N N 293 
LYS HA   H  N N 294 
LYS HB2  H  N N 295 
LYS HB3  H  N N 296 
LYS HG2  H  N N 297 
LYS HG3  H  N N 298 
LYS HD2  H  N N 299 
LYS HD3  H  N N 300 
LYS HE2  H  N N 301 
LYS HE3  H  N N 302 
LYS HZ1  H  N N 303 
LYS HZ2  H  N N 304 
LYS HZ3  H  N N 305 
LYS HXT  H  N N 306 
MET N    N  N N 307 
MET CA   C  N S 308 
MET C    C  N N 309 
MET O    O  N N 310 
MET CB   C  N N 311 
MET CG   C  N N 312 
MET SD   S  N N 313 
MET CE   C  N N 314 
MET OXT  O  N N 315 
MET H    H  N N 316 
MET H2   H  N N 317 
MET HA   H  N N 318 
MET HB2  H  N N 319 
MET HB3  H  N N 320 
MET HG2  H  N N 321 
MET HG3  H  N N 322 
MET HE1  H  N N 323 
MET HE2  H  N N 324 
MET HE3  H  N N 325 
MET HXT  H  N N 326 
PHE N    N  N N 327 
PHE CA   C  N S 328 
PHE C    C  N N 329 
PHE O    O  N N 330 
PHE CB   C  N N 331 
PHE CG   C  Y N 332 
PHE CD1  C  Y N 333 
PHE CD2  C  Y N 334 
PHE CE1  C  Y N 335 
PHE CE2  C  Y N 336 
PHE CZ   C  Y N 337 
PHE OXT  O  N N 338 
PHE H    H  N N 339 
PHE H2   H  N N 340 
PHE HA   H  N N 341 
PHE HB2  H  N N 342 
PHE HB3  H  N N 343 
PHE HD1  H  N N 344 
PHE HD2  H  N N 345 
PHE HE1  H  N N 346 
PHE HE2  H  N N 347 
PHE HZ   H  N N 348 
PHE HXT  H  N N 349 
PRO N    N  N N 350 
PRO CA   C  N S 351 
PRO C    C  N N 352 
PRO O    O  N N 353 
PRO CB   C  N N 354 
PRO CG   C  N N 355 
PRO CD   C  N N 356 
PRO OXT  O  N N 357 
PRO H    H  N N 358 
PRO HA   H  N N 359 
PRO HB2  H  N N 360 
PRO HB3  H  N N 361 
PRO HG2  H  N N 362 
PRO HG3  H  N N 363 
PRO HD2  H  N N 364 
PRO HD3  H  N N 365 
PRO HXT  H  N N 366 
SER N    N  N N 367 
SER CA   C  N S 368 
SER C    C  N N 369 
SER O    O  N N 370 
SER CB   C  N N 371 
SER OG   O  N N 372 
SER OXT  O  N N 373 
SER H    H  N N 374 
SER H2   H  N N 375 
SER HA   H  N N 376 
SER HB2  H  N N 377 
SER HB3  H  N N 378 
SER HG   H  N N 379 
SER HXT  H  N N 380 
THR N    N  N N 381 
THR CA   C  N S 382 
THR C    C  N N 383 
THR O    O  N N 384 
THR CB   C  N R 385 
THR OG1  O  N N 386 
THR CG2  C  N N 387 
THR OXT  O  N N 388 
THR H    H  N N 389 
THR H2   H  N N 390 
THR HA   H  N N 391 
THR HB   H  N N 392 
THR HG1  H  N N 393 
THR HG21 H  N N 394 
THR HG22 H  N N 395 
THR HG23 H  N N 396 
THR HXT  H  N N 397 
TRP N    N  N N 398 
TRP CA   C  N S 399 
TRP C    C  N N 400 
TRP O    O  N N 401 
TRP CB   C  N N 402 
TRP CG   C  Y N 403 
TRP CD1  C  Y N 404 
TRP CD2  C  Y N 405 
TRP NE1  N  Y N 406 
TRP CE2  C  Y N 407 
TRP CE3  C  Y N 408 
TRP CZ2  C  Y N 409 
TRP CZ3  C  Y N 410 
TRP CH2  C  Y N 411 
TRP OXT  O  N N 412 
TRP H    H  N N 413 
TRP H2   H  N N 414 
TRP HA   H  N N 415 
TRP HB2  H  N N 416 
TRP HB3  H  N N 417 
TRP HD1  H  N N 418 
TRP HE1  H  N N 419 
TRP HE3  H  N N 420 
TRP HZ2  H  N N 421 
TRP HZ3  H  N N 422 
TRP HH2  H  N N 423 
TRP HXT  H  N N 424 
TYR N    N  N N 425 
TYR CA   C  N S 426 
TYR C    C  N N 427 
TYR O    O  N N 428 
TYR CB   C  N N 429 
TYR CG   C  Y N 430 
TYR CD1  C  Y N 431 
TYR CD2  C  Y N 432 
TYR CE1  C  Y N 433 
TYR CE2  C  Y N 434 
TYR CZ   C  Y N 435 
TYR OH   O  N N 436 
TYR OXT  O  N N 437 
TYR H    H  N N 438 
TYR H2   H  N N 439 
TYR HA   H  N N 440 
TYR HB2  H  N N 441 
TYR HB3  H  N N 442 
TYR HD1  H  N N 443 
TYR HD2  H  N N 444 
TYR HE1  H  N N 445 
TYR HE2  H  N N 446 
TYR HH   H  N N 447 
TYR HXT  H  N N 448 
VAL N    N  N N 449 
VAL CA   C  N S 450 
VAL C    C  N N 451 
VAL O    O  N N 452 
VAL CB   C  N N 453 
VAL CG1  C  N N 454 
VAL CG2  C  N N 455 
VAL OXT  O  N N 456 
VAL H    H  N N 457 
VAL H2   H  N N 458 
VAL HA   H  N N 459 
VAL HB   H  N N 460 
VAL HG11 H  N N 461 
VAL HG12 H  N N 462 
VAL HG13 H  N N 463 
VAL HG21 H  N N 464 
VAL HG22 H  N N 465 
VAL HG23 H  N N 466 
VAL HXT  H  N N 467 
# 
loop_
_chem_comp_bond.comp_id 
_chem_comp_bond.atom_id_1 
_chem_comp_bond.atom_id_2 
_chem_comp_bond.value_order 
_chem_comp_bond.pdbx_aromatic_flag 
_chem_comp_bond.pdbx_stereo_config 
_chem_comp_bond.pdbx_ordinal 
ALA N   CA   sing N N 1   
ALA N   H    sing N N 2   
ALA N   H2   sing N N 3   
ALA CA  C    sing N N 4   
ALA CA  CB   sing N N 5   
ALA CA  HA   sing N N 6   
ALA C   O    doub N N 7   
ALA C   OXT  sing N N 8   
ALA CB  HB1  sing N N 9   
ALA CB  HB2  sing N N 10  
ALA CB  HB3  sing N N 11  
ALA OXT HXT  sing N N 12  
ARG N   CA   sing N N 13  
ARG N   H    sing N N 14  
ARG N   H2   sing N N 15  
ARG CA  C    sing N N 16  
ARG CA  CB   sing N N 17  
ARG CA  HA   sing N N 18  
ARG C   O    doub N N 19  
ARG C   OXT  sing N N 20  
ARG CB  CG   sing N N 21  
ARG CB  HB2  sing N N 22  
ARG CB  HB3  sing N N 23  
ARG CG  CD   sing N N 24  
ARG CG  HG2  sing N N 25  
ARG CG  HG3  sing N N 26  
ARG CD  NE   sing N N 27  
ARG CD  HD2  sing N N 28  
ARG CD  HD3  sing N N 29  
ARG NE  CZ   sing N N 30  
ARG NE  HE   sing N N 31  
ARG CZ  NH1  sing N N 32  
ARG CZ  NH2  doub N N 33  
ARG NH1 HH11 sing N N 34  
ARG NH1 HH12 sing N N 35  
ARG NH2 HH21 sing N N 36  
ARG NH2 HH22 sing N N 37  
ARG OXT HXT  sing N N 38  
ASN N   CA   sing N N 39  
ASN N   H    sing N N 40  
ASN N   H2   sing N N 41  
ASN CA  C    sing N N 42  
ASN CA  CB   sing N N 43  
ASN CA  HA   sing N N 44  
ASN C   O    doub N N 45  
ASN C   OXT  sing N N 46  
ASN CB  CG   sing N N 47  
ASN CB  HB2  sing N N 48  
ASN CB  HB3  sing N N 49  
ASN CG  OD1  doub N N 50  
ASN CG  ND2  sing N N 51  
ASN ND2 HD21 sing N N 52  
ASN ND2 HD22 sing N N 53  
ASN OXT HXT  sing N N 54  
ASP N   CA   sing N N 55  
ASP N   H    sing N N 56  
ASP N   H2   sing N N 57  
ASP CA  C    sing N N 58  
ASP CA  CB   sing N N 59  
ASP CA  HA   sing N N 60  
ASP C   O    doub N N 61  
ASP C   OXT  sing N N 62  
ASP CB  CG   sing N N 63  
ASP CB  HB2  sing N N 64  
ASP CB  HB3  sing N N 65  
ASP CG  OD1  doub N N 66  
ASP CG  OD2  sing N N 67  
ASP OD2 HD2  sing N N 68  
ASP OXT HXT  sing N N 69  
CYN C   N    trip N N 70  
CYS N   CA   sing N N 71  
CYS N   H    sing N N 72  
CYS N   H2   sing N N 73  
CYS CA  C    sing N N 74  
CYS CA  CB   sing N N 75  
CYS CA  HA   sing N N 76  
CYS C   O    doub N N 77  
CYS C   OXT  sing N N 78  
CYS CB  SG   sing N N 79  
CYS CB  HB2  sing N N 80  
CYS CB  HB3  sing N N 81  
CYS SG  HG   sing N N 82  
CYS OXT HXT  sing N N 83  
GLN N   CA   sing N N 84  
GLN N   H    sing N N 85  
GLN N   H2   sing N N 86  
GLN CA  C    sing N N 87  
GLN CA  CB   sing N N 88  
GLN CA  HA   sing N N 89  
GLN C   O    doub N N 90  
GLN C   OXT  sing N N 91  
GLN CB  CG   sing N N 92  
GLN CB  HB2  sing N N 93  
GLN CB  HB3  sing N N 94  
GLN CG  CD   sing N N 95  
GLN CG  HG2  sing N N 96  
GLN CG  HG3  sing N N 97  
GLN CD  OE1  doub N N 98  
GLN CD  NE2  sing N N 99  
GLN NE2 HE21 sing N N 100 
GLN NE2 HE22 sing N N 101 
GLN OXT HXT  sing N N 102 
GLU N   CA   sing N N 103 
GLU N   H    sing N N 104 
GLU N   H2   sing N N 105 
GLU CA  C    sing N N 106 
GLU CA  CB   sing N N 107 
GLU CA  HA   sing N N 108 
GLU C   O    doub N N 109 
GLU C   OXT  sing N N 110 
GLU CB  CG   sing N N 111 
GLU CB  HB2  sing N N 112 
GLU CB  HB3  sing N N 113 
GLU CG  CD   sing N N 114 
GLU CG  HG2  sing N N 115 
GLU CG  HG3  sing N N 116 
GLU CD  OE1  doub N N 117 
GLU CD  OE2  sing N N 118 
GLU OE2 HE2  sing N N 119 
GLU OXT HXT  sing N N 120 
GLY N   CA   sing N N 121 
GLY N   H    sing N N 122 
GLY N   H2   sing N N 123 
GLY CA  C    sing N N 124 
GLY CA  HA2  sing N N 125 
GLY CA  HA3  sing N N 126 
GLY C   O    doub N N 127 
GLY C   OXT  sing N N 128 
GLY OXT HXT  sing N N 129 
HEM CHA C1A  sing N N 130 
HEM CHA C4D  doub N N 131 
HEM CHA HHA  sing N N 132 
HEM CHB C4A  sing N N 133 
HEM CHB C1B  doub N N 134 
HEM CHB HHB  sing N N 135 
HEM CHC C4B  sing N N 136 
HEM CHC C1C  doub N N 137 
HEM CHC HHC  sing N N 138 
HEM CHD C4C  doub N N 139 
HEM CHD C1D  sing N N 140 
HEM CHD HHD  sing N N 141 
HEM C1A C2A  doub Y N 142 
HEM C1A NA   sing Y N 143 
HEM C2A C3A  sing Y N 144 
HEM C2A CAA  sing N N 145 
HEM C3A C4A  doub Y N 146 
HEM C3A CMA  sing N N 147 
HEM C4A NA   sing Y N 148 
HEM CMA HMA  sing N N 149 
HEM CMA HMAA sing N N 150 
HEM CMA HMAB sing N N 151 
HEM CAA CBA  sing N N 152 
HEM CAA HAA  sing N N 153 
HEM CAA HAAA sing N N 154 
HEM CBA CGA  sing N N 155 
HEM CBA HBA  sing N N 156 
HEM CBA HBAA sing N N 157 
HEM CGA O1A  doub N N 158 
HEM CGA O2A  sing N N 159 
HEM C1B C2B  sing N N 160 
HEM C1B NB   sing N N 161 
HEM C2B C3B  doub N N 162 
HEM C2B CMB  sing N N 163 
HEM C3B C4B  sing N N 164 
HEM C3B CAB  sing N N 165 
HEM C4B NB   doub N N 166 
HEM CMB HMB  sing N N 167 
HEM CMB HMBA sing N N 168 
HEM CMB HMBB sing N N 169 
HEM CAB CBB  doub N N 170 
HEM CAB HAB  sing N N 171 
HEM CBB HBB  sing N N 172 
HEM CBB HBBA sing N N 173 
HEM C1C C2C  sing Y N 174 
HEM C1C NC   sing Y N 175 
HEM C2C C3C  doub Y N 176 
HEM C2C CMC  sing N N 177 
HEM C3C C4C  sing Y N 178 
HEM C3C CAC  sing N N 179 
HEM C4C NC   sing Y N 180 
HEM CMC HMC  sing N N 181 
HEM CMC HMCA sing N N 182 
HEM CMC HMCB sing N N 183 
HEM CAC CBC  doub N N 184 
HEM CAC HAC  sing N N 185 
HEM CBC HBC  sing N N 186 
HEM CBC HBCA sing N N 187 
HEM C1D C2D  sing N N 188 
HEM C1D ND   doub N N 189 
HEM C2D C3D  doub N N 190 
HEM C2D CMD  sing N N 191 
HEM C3D C4D  sing N N 192 
HEM C3D CAD  sing N N 193 
HEM C4D ND   sing N N 194 
HEM CMD HMD  sing N N 195 
HEM CMD HMDA sing N N 196 
HEM CMD HMDB sing N N 197 
HEM CAD CBD  sing N N 198 
HEM CAD HAD  sing N N 199 
HEM CAD HADA sing N N 200 
HEM CBD CGD  sing N N 201 
HEM CBD HBD  sing N N 202 
HEM CBD HBDA sing N N 203 
HEM CGD O1D  doub N N 204 
HEM CGD O2D  sing N N 205 
HEM O2A H2A  sing N N 206 
HEM O2D H2D  sing N N 207 
HEM FE  NA   sing N N 208 
HEM FE  NB   sing N N 209 
HEM FE  NC   sing N N 210 
HEM FE  ND   sing N N 211 
HIS N   CA   sing N N 212 
HIS N   H    sing N N 213 
HIS N   H2   sing N N 214 
HIS CA  C    sing N N 215 
HIS CA  CB   sing N N 216 
HIS CA  HA   sing N N 217 
HIS C   O    doub N N 218 
HIS C   OXT  sing N N 219 
HIS CB  CG   sing N N 220 
HIS CB  HB2  sing N N 221 
HIS CB  HB3  sing N N 222 
HIS CG  ND1  sing Y N 223 
HIS CG  CD2  doub Y N 224 
HIS ND1 CE1  doub Y N 225 
HIS ND1 HD1  sing N N 226 
HIS CD2 NE2  sing Y N 227 
HIS CD2 HD2  sing N N 228 
HIS CE1 NE2  sing Y N 229 
HIS CE1 HE1  sing N N 230 
HIS NE2 HE2  sing N N 231 
HIS OXT HXT  sing N N 232 
HOH O   H1   sing N N 233 
HOH O   H2   sing N N 234 
ILE N   CA   sing N N 235 
ILE N   H    sing N N 236 
ILE N   H2   sing N N 237 
ILE CA  C    sing N N 238 
ILE CA  CB   sing N N 239 
ILE CA  HA   sing N N 240 
ILE C   O    doub N N 241 
ILE C   OXT  sing N N 242 
ILE CB  CG1  sing N N 243 
ILE CB  CG2  sing N N 244 
ILE CB  HB   sing N N 245 
ILE CG1 CD1  sing N N 246 
ILE CG1 HG12 sing N N 247 
ILE CG1 HG13 sing N N 248 
ILE CG2 HG21 sing N N 249 
ILE CG2 HG22 sing N N 250 
ILE CG2 HG23 sing N N 251 
ILE CD1 HD11 sing N N 252 
ILE CD1 HD12 sing N N 253 
ILE CD1 HD13 sing N N 254 
ILE OXT HXT  sing N N 255 
LEU N   CA   sing N N 256 
LEU N   H    sing N N 257 
LEU N   H2   sing N N 258 
LEU CA  C    sing N N 259 
LEU CA  CB   sing N N 260 
LEU CA  HA   sing N N 261 
LEU C   O    doub N N 262 
LEU C   OXT  sing N N 263 
LEU CB  CG   sing N N 264 
LEU CB  HB2  sing N N 265 
LEU CB  HB3  sing N N 266 
LEU CG  CD1  sing N N 267 
LEU CG  CD2  sing N N 268 
LEU CG  HG   sing N N 269 
LEU CD1 HD11 sing N N 270 
LEU CD1 HD12 sing N N 271 
LEU CD1 HD13 sing N N 272 
LEU CD2 HD21 sing N N 273 
LEU CD2 HD22 sing N N 274 
LEU CD2 HD23 sing N N 275 
LEU OXT HXT  sing N N 276 
LYS N   CA   sing N N 277 
LYS N   H    sing N N 278 
LYS N   H2   sing N N 279 
LYS CA  C    sing N N 280 
LYS CA  CB   sing N N 281 
LYS CA  HA   sing N N 282 
LYS C   O    doub N N 283 
LYS C   OXT  sing N N 284 
LYS CB  CG   sing N N 285 
LYS CB  HB2  sing N N 286 
LYS CB  HB3  sing N N 287 
LYS CG  CD   sing N N 288 
LYS CG  HG2  sing N N 289 
LYS CG  HG3  sing N N 290 
LYS CD  CE   sing N N 291 
LYS CD  HD2  sing N N 292 
LYS CD  HD3  sing N N 293 
LYS CE  NZ   sing N N 294 
LYS CE  HE2  sing N N 295 
LYS CE  HE3  sing N N 296 
LYS NZ  HZ1  sing N N 297 
LYS NZ  HZ2  sing N N 298 
LYS NZ  HZ3  sing N N 299 
LYS OXT HXT  sing N N 300 
MET N   CA   sing N N 301 
MET N   H    sing N N 302 
MET N   H2   sing N N 303 
MET CA  C    sing N N 304 
MET CA  CB   sing N N 305 
MET CA  HA   sing N N 306 
MET C   O    doub N N 307 
MET C   OXT  sing N N 308 
MET CB  CG   sing N N 309 
MET CB  HB2  sing N N 310 
MET CB  HB3  sing N N 311 
MET CG  SD   sing N N 312 
MET CG  HG2  sing N N 313 
MET CG  HG3  sing N N 314 
MET SD  CE   sing N N 315 
MET CE  HE1  sing N N 316 
MET CE  HE2  sing N N 317 
MET CE  HE3  sing N N 318 
MET OXT HXT  sing N N 319 
PHE N   CA   sing N N 320 
PHE N   H    sing N N 321 
PHE N   H2   sing N N 322 
PHE CA  C    sing N N 323 
PHE CA  CB   sing N N 324 
PHE CA  HA   sing N N 325 
PHE C   O    doub N N 326 
PHE C   OXT  sing N N 327 
PHE CB  CG   sing N N 328 
PHE CB  HB2  sing N N 329 
PHE CB  HB3  sing N N 330 
PHE CG  CD1  doub Y N 331 
PHE CG  CD2  sing Y N 332 
PHE CD1 CE1  sing Y N 333 
PHE CD1 HD1  sing N N 334 
PHE CD2 CE2  doub Y N 335 
PHE CD2 HD2  sing N N 336 
PHE CE1 CZ   doub Y N 337 
PHE CE1 HE1  sing N N 338 
PHE CE2 CZ   sing Y N 339 
PHE CE2 HE2  sing N N 340 
PHE CZ  HZ   sing N N 341 
PHE OXT HXT  sing N N 342 
PRO N   CA   sing N N 343 
PRO N   CD   sing N N 344 
PRO N   H    sing N N 345 
PRO CA  C    sing N N 346 
PRO CA  CB   sing N N 347 
PRO CA  HA   sing N N 348 
PRO C   O    doub N N 349 
PRO C   OXT  sing N N 350 
PRO CB  CG   sing N N 351 
PRO CB  HB2  sing N N 352 
PRO CB  HB3  sing N N 353 
PRO CG  CD   sing N N 354 
PRO CG  HG2  sing N N 355 
PRO CG  HG3  sing N N 356 
PRO CD  HD2  sing N N 357 
PRO CD  HD3  sing N N 358 
PRO OXT HXT  sing N N 359 
SER N   CA   sing N N 360 
SER N   H    sing N N 361 
SER N   H2   sing N N 362 
SER CA  C    sing N N 363 
SER CA  CB   sing N N 364 
SER CA  HA   sing N N 365 
SER C   O    doub N N 366 
SER C   OXT  sing N N 367 
SER CB  OG   sing N N 368 
SER CB  HB2  sing N N 369 
SER CB  HB3  sing N N 370 
SER OG  HG   sing N N 371 
SER OXT HXT  sing N N 372 
THR N   CA   sing N N 373 
THR N   H    sing N N 374 
THR N   H2   sing N N 375 
THR CA  C    sing N N 376 
THR CA  CB   sing N N 377 
THR CA  HA   sing N N 378 
THR C   O    doub N N 379 
THR C   OXT  sing N N 380 
THR CB  OG1  sing N N 381 
THR CB  CG2  sing N N 382 
THR CB  HB   sing N N 383 
THR OG1 HG1  sing N N 384 
THR CG2 HG21 sing N N 385 
THR CG2 HG22 sing N N 386 
THR CG2 HG23 sing N N 387 
THR OXT HXT  sing N N 388 
TRP N   CA   sing N N 389 
TRP N   H    sing N N 390 
TRP N   H2   sing N N 391 
TRP CA  C    sing N N 392 
TRP CA  CB   sing N N 393 
TRP CA  HA   sing N N 394 
TRP C   O    doub N N 395 
TRP C   OXT  sing N N 396 
TRP CB  CG   sing N N 397 
TRP CB  HB2  sing N N 398 
TRP CB  HB3  sing N N 399 
TRP CG  CD1  doub Y N 400 
TRP CG  CD2  sing Y N 401 
TRP CD1 NE1  sing Y N 402 
TRP CD1 HD1  sing N N 403 
TRP CD2 CE2  doub Y N 404 
TRP CD2 CE3  sing Y N 405 
TRP NE1 CE2  sing Y N 406 
TRP NE1 HE1  sing N N 407 
TRP CE2 CZ2  sing Y N 408 
TRP CE3 CZ3  doub Y N 409 
TRP CE3 HE3  sing N N 410 
TRP CZ2 CH2  doub Y N 411 
TRP CZ2 HZ2  sing N N 412 
TRP CZ3 CH2  sing Y N 413 
TRP CZ3 HZ3  sing N N 414 
TRP CH2 HH2  sing N N 415 
TRP OXT HXT  sing N N 416 
TYR N   CA   sing N N 417 
TYR N   H    sing N N 418 
TYR N   H2   sing N N 419 
TYR CA  C    sing N N 420 
TYR CA  CB   sing N N 421 
TYR CA  HA   sing N N 422 
TYR C   O    doub N N 423 
TYR C   OXT  sing N N 424 
TYR CB  CG   sing N N 425 
TYR CB  HB2  sing N N 426 
TYR CB  HB3  sing N N 427 
TYR CG  CD1  doub Y N 428 
TYR CG  CD2  sing Y N 429 
TYR CD1 CE1  sing Y N 430 
TYR CD1 HD1  sing N N 431 
TYR CD2 CE2  doub Y N 432 
TYR CD2 HD2  sing N N 433 
TYR CE1 CZ   doub Y N 434 
TYR CE1 HE1  sing N N 435 
TYR CE2 CZ   sing Y N 436 
TYR CE2 HE2  sing N N 437 
TYR CZ  OH   sing N N 438 
TYR OH  HH   sing N N 439 
TYR OXT HXT  sing N N 440 
VAL N   CA   sing N N 441 
VAL N   H    sing N N 442 
VAL N   H2   sing N N 443 
VAL CA  C    sing N N 444 
VAL CA  CB   sing N N 445 
VAL CA  HA   sing N N 446 
VAL C   O    doub N N 447 
VAL C   OXT  sing N N 448 
VAL CB  CG1  sing N N 449 
VAL CB  CG2  sing N N 450 
VAL CB  HB   sing N N 451 
VAL CG1 HG11 sing N N 452 
VAL CG1 HG12 sing N N 453 
VAL CG1 HG13 sing N N 454 
VAL CG2 HG21 sing N N 455 
VAL CG2 HG22 sing N N 456 
VAL CG2 HG23 sing N N 457 
VAL OXT HXT  sing N N 458 
# 
_atom_sites.entry_id                    1LHT 
_atom_sites.fract_transf_matrix[1][1]   -0.01438359 
_atom_sites.fract_transf_matrix[1][2]   -0.02081288 
_atom_sites.fract_transf_matrix[1][3]   0.00827050 
_atom_sites.fract_transf_matrix[2][1]   0.00626225 
_atom_sites.fract_transf_matrix[2][2]   -0.00910158 
_atom_sites.fract_transf_matrix[2][3]   -0.01201335 
_atom_sites.fract_transf_matrix[3][1]   0.00994606 
_atom_sites.fract_transf_matrix[3][2]   -0.00369959 
_atom_sites.fract_transf_matrix[3][3]   0.00798752 
_atom_sites.fract_transf_vector[1]      0.330504 
_atom_sites.fract_transf_vector[2]      0.040424 
_atom_sites.fract_transf_vector[3]      0.157268 
# 
loop_
_atom_type.symbol 
C  
FE 
N  
O  
S  
# 
loop_
_atom_site.group_PDB 
_atom_site.id 
_atom_site.type_symbol 
_atom_site.label_atom_id 
_atom_site.label_alt_id 
_atom_site.label_comp_id 
_atom_site.label_asym_id 
_atom_site.label_entity_id 
_atom_site.label_seq_id 
_atom_site.pdbx_PDB_ins_code 
_atom_site.Cartn_x 
_atom_site.Cartn_y 
_atom_site.Cartn_z 
_atom_site.occupancy 
_atom_site.B_iso_or_equiv 
_atom_site.pdbx_formal_charge 
_atom_site.auth_seq_id 
_atom_site.auth_comp_id 
_atom_site.auth_asym_id 
_atom_site.auth_atom_id 
_atom_site.pdbx_PDB_model_num 
ATOM   1    N  N   . GLY A 1 1   ? -17.959 -3.733  2.089   1.00   49.41 ? 1   GLY A N   1 
ATOM   2    C  CA  . GLY A 1 1   ? -17.412 -4.929  1.569   1.00   43.34 ? 1   GLY A CA  1 
ATOM   3    C  C   . GLY A 1 1   ? -17.537 -4.791  0.025   1.00   39.15 ? 1   GLY A C   1 
ATOM   4    O  O   . GLY A 1 1   ? -18.370 -3.955  -0.314  1.00   38.46 ? 1   GLY A O   1 
ATOM   5    N  N   . LEU A 1 2   ? -16.779 -5.590  -0.748  1.00   28.11 ? 2   LEU A N   1 
ATOM   6    C  CA  . LEU A 1 2   ? -16.935 -5.461  -2.165  1.00   22.02 ? 2   LEU A CA  1 
ATOM   7    C  C   . LEU A 1 2   ? -17.757 -6.630  -2.675  1.00   19.40 ? 2   LEU A C   1 
ATOM   8    O  O   . LEU A 1 2   ? -17.771 -7.608  -1.961  1.00   20.30 ? 2   LEU A O   1 
ATOM   9    C  CB  . LEU A 1 2   ? -15.499 -5.524  -2.896  1.00   19.17 ? 2   LEU A CB  1 
ATOM   10   C  CG  . LEU A 1 2   ? -14.748 -4.224  -2.902  1.00   15.13 ? 2   LEU A CG  1 
ATOM   11   C  CD1 . LEU A 1 2   ? -14.383 -3.859  -1.494  1.00   19.08 ? 2   LEU A CD1 1 
ATOM   12   C  CD2 . LEU A 1 2   ? -13.494 -4.531  -3.598  1.00   16.76 ? 2   LEU A CD2 1 
ATOM   13   N  N   . SER A 1 3   ? -18.317 -6.515  -3.851  1.00   16.54 ? 3   SER A N   1 
ATOM   14   C  CA  . SER A 1 3   ? -19.044 -7.658  -4.408  1.00   19.22 ? 3   SER A CA  1 
ATOM   15   C  C   . SER A 1 3   ? -18.019 -8.579  -5.074  1.00   21.84 ? 3   SER A C   1 
ATOM   16   O  O   . SER A 1 3   ? -16.861 -8.150  -5.302  1.00   17.92 ? 3   SER A O   1 
ATOM   17   C  CB  . SER A 1 3   ? -19.994 -7.162  -5.514  1.00   20.57 ? 3   SER A CB  1 
ATOM   18   O  OG  . SER A 1 3   ? -19.216 -6.434  -6.520  1.00   34.71 ? 3   SER A OG  1 
ATOM   19   N  N   . ASP A 1 4   ? -18.429 -9.791  -5.367  1.00   26.22 ? 4   ASP A N   1 
ATOM   20   C  CA  . ASP A 1 4   ? -17.444 -10.672 -6.057  1.00   29.11 ? 4   ASP A CA  1 
ATOM   21   C  C   . ASP A 1 4   ? -17.019 -10.100 -7.384  1.00   26.58 ? 4   ASP A C   1 
ATOM   22   O  O   . ASP A 1 4   ? -15.853 -10.308 -7.768  1.00   26.85 ? 4   ASP A O   1 
ATOM   23   C  CB  . ASP A 1 4   ? -18.053 -12.000 -6.357  1.00   32.57 ? 4   ASP A CB  1 
ATOM   24   C  CG  . ASP A 1 4   ? -18.147 -12.853 -4.992  1.00   80.00 ? 4   ASP A CG  1 
ATOM   25   O  OD1 . ASP A 1 4   ? -17.098 -13.146 -4.390  1.00   75.06 ? 4   ASP A OD1 1 
ATOM   26   O  OD2 . ASP A 1 4   ? -19.298 -13.192 -4.620  1.00   77.44 ? 4   ASP A OD2 1 
ATOM   27   N  N   . ASP A 1 5   ? -17.859 -9.383  -8.109  1.00   22.88 ? 5   ASP A N   1 
ATOM   28   C  CA  . ASP A 1 5   ? -17.492 -8.756  -9.407  1.00   21.98 ? 5   ASP A CA  1 
ATOM   29   C  C   . ASP A 1 5   ? -16.389 -7.703  -9.157  1.00   18.60 ? 5   ASP A C   1 
ATOM   30   O  O   . ASP A 1 5   ? -15.415 -7.579  -9.917  1.00   16.36 ? 5   ASP A O   1 
ATOM   31   C  CB  . ASP A 1 5   ? -18.672 -8.165  -10.140 1.00   23.99 ? 5   ASP A CB  1 
ATOM   32   C  CG  . ASP A 1 5   ? -18.517 -7.487  -11.460 1.00   36.36 ? 5   ASP A CG  1 
ATOM   33   N  N   . GLU A 1 6   ? -16.500 -6.988  -8.067  1.00   14.66 ? 6   GLU A N   1 
ATOM   34   C  CA  . GLU A 1 6   ? -15.528 -6.068  -7.825  1.00   13.80 ? 6   GLU A CA  1 
ATOM   35   C  C   . GLU A 1 6   ? -14.233 -6.725  -7.494  1.00   13.31 ? 6   GLU A C   1 
ATOM   36   O  O   . GLU A 1 6   ? -13.091 -6.334  -7.943  1.00   18.65 ? 6   GLU A O   1 
ATOM   37   C  CB  . GLU A 1 6   ? -16.043 -5.184  -6.613  1.00   14.06 ? 6   GLU A CB  1 
ATOM   38   C  CG  . GLU A 1 6   ? -17.054 -4.158  -7.275  1.00   17.48 ? 6   GLU A CG  1 
ATOM   39   C  CD  . GLU A 1 6   ? -17.726 -3.354  -6.195  1.00   26.44 ? 6   GLU A CD  1 
ATOM   40   O  OE1 . GLU A 1 6   ? -18.000 -3.965  -5.098  1.00   22.53 ? 6   GLU A OE1 1 
ATOM   41   O  OE2 . GLU A 1 6   ? -18.022 -2.135  -6.393  1.00   26.28 ? 6   GLU A OE2 1 
ATOM   42   N  N   . TRP A 1 7   ? -14.341 -7.746  -6.655  1.00   12.57 ? 7   TRP A N   1 
ATOM   43   C  CA  . TRP A 1 7   ? -13.123 -8.513  -6.293  1.00   13.05 ? 7   TRP A CA  1 
ATOM   44   C  C   . TRP A 1 7   ? -12.434 -9.091  -7.566  1.00   14.97 ? 7   TRP A C   1 
ATOM   45   O  O   . TRP A 1 7   ? -11.178 -9.167  -7.680  1.00   15.94 ? 7   TRP A O   1 
ATOM   46   C  CB  . TRP A 1 7   ? -13.293 -9.596  -5.167  1.00   15.85 ? 7   TRP A CB  1 
ATOM   47   C  CG  . TRP A 1 7   ? -13.470 -9.050  -3.807  1.00   17.71 ? 7   TRP A CG  1 
ATOM   48   C  CD1 . TRP A 1 7   ? -14.621 -9.056  -3.042  1.00   20.06 ? 7   TRP A CD1 1 
ATOM   49   C  CD2 . TRP A 1 7   ? -12.531 -8.320  -3.117  1.00   14.34 ? 7   TRP A CD2 1 
ATOM   50   N  NE1 . TRP A 1 7   ? -14.377 -8.415  -1.823  1.00   17.57 ? 7   TRP A NE1 1 
ATOM   51   C  CE2 . TRP A 1 7   ? -13.121 -7.927  -1.879  1.00   12.90 ? 7   TRP A CE2 1 
ATOM   52   C  CE3 . TRP A 1 7   ? -11.256 -8.021  -3.419  1.00   17.93 ? 7   TRP A CE3 1 
ATOM   53   C  CZ2 . TRP A 1 7   ? -12.397 -7.231  -0.955  1.00   14.88 ? 7   TRP A CZ2 1 
ATOM   54   C  CZ3 . TRP A 1 7   ? -10.514 -7.335  -2.456  1.00   21.98 ? 7   TRP A CZ3 1 
ATOM   55   C  CH2 . TRP A 1 7   ? -11.108 -6.879  -1.212  1.00   18.91 ? 7   TRP A CH2 1 
ATOM   56   N  N   . ASN A 1 8   ? -13.217 -9.525  -8.576  1.00   15.47 ? 8   ASN A N   1 
ATOM   57   C  CA  . ASN A 1 8   ? -12.618 -10.086 -9.816  1.00   13.29 ? 8   ASN A CA  1 
ATOM   58   C  C   . ASN A 1 8   ? -11.844 -9.040  -10.499 1.00   15.90 ? 8   ASN A C   1 
ATOM   59   O  O   . ASN A 1 8   ? -10.833 -9.349  -11.081 1.00   19.08 ? 8   ASN A O   1 
ATOM   60   C  CB  . ASN A 1 8   ? -13.579 -10.768 -10.730 1.00   10.42 ? 8   ASN A CB  1 
ATOM   61   C  CG  . ASN A 1 8   ? -14.151 -12.061 -10.087 1.00   27.81 ? 8   ASN A CG  1 
ATOM   62   O  OD1 . ASN A 1 8   ? -13.364 -12.860 -9.504  1.00   26.28 ? 8   ASN A OD1 1 
ATOM   63   N  ND2 . ASN A 1 8   ? -15.492 -12.236 -10.343 1.00   26.77 ? 8   ASN A ND2 1 
ATOM   64   N  N   . HIS A 1 9   ? -12.265 -7.792  -10.372 1.00   15.34 ? 9   HIS A N   1 
ATOM   65   C  CA  . HIS A 1 9   ? -11.528 -6.699  -11.015 1.00   15.84 ? 9   HIS A CA  1 
ATOM   66   C  C   . HIS A 1 9   ? -10.248 -6.500  -10.297 1.00   17.70 ? 9   HIS A C   1 
ATOM   67   O  O   . HIS A 1 9   ? -9.196  -6.357  -10.869 1.00   17.45 ? 9   HIS A O   1 
ATOM   68   C  CB  . HIS A 1 9   ? -12.322 -5.420  -11.060 1.00   15.42 ? 9   HIS A CB  1 
ATOM   69   C  CG  . HIS A 1 9   ? -13.203 -5.380  -12.223 1.00   20.24 ? 9   HIS A CG  1 
ATOM   70   N  ND1 . HIS A 1 9   ? -14.567 -5.471  -12.092 1.00   27.38 ? 9   HIS A ND1 1 
ATOM   71   C  CD2 . HIS A 1 9   ? -12.918 -5.163  -13.477 1.00   20.06 ? 9   HIS A CD2 1 
ATOM   72   C  CE1 . HIS A 1 9   ? -15.029 -5.409  -13.285 1.00   27.92 ? 9   HIS A CE1 1 
ATOM   73   N  NE2 . HIS A 1 9   ? -14.088 -5.190  -14.147 1.00   24.16 ? 9   HIS A NE2 1 
ATOM   74   N  N   . VAL A 1 10  ? -10.374 -6.525  -8.921  1.00   18.63 ? 10  VAL A N   1 
ATOM   75   C  CA  . VAL A 1 10  ? -9.170  -6.304  -8.198  1.00   14.33 ? 10  VAL A CA  1 
ATOM   76   C  C   . VAL A 1 10  ? -8.137  -7.401  -8.371  1.00   13.36 ? 10  VAL A C   1 
ATOM   77   O  O   . VAL A 1 10  ? -6.964  -7.080  -8.565  1.00   13.76 ? 10  VAL A O   1 
ATOM   78   C  CB  . VAL A 1 10  ? -9.521  -6.149  -6.626  1.00   10.63 ? 10  VAL A CB  1 
ATOM   79   C  CG1 . VAL A 1 10  ? -8.268  -6.069  -5.762  1.00   9.57  ? 10  VAL A CG1 1 
ATOM   80   C  CG2 . VAL A 1 10  ? -10.467 -4.943  -6.412  1.00   11.08 ? 10  VAL A CG2 1 
ATOM   81   N  N   . LEU A 1 11  ? -8.535  -8.655  -8.163  1.00   9.99  ? 11  LEU A N   1 
ATOM   82   C  CA  . LEU A 1 11  ? -7.533  -9.706  -8.248  1.00   12.08 ? 11  LEU A CA  1 
ATOM   83   C  C   . LEU A 1 11  ? -7.040  -9.855  -9.750  1.00   12.53 ? 11  LEU A C   1 
ATOM   84   O  O   . LEU A 1 11  ? -5.930  -10.236 -9.963  1.00   14.34 ? 11  LEU A O   1 
ATOM   85   C  CB  . LEU A 1 11  ? -8.133  -11.028 -7.712  1.00   12.19 ? 11  LEU A CB  1 
ATOM   86   C  CG  . LEU A 1 11  ? -8.399  -10.819 -6.240  1.00   22.48 ? 11  LEU A CG  1 
ATOM   87   C  CD1 . LEU A 1 11  ? -8.995  -12.028 -5.654  1.00   21.15 ? 11  LEU A CD1 1 
ATOM   88   C  CD2 . LEU A 1 11  ? -7.078  -10.397 -5.540  1.00   19.45 ? 11  LEU A CD2 1 
ATOM   89   N  N   . GLY A 1 12  ? -7.830  -9.523  -10.668 1.00   14.24 ? 12  GLY A N   1 
ATOM   90   C  CA  . GLY A 1 12  ? -7.337  -9.647  -12.096 1.00   17.76 ? 12  GLY A CA  1 
ATOM   91   C  C   . GLY A 1 12  ? -6.140  -8.726  -12.358 1.00   19.45 ? 12  GLY A C   1 
ATOM   92   O  O   . GLY A 1 12  ? -5.132  -9.147  -12.870 1.00   21.69 ? 12  GLY A O   1 
ATOM   93   N  N   . ILE A 1 13  ? -6.245  -7.451  -12.011 1.00   16.36 ? 13  ILE A N   1 
ATOM   94   C  CA  . ILE A 1 13  ? -5.101  -6.593  -12.169 1.00   17.87 ? 13  ILE A CA  1 
ATOM   95   C  C   . ILE A 1 13  ? -3.908  -7.060  -11.264 1.00   16.35 ? 13  ILE A C   1 
ATOM   96   O  O   . ILE A 1 13  ? -2.754  -7.004  -11.689 1.00   16.45 ? 13  ILE A O   1 
ATOM   97   C  CB  . ILE A 1 13  ? -5.409  -5.065  -11.590 1.00   20.81 ? 13  ILE A CB  1 
ATOM   98   C  CG1 . ILE A 1 13  ? -6.734  -4.661  -12.076 0.49   20.86 ? 13  ILE A CG1 1 
ATOM   99   C  CG2 . ILE A 1 13  ? -4.255  -4.238  -12.304 0.68   18.16 ? 13  ILE A CG2 1 
ATOM   100  N  N   . TRP A 1 14  ? -4.175  -7.479  -9.965  1.00   13.43 ? 14  TRP A N   1 
ATOM   101  C  CA  . TRP A 1 14  ? -3.124  -7.892  -9.068  1.00   12.11 ? 14  TRP A CA  1 
ATOM   102  C  C   . TRP A 1 14  ? -2.297  -9.022  -9.695  1.00   15.03 ? 14  TRP A C   1 
ATOM   103  O  O   . TRP A 1 14  ? -1.064  -9.153  -9.562  1.00   14.83 ? 14  TRP A O   1 
ATOM   104  C  CB  . TRP A 1 14  ? -3.685  -8.242  -7.644  1.00   8.80  ? 14  TRP A CB  1 
ATOM   105  C  CG  . TRP A 1 14  ? -2.584  -8.212  -6.702  1.00   17.18 ? 14  TRP A CG  1 
ATOM   106  C  CD1 . TRP A 1 14  ? -1.907  -9.301  -6.226  1.00   16.27 ? 14  TRP A CD1 1 
ATOM   107  C  CD2 . TRP A 1 14  ? -1.918  -7.071  -6.165  1.00   15.24 ? 14  TRP A CD2 1 
ATOM   108  N  NE1 . TRP A 1 14  ? -0.886  -8.903  -5.398  1.00   13.49 ? 14  TRP A NE1 1 
ATOM   109  C  CE2 . TRP A 1 14  ? -0.886  -7.530  -5.362  1.00   15.37 ? 14  TRP A CE2 1 
ATOM   110  C  CE3 . TRP A 1 14  ? -2.179  -5.728  -6.290  1.00   15.69 ? 14  TRP A CE3 1 
ATOM   111  C  CZ2 . TRP A 1 14  ? -0.019  -6.654  -4.642  1.00   16.78 ? 14  TRP A CZ2 1 
ATOM   112  C  CZ3 . TRP A 1 14  ? -1.348  -4.859  -5.578  1.00   18.45 ? 14  TRP A CZ3 1 
ATOM   113  C  CH2 . TRP A 1 14  ? -0.286  -5.341  -4.796  1.00   17.84 ? 14  TRP A CH2 1 
ATOM   114  N  N   . ALA A 1 15  ? -2.977  -9.871  -10.430 1.00   19.58 ? 15  ALA A N   1 
ATOM   115  C  CA  . ALA A 1 15  ? -2.187  -10.995 -11.086 1.00   22.09 ? 15  ALA A CA  1 
ATOM   116  C  C   . ALA A 1 15  ? -1.213  -10.457 -12.079 1.00   22.28 ? 15  ALA A C   1 
ATOM   117  O  O   . ALA A 1 15  ? -0.198  -11.134 -12.320 1.00   23.08 ? 15  ALA A O   1 
ATOM   118  C  CB  . ALA A 1 15  ? -3.132  -11.884 -11.827 1.00   24.01 ? 15  ALA A CB  1 
ATOM   119  N  N   . LYS A 1 16  ? -1.510  -9.256  -12.631 1.00   18.54 ? 16  LYS A N   1 
ATOM   120  C  CA  . LYS A 1 16  ? -0.640  -8.596  -13.613 1.00   16.53 ? 16  LYS A CA  1 
ATOM   121  C  C   . LYS A 1 16  ? 0.473   -7.843  -12.934 1.00   18.76 ? 16  LYS A C   1 
ATOM   122  O  O   . LYS A 1 16  ? 1.507   -7.469  -13.472 1.00   17.10 ? 16  LYS A O   1 
ATOM   123  C  CB  . LYS A 1 16  ? -1.478  -7.710  -14.461 1.00   16.68 ? 16  LYS A CB  1 
ATOM   124  C  CG  . LYS A 1 16  ? -2.237  -8.605  -15.436 1.00   24.23 ? 16  LYS A CG  1 
ATOM   125  C  CD  . LYS A 1 16  ? -3.300  -7.854  -16.235 1.00   30.30 ? 16  LYS A CD  1 
ATOM   126  C  CE  . LYS A 1 16  ? -4.034  -8.818  -17.121 1.00   35.98 ? 16  LYS A CE  1 
ATOM   127  N  NZ  . LYS A 1 16  ? -5.207  -9.464  -16.393 1.00   80.00 ? 16  LYS A NZ  1 
ATOM   128  N  N   . VAL A 1 17  ? 0.280   -7.606  -11.583 1.00   16.39 ? 17  VAL A N   1 
ATOM   129  C  CA  . VAL A 1 17  ? 1.282   -6.942  -10.944 1.00   13.09 ? 17  VAL A CA  1 
ATOM   130  C  C   . VAL A 1 17  ? 2.368   -7.856  -10.443 1.00   14.68 ? 17  VAL A C   1 
ATOM   131  O  O   . VAL A 1 17  ? 3.537   -7.497  -10.391 1.00   17.78 ? 17  VAL A O   1 
ATOM   132  C  CB  . VAL A 1 17  ? 0.638   -6.198  -9.650  1.00   9.84  ? 17  VAL A CB  1 
ATOM   133  C  CG1 . VAL A 1 17  ? 1.750   -5.694  -8.695  1.00   10.05 ? 17  VAL A CG1 1 
ATOM   134  C  CG2 . VAL A 1 17  ? -0.126  -5.028  -10.212 1.00   12.72 ? 17  VAL A CG2 1 
ATOM   135  N  N   . GLU A 1 18  ? 1.977   -9.065  -9.925  1.00   11.23 ? 18  GLU A N   1 
ATOM   136  C  CA  . GLU A 1 18  ? 2.924   -9.888  -9.324  1.00   10.50 ? 18  GLU A CA  1 
ATOM   137  C  C   . GLU A 1 18  ? 4.141   -10.209 -10.100 1.00   14.31 ? 18  GLU A C   1 
ATOM   138  O  O   . GLU A 1 18  ? 5.164   -10.289 -9.479  1.00   17.70 ? 18  GLU A O   1 
ATOM   139  C  CB  . GLU A 1 18  ? 2.282   -11.195 -8.814  1.00   14.59 ? 18  GLU A CB  1 
ATOM   140  C  CG  . GLU A 1 18  ? 1.205   -10.970 -7.826  1.00   15.62 ? 18  GLU A CG  1 
ATOM   141  C  CD  . GLU A 1 18  ? 0.525   -12.289 -7.446  1.00   21.79 ? 18  GLU A CD  1 
ATOM   142  O  OE1 . GLU A 1 18  ? 0.002   -12.951 -8.304  1.00   23.21 ? 18  GLU A OE1 1 
ATOM   143  O  OE2 . GLU A 1 18  ? 0.387   -12.565 -6.218  1.00   26.19 ? 18  GLU A OE2 1 
ATOM   144  N  N   . PRO A 1 19  ? 4.149   -10.448 -11.420 1.00   15.42 ? 19  PRO A N   1 
ATOM   145  C  CA  . PRO A 1 19  ? 5.410   -10.827 -12.080 1.00   19.31 ? 19  PRO A CA  1 
ATOM   146  C  C   . PRO A 1 19  ? 6.479   -9.706  -12.037 1.00   19.77 ? 19  PRO A C   1 
ATOM   147  O  O   . PRO A 1 19  ? 7.635   -9.931  -12.289 1.00   17.42 ? 19  PRO A O   1 
ATOM   148  C  CB  . PRO A 1 19  ? 5.013   -11.101 -13.490 1.00   20.49 ? 19  PRO A CB  1 
ATOM   149  C  CG  . PRO A 1 19  ? 3.535   -10.821 -13.671 1.00   18.35 ? 19  PRO A CG  1 
ATOM   150  C  CD  . PRO A 1 19  ? 3.040   -10.693 -12.280 1.00   14.13 ? 19  PRO A CD  1 
ATOM   151  N  N   . ASP A 1 20  ? 6.059   -8.431  -11.679 1.00   18.46 ? 20  ASP A N   1 
ATOM   152  C  CA  . ASP A 1 20  ? 6.955   -7.320  -11.565 1.00   18.60 ? 20  ASP A CA  1 
ATOM   153  C  C   . ASP A 1 20  ? 6.767   -6.650  -10.210 1.00   19.83 ? 20  ASP A C   1 
ATOM   154  O  O   . ASP A 1 20  ? 6.910   -5.400  -10.069 1.00   18.89 ? 20  ASP A O   1 
ATOM   155  C  CB  . ASP A 1 20  ? 6.498   -6.324  -12.641 1.00   23.21 ? 20  ASP A CB  1 
ATOM   156  C  CG  . ASP A 1 20  ? 7.744   -5.497  -13.174 1.00   80.00 ? 20  ASP A CG  1 
ATOM   157  O  OD1 . ASP A 1 20  ? 8.851   -6.183  -13.206 1.00   75.39 ? 20  ASP A OD1 1 
ATOM   158  O  OD2 . ASP A 1 20  ? 7.603   -4.112  -13.541 1.00   72.58 ? 20  ASP A OD2 1 
ATOM   159  N  N   . LEU A 1 21  ? 6.418   -7.428  -9.140  1.00   20.28 ? 21  LEU A N   1 
ATOM   160  C  CA  . LEU A 1 21  ? 6.121   -6.794  -7.858  1.00   19.58 ? 21  LEU A CA  1 
ATOM   161  C  C   . LEU A 1 21  ? 7.188   -5.793  -7.314  1.00   18.96 ? 21  LEU A C   1 
ATOM   162  O  O   . LEU A 1 21  ? 6.905   -4.722  -6.827  1.00   17.00 ? 21  LEU A O   1 
ATOM   163  C  CB  . LEU A 1 21  ? 5.652   -7.891  -6.841  1.00   18.03 ? 21  LEU A CB  1 
ATOM   164  C  CG  . LEU A 1 21  ? 5.005   -7.368  -5.555  1.00   14.08 ? 21  LEU A CG  1 
ATOM   165  C  CD1 . LEU A 1 21  ? 3.753   -8.112  -5.490  1.00   24.78 ? 21  LEU A CD1 1 
ATOM   166  C  CD2 . LEU A 1 21  ? 5.774   -7.867  -4.436  1.00   21.44 ? 21  LEU A CD2 1 
ATOM   167  N  N   . SER A 1 22  ? 8.419   -6.249  -7.323  1.00   17.43 ? 22  SER A N   1 
ATOM   168  C  CA  . SER A 1 22  ? 9.450   -5.505  -6.799  1.00   18.06 ? 22  SER A CA  1 
ATOM   169  C  C   . SER A 1 22  ? 9.618   -4.057  -7.411  1.00   16.30 ? 22  SER A C   1 
ATOM   170  O  O   . SER A 1 22  ? 9.932   -3.116  -6.737  1.00   17.96 ? 22  SER A O   1 
ATOM   171  C  CB  . SER A 1 22  ? 10.762  -6.365  -7.153  1.00   19.07 ? 22  SER A CB  1 
ATOM   172  O  OG  . SER A 1 22  ? 10.857  -6.951  -5.869  1.00   41.10 ? 22  SER A OG  1 
ATOM   173  N  N   . ALA A 1 23  ? 9.478   -3.951  -8.685  1.00   16.58 ? 23  ALA A N   1 
ATOM   174  C  CA  . ALA A 1 23  ? 9.606   -2.700  -9.355  1.00   18.86 ? 23  ALA A CA  1 
ATOM   175  C  C   . ALA A 1 23  ? 8.375   -1.833  -9.053  1.00   17.77 ? 23  ALA A C   1 
ATOM   176  O  O   . ALA A 1 23  ? 8.491   -0.647  -9.106  1.00   17.09 ? 23  ALA A O   1 
ATOM   177  C  CB  . ALA A 1 23  ? 9.428   -3.024  -10.906 1.00   21.99 ? 23  ALA A CB  1 
ATOM   178  N  N   . HIS A 1 24  ? 7.203   -2.520  -8.811  1.00   17.39 ? 24  HIS A N   1 
ATOM   179  C  CA  . HIS A 1 24  ? 6.039   -1.820  -8.445  1.00   20.35 ? 24  HIS A CA  1 
ATOM   180  C  C   . HIS A 1 24  ? 6.323   -1.236  -6.880  1.00   20.61 ? 24  HIS A C   1 
ATOM   181  O  O   . HIS A 1 24  ? 6.116   -0.060  -6.585  1.00   20.39 ? 24  HIS A O   1 
ATOM   182  C  CB  . HIS A 1 24  ? 4.844   -2.733  -8.414  1.00   18.63 ? 24  HIS A CB  1 
ATOM   183  C  CG  . HIS A 1 24  ? 4.213   -2.795  -9.726  1.00   19.61 ? 24  HIS A CG  1 
ATOM   184  N  ND1 . HIS A 1 24  ? 4.728   -3.600  -10.741 1.00   19.26 ? 24  HIS A ND1 1 
ATOM   185  C  CD2 . HIS A 1 24  ? 3.109   -2.153  -10.269 1.00   21.43 ? 24  HIS A CD2 1 
ATOM   186  C  CE1 . HIS A 1 24  ? 3.950   -3.487  -11.818 1.00   18.06 ? 24  HIS A CE1 1 
ATOM   187  N  NE2 . HIS A 1 24  ? 2.923   -2.589  -11.533 1.00   20.94 ? 24  HIS A NE2 1 
ATOM   188  N  N   . GLY A 1 25  ? 6.784   -2.061  -6.043  1.00   17.50 ? 25  GLY A N   1 
ATOM   189  C  CA  . GLY A 1 25  ? 7.023   -1.667  -4.731  1.00   16.77 ? 25  GLY A CA  1 
ATOM   190  C  C   . GLY A 1 25  ? 7.969   -0.507  -4.620  1.00   19.08 ? 25  GLY A C   1 
ATOM   191  O  O   . GLY A 1 25  ? 7.817   0.415   -3.892  1.00   18.43 ? 25  GLY A O   1 
ATOM   192  N  N   . GLN A 1 26  ? 9.089   -0.651  -5.311  1.00   19.76 ? 26  GLN A N   1 
ATOM   193  C  CA  . GLN A 1 26  ? 10.065  0.357   -5.316  1.00   21.67 ? 26  GLN A CA  1 
ATOM   194  C  C   . GLN A 1 26  ? 9.517   1.745   -5.747  1.00   18.06 ? 26  GLN A C   1 
ATOM   195  O  O   . GLN A 1 26  ? 9.757   2.763   -5.044  1.00   20.17 ? 26  GLN A O   1 
ATOM   196  C  CB  . GLN A 1 26  ? 11.332  -0.055  -6.192  1.00   23.87 ? 26  GLN A CB  1 
ATOM   197  C  CG  . GLN A 1 26  ? 12.296  1.141   -6.305  1.00   32.38 ? 26  GLN A CG  1 
ATOM   198  C  CD  . GLN A 1 26  ? 13.392  0.887   -7.428  1.00   71.22 ? 26  GLN A CD  1 
ATOM   199  O  OE1 . GLN A 1 26  ? 12.969  0.747   -8.624  1.00   42.41 ? 26  GLN A OE1 1 
ATOM   200  N  NE2 . GLN A 1 26  ? 14.520  0.864   -7.162  1.00   37.65 ? 26  GLN A NE2 1 
ATOM   201  N  N   . GLU A 1 27  ? 8.789   1.797   -6.871  1.00   14.97 ? 27  GLU A N   1 
ATOM   202  C  CA  . GLU A 1 27  ? 8.261   2.995   -7.367  1.00   16.33 ? 27  GLU A CA  1 
ATOM   203  C  C   . GLU A 1 27  ? 7.213   3.575   -6.342  1.00   17.63 ? 27  GLU A C   1 
ATOM   204  O  O   . GLU A 1 27  ? 7.148   4.756   -6.255  1.00   15.89 ? 27  GLU A O   1 
ATOM   205  C  CB  . GLU A 1 27  ? 7.532   2.804   -8.700  1.00   18.94 ? 27  GLU A CB  1 
ATOM   206  C  CG  . GLU A 1 27  ? 7.127   4.100   -9.638  1.00   42.80 ? 27  GLU A CG  1 
ATOM   207  C  CD  . GLU A 1 27  ? 8.346   5.010   -9.924  1.00   37.47 ? 27  GLU A CD  1 
ATOM   208  O  OE1 . GLU A 1 27  ? 9.364   4.446   -10.348 1.00   62.83 ? 27  GLU A OE1 1 
ATOM   209  O  OE2 . GLU A 1 27  ? 8.408   6.244   -9.700  1.00   61.02 ? 27  GLU A OE2 1 
ATOM   210  N  N   . VAL A 1 28  ? 6.449   2.715   -5.605  1.00   19.74 ? 28  VAL A N   1 
ATOM   211  C  CA  . VAL A 1 28  ? 5.451   3.245   -4.687  1.00   16.11 ? 28  VAL A CA  1 
ATOM   212  C  C   . VAL A 1 28  ? 6.180   3.974   -3.545  1.00   13.86 ? 28  VAL A C   1 
ATOM   213  O  O   . VAL A 1 28  ? 5.699   5.054   -3.146  1.00   16.65 ? 28  VAL A O   1 
ATOM   214  C  CB  . VAL A 1 28  ? 4.352   2.279   -4.210  1.00   16.73 ? 28  VAL A CB  1 
ATOM   215  C  CG1 . VAL A 1 28  ? 3.577   1.711   -5.337  1.00   14.61 ? 28  VAL A CG1 1 
ATOM   216  C  CG2 . VAL A 1 28  ? 4.895   1.160   -3.517  1.00   24.06 ? 28  VAL A CG2 1 
ATOM   217  N  N   . ILE A 1 29  ? 7.269   3.418   -3.022  1.00   11.56 ? 29  ILE A N   1 
ATOM   218  C  CA  . ILE A 1 29  ? 7.920   4.075   -1.902  1.00   15.75 ? 29  ILE A CA  1 
ATOM   219  C  C   . ILE A 1 29  ? 8.544   5.335   -2.333  1.00   16.98 ? 29  ILE A C   1 
ATOM   220  O  O   . ILE A 1 29  ? 8.391   6.309   -1.716  1.00   17.03 ? 29  ILE A O   1 
ATOM   221  C  CB  . ILE A 1 29  ? 9.012   3.188   -1.333  1.00   19.95 ? 29  ILE A CB  1 
ATOM   222  C  CG1 . ILE A 1 29  ? 8.244   1.959   -0.663  1.00   24.77 ? 29  ILE A CG1 1 
ATOM   223  C  CG2 . ILE A 1 29  ? 9.828   3.879   -0.209  1.00   20.68 ? 29  ILE A CG2 1 
ATOM   224  C  CD1 . ILE A 1 29  ? 7.205   2.308   0.411   1.00   26.79 ? 29  ILE A CD1 1 
ATOM   225  N  N   . ILE A 1 30  ? 9.195   5.303   -3.438  1.00   19.90 ? 30  ILE A N   1 
ATOM   226  C  CA  . ILE A 1 30  ? 9.818   6.533   -3.946  1.00   24.63 ? 30  ILE A CA  1 
ATOM   227  C  C   . ILE A 1 30  ? 8.787   7.655   -4.248  1.00   23.87 ? 30  ILE A C   1 
ATOM   228  O  O   . ILE A 1 30  ? 9.081   8.824   -3.931  1.00   21.44 ? 30  ILE A O   1 
ATOM   229  C  CB  . ILE A 1 30  ? 10.741  6.250   -5.317  1.00   24.71 ? 30  ILE A CB  1 
ATOM   230  C  CG1 . ILE A 1 30  ? 11.875  5.347   -4.903  1.00   22.59 ? 30  ILE A CG1 1 
ATOM   231  C  CG2 . ILE A 1 30  ? 11.186  7.604   -5.825  1.00   24.19 ? 30  ILE A CG2 1 
ATOM   232  C  CD1 . ILE A 1 30  ? 12.694  4.942   -6.049  1.00   21.47 ? 30  ILE A CD1 1 
ATOM   233  N  N   . ARG A 1 31  ? 7.684   7.315   -4.868  1.00   20.71 ? 31  ARG A N   1 
ATOM   234  C  CA  . ARG A 1 31  ? 6.682   8.323   -5.215  1.00   17.71 ? 31  ARG A CA  1 
ATOM   235  C  C   . ARG A 1 31  ? 6.040   8.916   -3.895  1.00   20.42 ? 31  ARG A C   1 
ATOM   236  O  O   . ARG A 1 31  ? 5.672   10.098  -3.864  1.00   21.95 ? 31  ARG A O   1 
ATOM   237  C  CB  . ARG A 1 31  ? 5.553   7.767   -6.118  1.00   15.44 ? 31  ARG A CB  1 
ATOM   238  C  CG  . ARG A 1 31  ? 5.834   7.594   -7.563  1.00   42.78 ? 31  ARG A CG  1 
ATOM   239  C  CD  . ARG A 1 31  ? 5.555   8.552   -8.646  1.00   76.28 ? 31  ARG A CD  1 
ATOM   240  N  NE  . ARG A 1 31  ? 4.201   8.744   -9.031  1.00   76.92 ? 31  ARG A NE  1 
ATOM   241  C  CZ  . ARG A 1 31  ? 3.474   10.180  -9.324  1.00   76.61 ? 31  ARG A CZ  1 
ATOM   242  N  NH1 . ARG A 1 31  ? 4.162   11.307  -9.243  1.00   74.92 ? 31  ARG A NH1 1 
ATOM   243  N  NH2 . ARG A 1 31  ? 2.173   10.240  -9.654  1.00   73.55 ? 31  ARG A NH2 1 
ATOM   244  N  N   . LEU A 1 32  ? 5.909   8.084   -2.855  1.00   22.49 ? 32  LEU A N   1 
ATOM   245  C  CA  . LEU A 1 32  ? 5.388   8.415   -1.564  1.00   18.10 ? 32  LEU A CA  1 
ATOM   246  C  C   . LEU A 1 32  ? 6.230   9.589   -1.009  1.00   16.12 ? 32  LEU A C   1 
ATOM   247  O  O   . LEU A 1 32  ? 5.703   10.643  -0.647  1.00   19.38 ? 32  LEU A O   1 
ATOM   248  C  CB  . LEU A 1 32  ? 5.282   7.214   -0.684  1.00   13.83 ? 32  LEU A CB  1 
ATOM   249  C  CG  . LEU A 1 32  ? 4.804   7.423   0.783   1.00   19.76 ? 32  LEU A CG  1 
ATOM   250  C  CD1 . LEU A 1 32  ? 3.337   7.937   0.841   1.00   15.69 ? 32  LEU A CD1 1 
ATOM   251  C  CD2 . LEU A 1 32  ? 4.896   6.132   1.585   1.00   14.33 ? 32  LEU A CD2 1 
ATOM   252  N  N   . PHE A 1 33  ? 7.499   9.341   -0.970  1.00   13.76 ? 33  PHE A N   1 
ATOM   253  C  CA  . PHE A 1 33  ? 8.453   10.326  -0.452  1.00   16.72 ? 33  PHE A CA  1 
ATOM   254  C  C   . PHE A 1 33  ? 8.554   11.557  -1.217  1.00   20.32 ? 33  PHE A C   1 
ATOM   255  O  O   . PHE A 1 33  ? 8.682   12.713  -0.588  1.00   21.97 ? 33  PHE A O   1 
ATOM   256  C  CB  . PHE A 1 33  ? 9.843   9.716   -0.262  1.00   19.20 ? 33  PHE A CB  1 
ATOM   257  C  CG  . PHE A 1 33  ? 9.932   8.579   0.725   1.00   21.39 ? 33  PHE A CG  1 
ATOM   258  C  CD1 . PHE A 1 33  ? 8.915   8.379   1.700   1.00   19.95 ? 33  PHE A CD1 1 
ATOM   259  C  CD2 . PHE A 1 33  ? 11.049  7.813   0.669   1.00   24.08 ? 33  PHE A CD2 1 
ATOM   260  C  CE1 . PHE A 1 33  ? 8.992   7.360   2.604   1.00   20.51 ? 33  PHE A CE1 1 
ATOM   261  C  CE2 . PHE A 1 33  ? 11.093  6.748   1.610   1.00   27.47 ? 33  PHE A CE2 1 
ATOM   262  C  CZ  . PHE A 1 33  ? 10.026  6.498   2.580   1.00   25.23 ? 33  PHE A CZ  1 
ATOM   263  N  N   . GLN A 1 34  ? 8.471   11.460  -2.521  1.00   20.73 ? 34  GLN A N   1 
ATOM   264  C  CA  . GLN A 1 34  ? 8.552   12.573  -3.395  1.00   23.01 ? 34  GLN A CA  1 
ATOM   265  C  C   . GLN A 1 34  ? 7.284   13.483  -3.348  1.00   21.60 ? 34  GLN A C   1 
ATOM   266  O  O   . GLN A 1 34  ? 7.289   14.713  -3.254  1.00   20.09 ? 34  GLN A O   1 
ATOM   267  C  CB  . GLN A 1 34  ? 8.820   12.133  -4.857  1.00   25.43 ? 34  GLN A CB  1 
ATOM   268  C  CG  . GLN A 1 34  ? 8.744   13.295  -5.849  1.00   51.86 ? 34  GLN A CG  1 
ATOM   269  C  CD  . GLN A 1 34  ? 9.058   12.861  -7.224  1.00   79.48 ? 34  GLN A CD  1 
ATOM   270  O  OE1 . GLN A 1 34  ? 9.836   13.584  -7.891  1.00   55.19 ? 34  GLN A OE1 1 
ATOM   271  N  NE2 . GLN A 1 34  ? 8.541   11.758  -7.704  1.00   52.25 ? 34  GLN A NE2 1 
ATOM   272  N  N   . LEU A 1 35  ? 6.123   12.849  -3.428  1.00   18.65 ? 35  LEU A N   1 
ATOM   273  C  CA  . LEU A 1 35  ? 4.951   13.587  -3.395  1.00   19.41 ? 35  LEU A CA  1 
ATOM   274  C  C   . LEU A 1 35  ? 4.509   13.997  -1.876  1.00   18.83 ? 35  LEU A C   1 
ATOM   275  O  O   . LEU A 1 35  ? 3.704   14.895  -1.707  1.00   19.19 ? 35  LEU A O   1 
ATOM   276  C  CB  . LEU A 1 35  ? 3.793   12.766  -4.089  1.00   21.92 ? 35  LEU A CB  1 
ATOM   277  C  CG  . LEU A 1 35  ? 3.751   12.986  -5.706  1.00   30.29 ? 35  LEU A CG  1 
ATOM   278  C  CD2 . LEU A 1 35  ? 2.528   12.160  -6.019  1.00   39.37 ? 35  LEU A CD2 1 
ATOM   279  N  N   . HIS A 1 36  ? 5.056   13.330  -0.875  1.00   15.93 ? 36  HIS A N   1 
ATOM   280  C  CA  . HIS A 1 36  ? 4.666   13.658  0.540   1.00   16.10 ? 36  HIS A CA  1 
ATOM   281  C  C   . HIS A 1 36  ? 5.830   13.476  1.346   1.00   16.75 ? 36  HIS A C   1 
ATOM   282  O  O   . HIS A 1 36  ? 6.015   12.514  2.053   1.00   19.88 ? 36  HIS A O   1 
ATOM   283  C  CB  . HIS A 1 36  ? 3.547   12.662  0.960   1.00   16.84 ? 36  HIS A CB  1 
ATOM   284  C  CG  . HIS A 1 36  ? 2.347   12.697  0.147   1.00   14.34 ? 36  HIS A CG  1 
ATOM   285  N  ND1 . HIS A 1 36  ? 1.354   13.649  0.315   1.00   18.67 ? 36  HIS A ND1 1 
ATOM   286  C  CD2 . HIS A 1 36  ? 1.980   11.897  -0.838  1.00   11.72 ? 36  HIS A CD2 1 
ATOM   287  C  CE1 . HIS A 1 36  ? 0.462   13.433  -0.626  1.00   17.65 ? 36  HIS A CE1 1 
ATOM   288  N  NE2 . HIS A 1 36  ? 0.792   12.372  -1.348  1.00   15.70 ? 36  HIS A NE2 1 
ATOM   289  N  N   . PRO A 1 37  ? 6.799   14.386  1.226   1.00   20.37 ? 37  PRO A N   1 
ATOM   290  C  CA  . PRO A 1 37  ? 8.052   14.303  1.940   1.00   22.51 ? 37  PRO A CA  1 
ATOM   291  C  C   . PRO A 1 37  ? 7.961   14.084  3.452   1.00   23.53 ? 37  PRO A C   1 
ATOM   292  O  O   . PRO A 1 37  ? 8.875   13.417  4.014   1.00   26.99 ? 37  PRO A O   1 
ATOM   293  C  CB  . PRO A 1 37  ? 8.863   15.561  1.517   1.00   23.21 ? 37  PRO A CB  1 
ATOM   294  C  CG  . PRO A 1 37  ? 8.032   16.287  0.492   1.00   21.76 ? 37  PRO A CG  1 
ATOM   295  C  CD  . PRO A 1 37  ? 6.648   15.616  0.385   1.00   20.83 ? 37  PRO A CD  1 
ATOM   296  N  N   . GLU A 1 38  ? 6.887   14.563  4.108   1.00   20.18 ? 38  GLU A N   1 
ATOM   297  C  CA  . GLU A 1 38  ? 6.863   14.303  5.477   1.00   23.29 ? 38  GLU A CA  1 
ATOM   298  C  C   . GLU A 1 38  ? 6.759   12.773  5.826   1.00   27.41 ? 38  GLU A C   1 
ATOM   299  O  O   . GLU A 1 38  ? 6.952   12.385  7.044   1.00   33.52 ? 38  GLU A O   1 
ATOM   300  C  CB  . GLU A 1 38  ? 5.416   14.754  6.102   1.00   22.89 ? 38  GLU A CB  1 
ATOM   301  C  CG  . GLU A 1 38  ? 4.780   15.568  5.391   1.00   52.75 ? 38  GLU A CG  1 
ATOM   302  C  CD  . GLU A 1 38  ? 4.106   15.438  4.225   1.00   48.97 ? 38  GLU A CD  1 
ATOM   303  O  OE1 . GLU A 1 38  ? 3.007   14.909  4.263   1.00   38.12 ? 38  GLU A OE1 1 
ATOM   304  O  OE2 . GLU A 1 38  ? 4.706   15.926  3.255   1.00   39.47 ? 38  GLU A OE2 1 
ATOM   305  N  N   . THR A 1 39  ? 6.384   11.927  4.906   1.00   20.03 ? 39  THR A N   1 
ATOM   306  C  CA  . THR A 1 39  ? 6.261   10.550  5.310   1.00   17.66 ? 39  THR A CA  1 
ATOM   307  C  C   . THR A 1 39  ? 7.602   9.910   5.559   1.00   18.10 ? 39  THR A C   1 
ATOM   308  O  O   . THR A 1 39  ? 7.767   8.918   6.337   1.00   19.89 ? 39  THR A O   1 
ATOM   309  C  CB  . THR A 1 39  ? 5.482   9.706   4.228   1.00   19.21 ? 39  THR A CB  1 
ATOM   310  O  OG1 . THR A 1 39  ? 6.155   9.941   2.955   1.00   16.50 ? 39  THR A OG1 1 
ATOM   311  C  CG2 . THR A 1 39  ? 4.070   10.255  4.176   1.00   15.44 ? 39  THR A CG2 1 
ATOM   312  N  N   . GLN A 1 40  ? 8.599   10.489  4.893   1.00   20.55 ? 40  GLN A N   1 
ATOM   313  C  CA  . GLN A 1 40  ? 9.997   9.922   4.971   1.00   21.41 ? 40  GLN A CA  1 
ATOM   314  C  C   . GLN A 1 40  ? 10.515  9.928   6.324   1.00   27.13 ? 40  GLN A C   1 
ATOM   315  O  O   . GLN A 1 40  ? 11.280  9.074   6.678   1.00   31.76 ? 40  GLN A O   1 
ATOM   316  C  CB  . GLN A 1 40  ? 10.996  10.653  3.988   1.00   21.26 ? 40  GLN A CB  1 
ATOM   317  C  CG  . GLN A 1 40  ? 12.313  9.883   3.918   1.00   21.94 ? 40  GLN A CG  1 
ATOM   318  C  CD  . GLN A 1 40  ? 13.248  10.277  2.755   1.00   34.79 ? 40  GLN A CD  1 
ATOM   319  O  OE1 . GLN A 1 40  ? 12.869  11.126  1.923   1.00   27.80 ? 40  GLN A OE1 1 
ATOM   320  N  NE2 . GLN A 1 40  ? 14.444  9.679   2.749   1.00   26.11 ? 40  GLN A NE2 1 
ATOM   321  N  N   . GLU A 1 41  ? 10.108  10.910  7.107   1.00   29.38 ? 41  GLU A N   1 
ATOM   322  C  CA  . GLU A 1 41  ? 10.517  11.035  8.441   1.00   33.91 ? 41  GLU A CA  1 
ATOM   323  C  C   . GLU A 1 41  ? 10.132  9.919   9.395   1.00   32.35 ? 41  GLU A C   1 
ATOM   324  O  O   . GLU A 1 41  ? 10.729  9.737   10.440  1.00   32.96 ? 41  GLU A O   1 
ATOM   325  C  CB  . GLU A 1 41  ? 10.149  12.468  9.077   1.00   36.93 ? 41  GLU A CB  1 
ATOM   326  C  CG  . GLU A 1 41  ? 11.068  13.694  8.747   1.00   80.00 ? 41  GLU A CG  1 
ATOM   327  C  CD  . GLU A 1 41  ? 11.561  13.687  7.164   1.00   80.00 ? 41  GLU A CD  1 
ATOM   328  O  OE1 . GLU A 1 41  ? 12.615  12.796  6.603   1.00   80.00 ? 41  GLU A OE1 1 
ATOM   329  O  OE2 . GLU A 1 41  ? 10.929  14.541  6.426   1.00   80.00 ? 41  GLU A OE2 1 
ATOM   330  N  N   . ARG A 1 42  ? 9.115   9.133   9.069   1.00   28.60 ? 42  ARG A N   1 
ATOM   331  C  CA  . ARG A 1 42  ? 8.660   7.984   9.871   1.00   20.75 ? 42  ARG A CA  1 
ATOM   332  C  C   . ARG A 1 42  ? 9.632   6.915   9.605   1.00   21.96 ? 42  ARG A C   1 
ATOM   333  O  O   . ARG A 1 42  ? 9.626   5.927   10.333  1.00   28.65 ? 42  ARG A O   1 
ATOM   334  C  CB  . ARG A 1 42  ? 7.382   7.463   9.303   1.00   17.76 ? 42  ARG A CB  1 
ATOM   335  C  CG  . ARG A 1 42  ? 6.213   8.444   9.569   1.00   23.79 ? 42  ARG A CG  1 
ATOM   336  C  CD  . ARG A 1 42  ? 5.880   8.304   11.147  1.00   62.32 ? 42  ARG A CD  1 
ATOM   337  N  NE  . ARG A 1 42  ? 6.086   9.536   11.609  1.00   63.44 ? 42  ARG A NE  1 
ATOM   338  C  CZ  . ARG A 1 42  ? 5.030   10.148  12.277  1.00   74.07 ? 42  ARG A CZ  1 
ATOM   339  N  NH1 . ARG A 1 42  ? 3.780   9.619   12.558  1.00   71.54 ? 42  ARG A NH1 1 
ATOM   340  N  NH2 . ARG A 1 42  ? 5.190   11.522  12.778  1.00   73.29 ? 42  ARG A NH2 1 
ATOM   341  N  N   . PHE A 1 43  ? 10.528  6.989   8.635   1.00   19.64 ? 43  PHE A N   1 
ATOM   342  C  CA  . PHE A 1 43  ? 11.437  5.888   8.414   1.00   18.40 ? 43  PHE A CA  1 
ATOM   343  C  C   . PHE A 1 43  ? 12.841  6.151   8.810   1.00   21.19 ? 43  PHE A C   1 
ATOM   344  O  O   . PHE A 1 43  ? 13.634  6.631   7.965   1.00   21.43 ? 43  PHE A O   1 
ATOM   345  C  CB  . PHE A 1 43  ? 11.485  5.565   6.851   1.00   17.83 ? 43  PHE A CB  1 
ATOM   346  C  CG  . PHE A 1 43  ? 10.186  4.919   6.330   1.00   22.25 ? 43  PHE A CG  1 
ATOM   347  C  CD1 . PHE A 1 43  ? 9.092   5.709   5.957   1.00   20.53 ? 43  PHE A CD1 1 
ATOM   348  C  CD2 . PHE A 1 43  ? 10.085  3.541   6.243   1.00   21.24 ? 43  PHE A CD2 1 
ATOM   349  C  CE1 . PHE A 1 43  ? 7.856   5.156   5.468   1.00   18.75 ? 43  PHE A CE1 1 
ATOM   350  C  CE2 . PHE A 1 43  ? 8.892   2.981   5.724   1.00   21.07 ? 43  PHE A CE2 1 
ATOM   351  C  CZ  . PHE A 1 43  ? 7.782   3.788   5.381   1.00   19.29 ? 43  PHE A CZ  1 
ATOM   352  N  N   . ALA A 1 44  ? 13.200  5.798   10.092  1.00   22.09 ? 44  ALA A N   1 
ATOM   353  C  CA  . ALA A 1 44  ? 14.565  5.988   10.583  1.00   22.77 ? 44  ALA A CA  1 
ATOM   354  C  C   . ALA A 1 44  ? 15.625  5.433   9.622   1.00   26.70 ? 44  ALA A C   1 
ATOM   355  O  O   . ALA A 1 44  ? 16.688  6.025   9.362   1.00   25.83 ? 44  ALA A O   1 
ATOM   356  C  CB  . ALA A 1 44  ? 14.805  5.528   11.981  1.00   21.04 ? 44  ALA A CB  1 
ATOM   357  N  N   . LYS A 1 45  ? 15.338  4.300   9.034   1.00   30.45 ? 45  LYS A N   1 
ATOM   358  C  CA  . LYS A 1 45  ? 16.362  3.633   8.130   1.00   32.43 ? 45  LYS A CA  1 
ATOM   359  C  C   . LYS A 1 45  ? 16.549  4.307   6.870   1.00   30.89 ? 45  LYS A C   1 
ATOM   360  O  O   . LYS A 1 45  ? 17.521  4.051   6.165   1.00   31.12 ? 45  LYS A O   1 
ATOM   361  C  CB  . LYS A 1 45  ? 16.042  2.046   7.920   1.00   34.78 ? 45  LYS A CB  1 
ATOM   362  N  N   . PHE A 1 46  ? 15.599  5.210   6.511   1.00   30.07 ? 46  PHE A N   1 
ATOM   363  C  CA  . PHE A 1 46  ? 15.895  5.836   5.143   1.00   30.20 ? 46  PHE A CA  1 
ATOM   364  C  C   . PHE A 1 46  ? 16.186  7.326   5.283   1.00   37.38 ? 46  PHE A C   1 
ATOM   365  O  O   . PHE A 1 46  ? 16.306  7.927   4.253   1.00   35.97 ? 46  PHE A O   1 
ATOM   366  C  CB  . PHE A 1 46  ? 14.603  5.707   4.254   1.00   26.30 ? 46  PHE A CB  1 
ATOM   367  C  CG  . PHE A 1 46  ? 14.220  4.291   4.001   1.00   22.57 ? 46  PHE A CG  1 
ATOM   368  C  CD1 . PHE A 1 46  ? 15.218  3.260   3.764   1.00   25.61 ? 46  PHE A CD1 1 
ATOM   369  C  CD2 . PHE A 1 46  ? 12.898  4.016   3.896   1.00   23.06 ? 46  PHE A CD2 1 
ATOM   370  C  CE1 . PHE A 1 46  ? 14.858  1.907   3.455   1.00   26.82 ? 46  PHE A CE1 1 
ATOM   371  C  CE2 . PHE A 1 46  ? 12.464  2.704   3.585   1.00   25.79 ? 46  PHE A CE2 1 
ATOM   372  C  CZ  . PHE A 1 46  ? 13.454  1.714   3.383   1.00   27.93 ? 46  PHE A CZ  1 
ATOM   373  N  N   . LYS A 1 47  ? 16.248  7.768   6.576   1.00   45.72 ? 47  LYS A N   1 
ATOM   374  C  CA  . LYS A 1 47  ? 16.479  9.194   6.988   1.00   52.81 ? 47  LYS A CA  1 
ATOM   375  C  C   . LYS A 1 47  ? 17.593  10.029  6.148   1.00   56.28 ? 47  LYS A C   1 
ATOM   376  O  O   . LYS A 1 47  ? 17.448  11.112  5.870   1.00   54.52 ? 47  LYS A O   1 
ATOM   377  N  N   . ASN A 1 48  ? 18.732  9.235   5.788   1.00   56.46 ? 48  ASN A N   1 
ATOM   378  C  CA  . ASN A 1 48  ? 19.799  9.671   5.117   1.00   48.65 ? 48  ASN A CA  1 
ATOM   379  C  C   . ASN A 1 48  ? 19.635  9.641   3.583   1.00   54.47 ? 48  ASN A C   1 
ATOM   380  O  O   . ASN A 1 48  ? 20.471  10.145  2.811   1.00   50.88 ? 48  ASN A O   1 
ATOM   381  N  N   . LEU A 1 49  ? 18.566  8.978   2.990   1.00   42.16 ? 49  LEU A N   1 
ATOM   382  C  CA  . LEU A 1 49  ? 18.534  9.015   1.546   1.00   37.94 ? 49  LEU A CA  1 
ATOM   383  C  C   . LEU A 1 49  ? 17.878  10.299  1.244   1.00   38.46 ? 49  LEU A C   1 
ATOM   384  O  O   . LEU A 1 49  ? 16.608  10.310  1.031   1.00   40.15 ? 49  LEU A O   1 
ATOM   385  C  CB  . LEU A 1 49  ? 17.774  7.803   1.099   1.00   33.42 ? 49  LEU A CB  1 
ATOM   386  C  CG  . LEU A 1 49  ? 18.395  6.469   1.511   1.00   28.17 ? 49  LEU A CG  1 
ATOM   387  C  CD1 . LEU A 1 49  ? 17.520  5.335   0.880   1.00   34.38 ? 49  LEU A CD1 1 
ATOM   388  C  CD2 . LEU A 1 49  ? 19.739  6.286   0.930   1.00   35.84 ? 49  LEU A CD2 1 
ATOM   389  N  N   . THR A 1 50  ? 18.562  11.465  1.224   1.00   39.24 ? 50  THR A N   1 
ATOM   390  C  CA  . THR A 1 50  ? 17.964  12.815  0.899   1.00   42.27 ? 50  THR A CA  1 
ATOM   391  C  C   . THR A 1 50  ? 17.720  13.127  -0.618  1.00   42.09 ? 50  THR A C   1 
ATOM   392  O  O   . THR A 1 50  ? 16.787  13.822  -0.968  1.00   46.80 ? 50  THR A O   1 
ATOM   393  C  CB  . THR A 1 50  ? 18.836  13.867  1.436   1.00   41.51 ? 50  THR A CB  1 
ATOM   394  O  OG1 . THR A 1 50  ? 19.834  13.361  2.377   1.00   60.89 ? 50  THR A OG1 1 
ATOM   395  C  CG2 . THR A 1 50  ? 17.734  15.010  2.116   1.00   66.85 ? 50  THR A CG2 1 
ATOM   396  N  N   . THR A 1 51  ? 18.417  12.627  -1.483  1.00   40.80 ? 51  THR A N   1 
ATOM   397  C  CA  . THR A 1 51  ? 18.148  12.932  -2.869  1.00   38.63 ? 51  THR A CA  1 
ATOM   398  C  C   . THR A 1 51  ? 17.317  11.787  -3.426  1.00   40.23 ? 51  THR A C   1 
ATOM   399  O  O   . THR A 1 51  ? 17.161  10.649  -3.018  1.00   34.58 ? 51  THR A O   1 
ATOM   400  C  CB  . THR A 1 51  ? 19.627  12.961  -3.412  1.00   38.35 ? 51  THR A CB  1 
ATOM   401  N  N   . ILE A 1 52  ? 16.744  12.100  -4.528  1.00   46.32 ? 52  ILE A N   1 
ATOM   402  C  CA  . ILE A 1 52  ? 15.907  11.196  -5.331  1.00   49.81 ? 52  ILE A CA  1 
ATOM   403  C  C   . ILE A 1 52  ? 16.694  10.142  -5.859  1.00   49.68 ? 52  ILE A C   1 
ATOM   404  O  O   . ILE A 1 52  ? 16.255  8.901   -5.877  1.00   50.88 ? 52  ILE A O   1 
ATOM   405  C  CB  . ILE A 1 52  ? 14.988  11.916  -6.366  1.00   49.26 ? 52  ILE A CB  1 
ATOM   406  C  CG2 . ILE A 1 52  ? 14.149  10.977  -7.131  1.00   42.27 ? 52  ILE A CG2 1 
ATOM   407  N  N   . ASP A 1 53  ? 17.825  10.509  -6.313  1.00   51.28 ? 53  ASP A N   1 
ATOM   408  C  CA  . ASP A 1 53  ? 18.848  9.526   -6.958  1.00   50.66 ? 53  ASP A CA  1 
ATOM   409  C  C   . ASP A 1 53  ? 19.232  8.460   -5.994  1.00   42.17 ? 53  ASP A C   1 
ATOM   410  O  O   . ASP A 1 53  ? 19.233  7.215   -6.273  1.00   44.27 ? 53  ASP A O   1 
ATOM   411  C  CB  . ASP A 1 53  ? 19.933  10.327  -7.998  1.00   53.23 ? 53  ASP A CB  1 
ATOM   412  N  N   . ALA A 1 54  ? 19.568  8.895   -4.833  1.00   32.54 ? 54  ALA A N   1 
ATOM   413  C  CA  . ALA A 1 54  ? 19.961  7.927   -3.845  1.00   30.12 ? 54  ALA A CA  1 
ATOM   414  C  C   . ALA A 1 54  ? 18.812  6.905   -3.491  1.00   28.99 ? 54  ALA A C   1 
ATOM   415  O  O   . ALA A 1 54  ? 19.055  5.870   -3.129  1.00   26.51 ? 54  ALA A O   1 
ATOM   416  C  CB  . ALA A 1 54  ? 20.111  8.712   -2.440  1.00   30.81 ? 54  ALA A CB  1 
ATOM   417  N  N   . LEU A 1 55  ? 17.584  7.351   -3.596  1.00   31.90 ? 55  LEU A N   1 
ATOM   418  C  CA  . LEU A 1 55  ? 16.527  6.562   -3.325  1.00   34.52 ? 55  LEU A CA  1 
ATOM   419  C  C   . LEU A 1 55  ? 16.360  5.501   -4.386  1.00   37.26 ? 55  LEU A C   1 
ATOM   420  O  O   . LEU A 1 55  ? 15.949  4.315   -4.152  1.00   29.47 ? 55  LEU A O   1 
ATOM   421  C  CB  . LEU A 1 55  ? 15.218  7.429   -3.308  1.00   33.57 ? 55  LEU A CB  1 
ATOM   422  C  CG  . LEU A 1 55  ? 14.946  8.055   -1.961  1.00   36.51 ? 55  LEU A CG  1 
ATOM   423  C  CD1 . LEU A 1 55  ? 13.660  8.764   -2.268  1.00   32.29 ? 55  LEU A CD1 1 
ATOM   424  C  CD2 . LEU A 1 55  ? 14.650  6.948   -0.850  1.00   29.91 ? 55  LEU A CD2 1 
ATOM   425  N  N   . LYS A 1 56  ? 16.663  6.051   -5.576  1.00   43.16 ? 56  LYS A N   1 
ATOM   426  C  CA  . LYS A 1 56  ? 16.512  5.160   -6.796  1.00   47.66 ? 56  LYS A CA  1 
ATOM   427  C  C   . LYS A 1 56  ? 17.516  4.053   -6.640  1.00   46.17 ? 56  LYS A C   1 
ATOM   428  O  O   . LYS A 1 56  ? 17.322  2.916   -7.068  1.00   48.15 ? 56  LYS A O   1 
ATOM   429  N  N   . SER A 1 57  ? 18.621  4.430   -6.049  1.00   48.78 ? 57  SER A N   1 
ATOM   430  C  CA  . SER A 1 57  ? 19.683  3.423   -5.914  1.00   49.62 ? 57  SER A CA  1 
ATOM   431  C  C   . SER A 1 57  ? 19.732  2.496   -4.813  1.00   44.84 ? 57  SER A C   1 
ATOM   432  O  O   . SER A 1 57  ? 20.483  1.578   -4.808  1.00   46.88 ? 57  SER A O   1 
ATOM   433  C  CB  . SER A 1 57  ? 21.160  4.338   -6.237  1.00   51.03 ? 57  SER A CB  1 
ATOM   434  O  OG  . SER A 1 57  ? 21.425  5.458   -5.310  1.00   80.00 ? 57  SER A OG  1 
ATOM   435  N  N   . SER A 1 58  ? 18.945  2.716   -3.740  1.00   38.31 ? 58  SER A N   1 
ATOM   436  C  CA  . SER A 1 58  ? 18.924  1.927   -2.609  1.00   31.85 ? 58  SER A CA  1 
ATOM   437  C  C   . SER A 1 58  ? 18.288  0.505   -2.705  1.00   36.31 ? 58  SER A C   1 
ATOM   438  O  O   . SER A 1 58  ? 17.122  0.377   -3.069  1.00   36.64 ? 58  SER A O   1 
ATOM   439  C  CB  . SER A 1 58  ? 18.281  2.667   -1.454  1.00   26.66 ? 58  SER A CB  1 
ATOM   440  O  OG  . SER A 1 58  ? 18.307  1.771   -0.322  1.00   27.36 ? 58  SER A OG  1 
ATOM   441  N  N   . GLU A 1 59  ? 19.106  -0.492  -2.345  1.00   36.11 ? 59  GLU A N   1 
ATOM   442  C  CA  . GLU A 1 59  ? 18.624  -1.813  -2.370  1.00   38.46 ? 59  GLU A CA  1 
ATOM   443  C  C   . GLU A 1 59  ? 17.551  -2.007  -1.265  1.00   29.58 ? 59  GLU A C   1 
ATOM   444  O  O   . GLU A 1 59  ? 16.558  -2.766  -1.451  1.00   26.41 ? 59  GLU A O   1 
ATOM   445  C  CB  . GLU A 1 59  ? 19.761  -3.026  -2.366  1.00   38.48 ? 59  GLU A CB  1 
ATOM   446  N  N   . GLU A 1 60  ? 17.767  -1.393  -0.155  1.00   28.73 ? 60  GLU A N   1 
ATOM   447  C  CA  . GLU A 1 60  ? 16.840  -1.445  1.009   1.00   30.93 ? 60  GLU A CA  1 
ATOM   448  C  C   . GLU A 1 60  ? 15.443  -0.930  0.672   1.00   27.66 ? 60  GLU A C   1 
ATOM   449  O  O   . GLU A 1 60  ? 14.479  -1.599  1.066   1.00   27.12 ? 60  GLU A O   1 
ATOM   450  C  CB  . GLU A 1 60  ? 17.426  -0.665  2.172   1.00   35.25 ? 60  GLU A CB  1 
ATOM   451  C  CG  . GLU A 1 60  ? 18.446  -1.450  2.987   1.00   80.00 ? 60  GLU A CG  1 
ATOM   452  C  CD  . GLU A 1 60  ? 17.916  -2.946  3.067   1.00   80.00 ? 60  GLU A CD  1 
ATOM   453  O  OE1 . GLU A 1 60  ? 16.585  -3.176  3.433   1.00   80.00 ? 60  GLU A OE1 1 
ATOM   454  O  OE2 . GLU A 1 60  ? 18.946  -3.970  2.735   1.00   80.00 ? 60  GLU A OE2 1 
ATOM   455  N  N   . VAL A 1 61  ? 15.404  0.199   -0.084  1.00   23.92 ? 61  VAL A N   1 
ATOM   456  C  CA  . VAL A 1 61  ? 14.115  0.801   -0.467  1.00   25.32 ? 61  VAL A CA  1 
ATOM   457  C  C   . VAL A 1 61  ? 13.301  -0.213  -1.304  1.00   26.88 ? 61  VAL A C   1 
ATOM   458  O  O   . VAL A 1 61  ? 12.110  -0.425  -1.075  1.00   23.79 ? 61  VAL A O   1 
ATOM   459  C  CB  . VAL A 1 61  ? 14.370  2.068   -1.282  1.00   24.53 ? 61  VAL A CB  1 
ATOM   460  C  CG1 . VAL A 1 61  ? 13.274  2.522   -2.188  1.00   20.76 ? 61  VAL A CG1 1 
ATOM   461  C  CG2 . VAL A 1 61  ? 14.922  3.247   -0.305  1.00   20.60 ? 61  VAL A CG2 1 
ATOM   462  N  N   . LYS A 1 62  ? 14.054  -0.798  -2.309  1.00   25.02 ? 62  LYS A N   1 
ATOM   463  C  CA  . LYS A 1 62  ? 13.408  -1.807  -3.207  1.00   20.40 ? 62  LYS A CA  1 
ATOM   464  C  C   . LYS A 1 62  ? 12.897  -3.030  -2.403  1.00   17.66 ? 62  LYS A C   1 
ATOM   465  O  O   . LYS A 1 62  ? 11.726  -3.464  -2.618  1.00   19.37 ? 62  LYS A O   1 
ATOM   466  C  CB  . LYS A 1 62  ? 14.332  -2.269  -4.385  1.00   20.58 ? 62  LYS A CB  1 
ATOM   467  C  CG  . LYS A 1 62  ? 13.541  -3.248  -5.342  1.00   32.98 ? 62  LYS A CG  1 
ATOM   468  C  CD  . LYS A 1 62  ? 14.082  -3.420  -6.684  1.00   44.50 ? 62  LYS A CD  1 
ATOM   469  C  CE  . LYS A 1 62  ? 13.543  -4.539  -7.416  1.00   80.00 ? 62  LYS A CE  1 
ATOM   470  N  NZ  . LYS A 1 62  ? 14.356  -5.018  -8.701  1.00   80.00 ? 62  LYS A NZ  1 
ATOM   471  N  N   . LYS A 1 63  ? 13.707  -3.569  -1.489  1.00   17.78 ? 63  LYS A N   1 
ATOM   472  C  CA  . LYS A 1 63  ? 13.283  -4.738  -0.736  1.00   23.77 ? 63  LYS A CA  1 
ATOM   473  C  C   . LYS A 1 63  ? 12.090  -4.273  0.230   1.00   22.83 ? 63  LYS A C   1 
ATOM   474  O  O   . LYS A 1 63  ? 11.179  -5.079  0.466   1.00   22.03 ? 63  LYS A O   1 
ATOM   475  C  CB  . LYS A 1 63  ? 14.356  -5.317  0.259   1.00   27.95 ? 63  LYS A CB  1 
ATOM   476  C  CG  . LYS A 1 63  ? 15.586  -6.070  -0.147  1.00   38.18 ? 63  LYS A CG  1 
ATOM   477  N  N   . HIS A 1 64  ? 12.177  -3.021  0.814   1.00   19.25 ? 64  HIS A N   1 
ATOM   478  C  CA  . HIS A 1 64  ? 11.102  -2.619  1.668   1.00   15.83 ? 64  HIS A CA  1 
ATOM   479  C  C   . HIS A 1 64  ? 9.884   -2.470  0.871   1.00   12.68 ? 64  HIS A C   1 
ATOM   480  O  O   . HIS A 1 64  ? 8.799   -2.926  1.240   1.00   12.74 ? 64  HIS A O   1 
ATOM   481  C  CB  . HIS A 1 64  ? 11.452  -1.417  2.467   1.00   18.13 ? 64  HIS A CB  1 
ATOM   482  C  CG  . HIS A 1 64  ? 10.266  -0.948  3.286   1.00   24.96 ? 64  HIS A CG  1 
ATOM   483  N  ND1 . HIS A 1 64  ? 9.942   -1.510  4.463   1.00   25.11 ? 64  HIS A ND1 1 
ATOM   484  C  CD2 . HIS A 1 64  ? 9.322   0.022   2.929   1.00   23.56 ? 64  HIS A CD2 1 
ATOM   485  C  CE1 . HIS A 1 64  ? 8.768   -0.905  4.906   1.00   23.14 ? 64  HIS A CE1 1 
ATOM   486  N  NE2 . HIS A 1 64  ? 8.439   0.003   4.004   1.00   23.59 ? 64  HIS A NE2 1 
ATOM   487  N  N   . GLY A 1 65  ? 10.048  -1.923  -0.351  1.00   18.05 ? 65  GLY A N   1 
ATOM   488  C  CA  . GLY A 1 65  ? 8.887   -1.748  -1.236  1.00   17.18 ? 65  GLY A CA  1 
ATOM   489  C  C   . GLY A 1 65  ? 8.223   -3.090  -1.535  1.00   16.93 ? 65  GLY A C   1 
ATOM   490  O  O   . GLY A 1 65  ? 6.956   -3.164  -1.551  1.00   17.45 ? 65  GLY A O   1 
ATOM   491  N  N   . THR A 1 66  ? 9.046   -4.113  -1.813  1.00   12.56 ? 66  THR A N   1 
ATOM   492  C  CA  . THR A 1 66  ? 8.558   -5.489  -2.124  1.00   13.19 ? 66  THR A CA  1 
ATOM   493  C  C   . THR A 1 66  ? 7.791   -6.093  -0.925  1.00   13.76 ? 66  THR A C   1 
ATOM   494  O  O   . THR A 1 66  ? 6.755   -6.670  -1.094  1.00   15.05 ? 66  THR A O   1 
ATOM   495  C  CB  . THR A 1 66  ? 9.848   -6.392  -2.525  1.00   17.72 ? 66  THR A CB  1 
ATOM   496  O  OG1 . THR A 1 66  ? 10.419  -5.790  -3.695  1.00   18.54 ? 66  THR A OG1 1 
ATOM   497  C  CG2 . THR A 1 66  ? 9.379   -7.771  -2.981  1.00   17.40 ? 66  THR A CG2 1 
ATOM   498  N  N   . THR A 1 67  ? 8.336   -5.892  0.249   1.00   15.70 ? 67  THR A N   1 
ATOM   499  C  CA  . THR A 1 67  ? 7.693   -6.309  1.463   1.00   19.26 ? 67  THR A CA  1 
ATOM   500  C  C   . THR A 1 67  ? 6.332   -5.725  1.691   1.00   15.13 ? 67  THR A C   1 
ATOM   501  O  O   . THR A 1 67  ? 5.364   -6.447  2.106   1.00   14.26 ? 67  THR A O   1 
ATOM   502  C  CB  . THR A 1 67  ? 8.617   -5.924  2.668   1.00   22.25 ? 67  THR A CB  1 
ATOM   503  O  OG1 . THR A 1 67  ? 9.590   -6.957  2.726   1.00   24.81 ? 67  THR A OG1 1 
ATOM   504  C  CG2 . THR A 1 67  ? 7.905   -5.895  3.967   1.00   24.26 ? 67  THR A CG2 1 
ATOM   505  N  N   . VAL A 1 68  ? 6.209   -4.476  1.339   1.00   13.49 ? 68  VAL A N   1 
ATOM   506  C  CA  . VAL A 1 68  ? 4.950   -3.754  1.468   1.00   14.62 ? 68  VAL A CA  1 
ATOM   507  C  C   . VAL A 1 68  ? 3.895   -4.338  0.593   1.00   15.71 ? 68  VAL A C   1 
ATOM   508  O  O   . VAL A 1 68  ? 2.741   -4.639  1.033   1.00   17.69 ? 68  VAL A O   1 
ATOM   509  C  CB  . VAL A 1 68  ? 5.146   -2.216  1.204   1.00   13.74 ? 68  VAL A CB  1 
ATOM   510  C  CG1 . VAL A 1 68  ? 3.832   -1.543  1.343   1.00   11.48 ? 68  VAL A CG1 1 
ATOM   511  C  CG2 . VAL A 1 68  ? 5.951   -1.587  2.381   1.00   8.52  ? 68  VAL A CG2 1 
ATOM   512  N  N   . LEU A 1 69  ? 4.214   -4.513  -0.668  1.00   11.63 ? 69  LEU A N   1 
ATOM   513  C  CA  . LEU A 1 69  ? 3.223   -4.998  -1.635  1.00   9.25  ? 69  LEU A CA  1 
ATOM   514  C  C   . LEU A 1 69  ? 2.930   -6.468  -1.382  1.00   11.16 ? 69  LEU A C   1 
ATOM   515  O  O   . LEU A 1 69  ? 1.816   -6.881  -1.656  1.00   12.02 ? 69  LEU A O   1 
ATOM   516  C  CB  . LEU A 1 69  ? 3.508   -4.695  -3.100  1.00   6.88  ? 69  LEU A CB  1 
ATOM   517  C  CG  . LEU A 1 69  ? 3.642   -3.167  -3.402  1.00   17.26 ? 69  LEU A CG  1 
ATOM   518  C  CD1 . LEU A 1 69  ? 3.611   -3.062  -4.932  1.00   14.68 ? 69  LEU A CD1 1 
ATOM   519  C  CD2 . LEU A 1 69  ? 2.387   -2.367  -2.952  1.00   17.94 ? 69  LEU A CD2 1 
ATOM   520  N  N   . THR A 1 70  ? 3.969   -7.189  -0.873  1.00   10.19 ? 70  THR A N   1 
ATOM   521  C  CA  . THR A 1 70  ? 3.706   -8.594  -0.600  1.00   14.17 ? 70  THR A CA  1 
ATOM   522  C  C   . THR A 1 70  ? 2.590   -8.699  0.485   1.00   14.44 ? 70  THR A C   1 
ATOM   523  O  O   . THR A 1 70  ? 1.666   -9.445  0.366   1.00   14.70 ? 70  THR A O   1 
ATOM   524  C  CB  . THR A 1 70  ? 5.019   -9.140  -0.012  1.00   19.92 ? 70  THR A CB  1 
ATOM   525  O  OG1 . THR A 1 70  ? 5.911   -9.254  -1.195  1.00   17.93 ? 70  THR A OG1 1 
ATOM   526  C  CG2 . THR A 1 70  ? 4.843   -10.463 0.727   1.00   16.59 ? 70  THR A CG2 1 
ATOM   527  N  N   . ALA A 1 71  ? 2.718   -7.834  1.499   1.00   15.91 ? 71  ALA A N   1 
ATOM   528  C  CA  . ALA A 1 71  ? 1.704   -7.879  2.542   1.00   14.56 ? 71  ALA A CA  1 
ATOM   529  C  C   . ALA A 1 71  ? 0.368   -7.498  2.006   1.00   13.38 ? 71  ALA A C   1 
ATOM   530  O  O   . ALA A 1 71  ? -0.649  -8.155  2.296   1.00   16.81 ? 71  ALA A O   1 
ATOM   531  C  CB  . ALA A 1 71  ? 2.168   -7.089  3.808   1.00   11.03 ? 71  ALA A CB  1 
ATOM   532  N  N   . LEU A 1 72  ? 0.352   -6.435  1.196   1.00   9.77  ? 72  LEU A N   1 
ATOM   533  C  CA  . LEU A 1 72  ? -0.888  -5.992  0.643   1.00   14.35 ? 72  LEU A CA  1 
ATOM   534  C  C   . LEU A 1 72  ? -1.563  -7.047  -0.226  1.00   15.02 ? 72  LEU A C   1 
ATOM   535  O  O   . LEU A 1 72  ? -2.775  -7.273  -0.196  1.00   11.96 ? 72  LEU A O   1 
ATOM   536  C  CB  . LEU A 1 72  ? -0.648  -4.647  -0.119  1.00   15.77 ? 72  LEU A CB  1 
ATOM   537  C  CG  . LEU A 1 72  ? -1.940  -4.020  -0.666  1.00   19.83 ? 72  LEU A CG  1 
ATOM   538  C  CD1 . LEU A 1 72  ? -2.885  -3.585  0.511   1.00   20.97 ? 72  LEU A CD1 1 
ATOM   539  C  CD2 . LEU A 1 72  ? -1.598  -2.805  -1.556  1.00   21.41 ? 72  LEU A CD2 1 
ATOM   540  N  N   . GLY A 1 73  ? -0.780  -7.746  -1.043  1.00   14.82 ? 73  GLY A N   1 
ATOM   541  C  CA  . GLY A 1 73  ? -1.448  -8.785  -1.923  1.00   10.88 ? 73  GLY A CA  1 
ATOM   542  C  C   . GLY A 1 73  ? -2.024  -9.925  -1.057  1.00   10.24 ? 73  GLY A C   1 
ATOM   543  O  O   . GLY A 1 73  ? -3.090  -10.401 -1.355  1.00   13.70 ? 73  GLY A O   1 
ATOM   544  N  N   . ARG A 1 74  ? -1.410  -10.292 0.037   1.00   13.59 ? 74  ARG A N   1 
ATOM   545  C  CA  . ARG A 1 74  ? -2.069  -11.376 0.870   1.00   18.12 ? 74  ARG A CA  1 
ATOM   546  C  C   . ARG A 1 74  ? -3.370  -10.926 1.433   1.00   19.73 ? 74  ARG A C   1 
ATOM   547  O  O   . ARG A 1 74  ? -4.341  -11.685 1.510   1.00   18.39 ? 74  ARG A O   1 
ATOM   548  C  CB  . ARG A 1 74  ? -1.107  -11.584 2.038   1.00   18.17 ? 74  ARG A CB  1 
ATOM   549  C  CG  . ARG A 1 74  ? 0.222   -12.307 1.540   1.00   37.70 ? 74  ARG A CG  1 
ATOM   550  C  CD  . ARG A 1 74  ? 0.806   -13.079 2.672   1.00   80.00 ? 74  ARG A CD  1 
ATOM   551  N  NE  . ARG A 1 74  ? 1.373   -12.090 3.736   1.00   79.08 ? 74  ARG A NE  1 
ATOM   552  C  CZ  . ARG A 1 74  ? 2.782   -11.973 4.019   1.00   79.29 ? 74  ARG A CZ  1 
ATOM   553  N  NH2 . ARG A 1 74  ? 3.072   -11.064 4.969   1.00   77.43 ? 74  ARG A NH2 1 
ATOM   554  N  N   . ILE A 1 75  ? -3.448  -9.645  1.845   1.00   16.51 ? 75  ILE A N   1 
ATOM   555  C  CA  . ILE A 1 75  ? -4.677  -9.115  2.374   1.00   14.27 ? 75  ILE A CA  1 
ATOM   556  C  C   . ILE A 1 75  ? -5.719  -9.007  1.305   1.00   12.84 ? 75  ILE A C   1 
ATOM   557  O  O   . ILE A 1 75  ? -6.905  -9.357  1.509   1.00   16.59 ? 75  ILE A O   1 
ATOM   558  C  CB  . ILE A 1 75  ? -4.367  -7.675  2.957   1.00   14.92 ? 75  ILE A CB  1 
ATOM   559  C  CG1 . ILE A 1 75  ? -3.640  -7.885  4.291   1.00   13.54 ? 75  ILE A CG1 1 
ATOM   560  C  CG2 . ILE A 1 75  ? -5.689  -6.902  3.040   1.00   17.10 ? 75  ILE A CG2 1 
ATOM   561  C  CD1 . ILE A 1 75  ? -2.687  -6.672  4.618   1.00   19.32 ? 75  ILE A CD1 1 
ATOM   562  N  N   . LEU A 1 76  ? -5.378  -8.484  0.099   1.00   11.92 ? 76  LEU A N   1 
ATOM   563  C  CA  . LEU A 1 76  ? -6.395  -8.371  -0.992  1.00   10.81 ? 76  LEU A CA  1 
ATOM   564  C  C   . LEU A 1 76  ? -6.906  -9.755  -1.348  1.00   12.13 ? 76  LEU A C   1 
ATOM   565  O  O   . LEU A 1 76  ? -8.101  -9.802  -1.674  1.00   13.61 ? 76  LEU A O   1 
ATOM   566  C  CB  . LEU A 1 76  ? -5.750  -7.740  -2.300  1.00   11.26 ? 76  LEU A CB  1 
ATOM   567  C  CG  . LEU A 1 76  ? -5.285  -6.327  -1.963  1.00   13.00 ? 76  LEU A CG  1 
ATOM   568  C  CD1 . LEU A 1 76  ? -4.601  -5.724  -3.152  1.00   12.61 ? 76  LEU A CD1 1 
ATOM   569  C  CD2 . LEU A 1 76  ? -6.543  -5.442  -1.684  1.00   14.63 ? 76  LEU A CD2 1 
ATOM   570  N  N   . LYS A 1 77  ? -6.018  -10.790 -1.315  1.00   13.08 ? 77  LYS A N   1 
ATOM   571  C  CA  . LYS A 1 77  ? -6.434  -12.189 -1.687  1.00   17.12 ? 77  LYS A CA  1 
ATOM   572  C  C   . LYS A 1 77  ? -7.508  -12.785 -0.691  1.00   17.62 ? 77  LYS A C   1 
ATOM   573  O  O   . LYS A 1 77  ? -8.273  -13.640 -1.029  1.00   18.99 ? 77  LYS A O   1 
ATOM   574  C  CB  . LYS A 1 77  ? -5.302  -13.194 -1.816  1.00   15.22 ? 77  LYS A CB  1 
ATOM   575  C  CG  . LYS A 1 77  ? -4.578  -12.679 -2.978  1.00   24.70 ? 77  LYS A CG  1 
ATOM   576  C  CD  . LYS A 1 77  ? -3.143  -13.406 -3.220  1.00   28.13 ? 77  LYS A CD  1 
ATOM   577  C  CE  . LYS A 1 77  ? -2.522  -13.070 -4.652  1.00   17.40 ? 77  LYS A CE  1 
ATOM   578  N  NZ  . LYS A 1 77  ? -1.296  -13.793 -4.731  1.00   19.13 ? 77  LYS A NZ  1 
ATOM   579  N  N   . GLN A 1 78  ? -7.577  -12.263 0.498   1.00   11.92 ? 78  GLN A N   1 
ATOM   580  C  CA  . GLN A 1 78  ? -8.580  -12.755 1.386   1.00   13.17 ? 78  GLN A CA  1 
ATOM   581  C  C   . GLN A 1 78  ? -9.902  -12.029 1.192   1.00   16.27 ? 78  GLN A C   1 
ATOM   582  O  O   . GLN A 1 78  ? -10.921 -12.311 1.886   1.00   17.62 ? 78  GLN A O   1 
ATOM   583  C  CB  . GLN A 1 78  ? -8.139  -12.555 2.816   1.00   14.80 ? 78  GLN A CB  1 
ATOM   584  C  CG  . GLN A 1 78  ? -6.974  -13.433 3.481   1.00   32.85 ? 78  GLN A CG  1 
ATOM   585  C  CD  . GLN A 1 78  ? -7.554  -13.626 5.041   1.00   80.00 ? 78  GLN A CD  1 
ATOM   586  O  OE1 . GLN A 1 78  ? -7.177  -13.011 5.965   1.00   49.06 ? 78  GLN A OE1 1 
ATOM   587  N  N   . LYS A 1 79  ? -10.007 -11.104 0.192   1.00   17.61 ? 79  LYS A N   1 
ATOM   588  C  CA  . LYS A 1 79  ? -11.195 -10.463 -0.143  1.00   16.83 ? 79  LYS A CA  1 
ATOM   589  C  C   . LYS A 1 79  ? -11.878 -9.739  1.083   1.00   22.02 ? 79  LYS A C   1 
ATOM   590  O  O   . LYS A 1 79  ? -11.180 -8.903  1.766   1.00   19.89 ? 79  LYS A O   1 
ATOM   591  C  CB  . LYS A 1 79  ? -12.102 -11.295 -0.963  1.00   14.98 ? 79  LYS A CB  1 
ATOM   592  C  CG  . LYS A 1 79  ? -11.428 -11.929 -2.177  1.00   16.56 ? 79  LYS A CG  1 
ATOM   593  C  CD  . LYS A 1 79  ? -12.483 -12.418 -3.146  1.00   20.25 ? 79  LYS A CD  1 
ATOM   594  C  CE  . LYS A 1 79  ? -13.025 -13.762 -2.726  1.00   41.66 ? 79  LYS A CE  1 
ATOM   595  N  NZ  . LYS A 1 79  ? -14.481 -13.989 -3.226  1.00   45.60 ? 79  LYS A NZ  1 
ATOM   596  N  N   . ASN A 1 80  ? -13.219 -9.981  1.380   1.00   21.48 ? 80  ASN A N   1 
ATOM   597  C  CA  . ASN A 1 80  ? -13.816 -9.253  2.507   1.00   19.60 ? 80  ASN A CA  1 
ATOM   598  C  C   . ASN A 1 80  ? -13.411 -9.756  3.878   1.00   19.99 ? 80  ASN A C   1 
ATOM   599  O  O   . ASN A 1 80  ? -13.460 -9.003  4.826   1.00   24.68 ? 80  ASN A O   1 
ATOM   600  C  CB  . ASN A 1 80  ? -15.327 -9.296  2.397   1.00   17.84 ? 80  ASN A CB  1 
ATOM   601  C  CG  . ASN A 1 80  ? -15.870 -8.476  1.219   1.00   19.35 ? 80  ASN A CG  1 
ATOM   602  O  OD1 . ASN A 1 80  ? -15.373 -7.347  0.858   1.00   20.25 ? 80  ASN A OD1 1 
ATOM   603  N  ND2 . ASN A 1 80  ? -16.890 -9.071  0.588   1.00   20.80 ? 80  ASN A ND2 1 
ATOM   604  N  N   . ASN A 1 81  ? -12.952 -10.929 4.031   1.00   17.75 ? 81  ASN A N   1 
ATOM   605  C  CA  . ASN A 1 81  ? -12.614 -11.439 5.356   1.00   16.93 ? 81  ASN A CA  1 
ATOM   606  C  C   . ASN A 1 81  ? -11.191 -11.494 5.517   1.00   16.06 ? 81  ASN A C   1 
ATOM   607  O  O   . ASN A 1 81  ? -10.574 -12.591 5.372   1.00   16.68 ? 81  ASN A O   1 
ATOM   608  C  CB  . ASN A 1 81  ? -13.210 -12.906 5.200   1.00   18.33 ? 81  ASN A CB  1 
ATOM   609  C  CG  . ASN A 1 81  ? -14.716 -12.821 4.804   1.00   26.80 ? 81  ASN A CG  1 
ATOM   610  O  OD1 . ASN A 1 81  ? -15.156 -13.353 3.884   1.00   40.50 ? 81  ASN A OD1 1 
ATOM   611  N  ND2 . ASN A 1 81  ? -15.489 -12.195 5.593   1.00   39.11 ? 81  ASN A ND2 1 
ATOM   612  N  N   . HIS A 1 82  ? -10.631 -10.388 5.804   1.00   14.01 ? 82  HIS A N   1 
ATOM   613  C  CA  . HIS A 1 82  ? -9.145  -10.315 5.895   1.00   14.63 ? 82  HIS A CA  1 
ATOM   614  C  C   . HIS A 1 82  ? -8.575  -9.995  7.243   1.00   18.79 ? 82  HIS A C   1 
ATOM   615  O  O   . HIS A 1 82  ? -7.438  -9.527  7.419   1.00   19.08 ? 82  HIS A O   1 
ATOM   616  C  CB  . HIS A 1 82  ? -8.671  -9.216  4.878   1.00   14.88 ? 82  HIS A CB  1 
ATOM   617  C  CG  . HIS A 1 82  ? -9.292  -7.862  5.034   1.00   18.10 ? 82  HIS A CG  1 
ATOM   618  N  ND1 . HIS A 1 82  ? -9.585  -7.018  3.934   1.00   18.59 ? 82  HIS A ND1 1 
ATOM   619  C  CD2 . HIS A 1 82  ? -9.687  -7.243  6.187   1.00   18.17 ? 82  HIS A CD2 1 
ATOM   620  C  CE1 . HIS A 1 82  ? -10.150 -5.913  4.388   1.00   21.90 ? 82  HIS A CE1 1 
ATOM   621  N  NE2 . HIS A 1 82  ? -10.254 -5.988  5.780   1.00   20.53 ? 82  HIS A NE2 1 
ATOM   622  N  N   . GLU A 1 83  ? -9.396  -10.269 8.270   1.00   21.59 ? 83  GLU A N   1 
ATOM   623  C  CA  . GLU A 1 83  ? -9.016  -10.034 9.711   1.00   23.99 ? 83  GLU A CA  1 
ATOM   624  C  C   . GLU A 1 83  ? -7.720  -10.414 10.183  1.00   22.80 ? 83  GLU A C   1 
ATOM   625  O  O   . GLU A 1 83  ? -6.946  -9.643  10.679  1.00   21.42 ? 83  GLU A O   1 
ATOM   626  C  CB  . GLU A 1 83  ? -10.109 -10.514 10.657  1.00   26.59 ? 83  GLU A CB  1 
ATOM   627  N  N   . GLN A 1 84  ? -7.451  -11.719 9.991   1.00   22.49 ? 84  GLN A N   1 
ATOM   628  C  CA  . GLN A 1 84  ? -6.280  -12.323 10.435  1.00   22.42 ? 84  GLN A CA  1 
ATOM   629  C  C   . GLN A 1 84  ? -5.056  -11.730 9.741   1.00   23.84 ? 84  GLN A C   1 
ATOM   630  O  O   . GLN A 1 84  ? -3.997  -11.628 10.326  1.00   27.60 ? 84  GLN A O   1 
ATOM   631  C  CB  . GLN A 1 84  ? -6.379  -13.957 10.125  1.00   23.81 ? 84  GLN A CB  1 
ATOM   632  N  N   . GLU A 1 85  ? -5.097  -11.344 8.484   1.00   18.85 ? 85  GLU A N   1 
ATOM   633  C  CA  . GLU A 1 85  ? -3.894  -10.875 7.965   1.00   18.53 ? 85  GLU A CA  1 
ATOM   634  C  C   . GLU A 1 85  ? -3.727  -9.464  8.326   1.00   17.08 ? 85  GLU A C   1 
ATOM   635  O  O   . GLU A 1 85  ? -2.626  -9.040  8.466   1.00   25.82 ? 85  GLU A O   1 
ATOM   636  C  CB  . GLU A 1 85  ? -3.984  -10.866 6.294   1.00   22.41 ? 85  GLU A CB  1 
ATOM   637  C  CG  . GLU A 1 85  ? -3.961  -12.285 5.700   1.00   37.56 ? 85  GLU A CG  1 
ATOM   638  C  CD  . GLU A 1 85  ? -2.559  -12.909 5.816   1.00   44.77 ? 85  GLU A CD  1 
ATOM   639  O  OE1 . GLU A 1 85  ? -1.431  -12.246 5.800   1.00   42.07 ? 85  GLU A OE1 1 
ATOM   640  O  OE2 . GLU A 1 85  ? -2.605  -14.207 5.927   1.00   45.64 ? 85  GLU A OE2 1 
ATOM   641  N  N   . LEU A 1 86  ? -4.748  -8.768  8.447   1.00   15.38 ? 86  LEU A N   1 
ATOM   642  C  CA  . LEU A 1 86  ? -4.638  -7.367  8.778   1.00   21.61 ? 86  LEU A CA  1 
ATOM   643  C  C   . LEU A 1 86  ? -4.170  -7.075  10.259  1.00   22.46 ? 86  LEU A C   1 
ATOM   644  O  O   . LEU A 1 86  ? -3.390  -6.132  10.518  1.00   19.85 ? 86  LEU A O   1 
ATOM   645  C  CB  . LEU A 1 86  ? -6.070  -6.834  8.554   1.00   24.83 ? 86  LEU A CB  1 
ATOM   646  C  CG  . LEU A 1 86  ? -6.252  -5.492  7.841   1.00   38.09 ? 86  LEU A CG  1 
ATOM   647  C  CD1 . LEU A 1 86  ? -7.576  -5.026  7.688   1.00   36.02 ? 86  LEU A CD1 1 
ATOM   648  C  CD2 . LEU A 1 86  ? -5.662  -4.580  8.783   1.00   40.40 ? 86  LEU A CD2 1 
ATOM   649  N  N   . LYS A 1 87  ? -4.695  -7.828  11.253  1.00   24.03 ? 87  LYS A N   1 
ATOM   650  C  CA  . LYS A 1 87  ? -4.349  -7.595  12.602  1.00   25.96 ? 87  LYS A CA  1 
ATOM   651  C  C   . LYS A 1 87  ? -2.833  -7.284  12.971  1.00   21.75 ? 87  LYS A C   1 
ATOM   652  O  O   . LYS A 1 87  ? -2.520  -6.295  13.616  1.00   18.93 ? 87  LYS A O   1 
ATOM   653  C  CB  . LYS A 1 87  ? -4.935  -8.585  13.594  1.00   28.37 ? 87  LYS A CB  1 
ATOM   654  N  N   . PRO A 1 88  ? -1.927  -8.121  12.573  1.00   18.61 ? 88  PRO A N   1 
ATOM   655  C  CA  . PRO A 1 88  ? -0.602  -7.872  12.918  1.00   19.72 ? 88  PRO A CA  1 
ATOM   656  C  C   . PRO A 1 88  ? -0.012  -6.646  12.239  1.00   17.64 ? 88  PRO A C   1 
ATOM   657  O  O   . PRO A 1 88  ? 0.964   -6.034  12.831  1.00   17.54 ? 88  PRO A O   1 
ATOM   658  C  CB  . PRO A 1 88  ? 0.244   -9.110  12.350  1.00   21.89 ? 88  PRO A CB  1 
ATOM   659  C  CG  . PRO A 1 88  ? -0.916  -10.132 12.174  1.00   19.57 ? 88  PRO A CG  1 
ATOM   660  C  CD  . PRO A 1 88  ? -2.138  -9.408  11.919  1.00   17.41 ? 88  PRO A CD  1 
ATOM   661  N  N   . LEU A 1 89  ? -0.612  -6.211  11.114  1.00   13.80 ? 89  LEU A N   1 
ATOM   662  C  CA  . LEU A 1 89  ? -0.152  -5.016  10.424  1.00   13.51 ? 89  LEU A CA  1 
ATOM   663  C  C   . LEU A 1 89  ? -0.623  -3.775  11.175  1.00   15.00 ? 89  LEU A C   1 
ATOM   664  O  O   . LEU A 1 89  ? 0.084   -2.730  11.364  1.00   13.61 ? 89  LEU A O   1 
ATOM   665  C  CB  . LEU A 1 89  ? -0.802  -5.010  9.031   1.00   13.76 ? 89  LEU A CB  1 
ATOM   666  C  CG  . LEU A 1 89  ? 0.051   -4.154  8.014   1.00   32.44 ? 89  LEU A CG  1 
ATOM   667  C  CD1 . LEU A 1 89  ? 1.195   -4.850  7.575   1.00   29.46 ? 89  LEU A CD1 1 
ATOM   668  C  CD2 . LEU A 1 89  ? -0.885  -3.979  6.822   1.00   30.37 ? 89  LEU A CD2 1 
ATOM   669  N  N   . ALA A 1 90  ? -1.853  -3.888  11.543  1.00   16.11 ? 90  ALA A N   1 
ATOM   670  C  CA  . ALA A 1 90  ? -2.486  -2.790  12.308  1.00   17.33 ? 90  ALA A CA  1 
ATOM   671  C  C   . ALA A 1 90  ? -1.692  -2.715  13.647  1.00   20.13 ? 90  ALA A C   1 
ATOM   672  O  O   . ALA A 1 90  ? -1.324  -1.633  14.109  1.00   21.11 ? 90  ALA A O   1 
ATOM   673  C  CB  . ALA A 1 90  ? -3.963  -3.108  12.501  1.00   14.84 ? 90  ALA A CB  1 
ATOM   674  N  N   . GLU A 1 91  ? -1.354  -3.801  14.240  1.00   19.64 ? 91  GLU A N   1 
ATOM   675  C  CA  . GLU A 1 91  ? -0.603  -3.760  15.503  1.00   17.02 ? 91  GLU A CA  1 
ATOM   676  C  C   . GLU A 1 91  ? 0.725   -3.091  15.350  1.00   20.05 ? 91  GLU A C   1 
ATOM   677  O  O   . GLU A 1 91  ? 1.114   -2.230  16.217  1.00   21.26 ? 91  GLU A O   1 
ATOM   678  C  CB  . GLU A 1 91  ? -0.317  -5.180  15.956  1.00   15.41 ? 91  GLU A CB  1 
ATOM   679  C  CG  . GLU A 1 91  ? 0.187   -5.266  17.373  1.00   19.40 ? 91  GLU A CG  1 
ATOM   680  C  CD  . GLU A 1 91  ? 0.558   -6.645  17.915  1.00   33.79 ? 91  GLU A CD  1 
ATOM   681  O  OE1 . GLU A 1 91  ? -0.407  -7.570  18.024  1.00   44.04 ? 91  GLU A OE1 1 
ATOM   682  O  OE2 . GLU A 1 91  ? 1.705   -6.749  18.317  1.00   43.22 ? 91  GLU A OE2 1 
ATOM   683  N  N   . SER A 1 92  ? 1.509   -3.432  14.328  1.00   17.59 ? 92  SER A N   1 
ATOM   684  C  CA  . SER A 1 92  ? 2.797   -2.791  14.258  1.00   13.74 ? 92  SER A CA  1 
ATOM   685  C  C   . SER A 1 92  ? 2.762   -1.390  13.852  1.00   13.66 ? 92  SER A C   1 
ATOM   686  O  O   . SER A 1 92  ? 3.524   -0.510  14.324  1.00   20.86 ? 92  SER A O   1 
ATOM   687  C  CB  . SER A 1 92  ? 3.724   -3.585  13.286  1.00   12.50 ? 92  SER A CB  1 
ATOM   688  O  OG  . SER A 1 92  ? 3.073   -3.522  12.021  1.00   18.55 ? 92  SER A OG  1 
ATOM   689  N  N   . HIS A 1 93  ? 1.814   -1.051  12.976  1.00   13.13 ? 93  HIS A N   1 
ATOM   690  C  CA  . HIS A 1 93  ? 1.655   0.332   12.513  1.00   14.53 ? 93  HIS A CA  1 
ATOM   691  C  C   . HIS A 1 93  ? 1.056   1.279   13.609  1.00   17.02 ? 93  HIS A C   1 
ATOM   692  O  O   . HIS A 1 93  ? 1.333   2.536   13.635  1.00   17.05 ? 93  HIS A O   1 
ATOM   693  C  CB  . HIS A 1 93  ? 0.862   0.359   11.129  1.00   14.45 ? 93  HIS A CB  1 
ATOM   694  C  CG  . HIS A 1 93  ? 1.775   -0.175  10.087  1.00   20.84 ? 93  HIS A CG  1 
ATOM   695  N  ND1 . HIS A 1 93  ? 2.294   -1.460  10.038  1.00   22.65 ? 93  HIS A ND1 1 
ATOM   696  C  CD2 . HIS A 1 93  ? 2.360   0.513   8.968   1.00   18.63 ? 93  HIS A CD2 1 
ATOM   697  C  CE1 . HIS A 1 93  ? 3.216   -1.508  8.974   1.00   21.52 ? 93  HIS A CE1 1 
ATOM   698  N  NE2 . HIS A 1 93  ? 3.271   -0.327  8.364   1.00   19.51 ? 93  HIS A NE2 1 
ATOM   699  N  N   . ALA A 1 94  ? 0.279   0.679   14.487  1.00   16.54 ? 94  ALA A N   1 
ATOM   700  C  CA  . ALA A 1 94  ? -0.341  1.484   15.636  1.00   17.36 ? 94  ALA A CA  1 
ATOM   701  C  C   . ALA A 1 94  ? 0.724   1.637   16.823  1.00   22.09 ? 94  ALA A C   1 
ATOM   702  O  O   . ALA A 1 94  ? 0.976   2.779   17.222  1.00   27.55 ? 94  ALA A O   1 
ATOM   703  C  CB  . ALA A 1 94  ? -1.660  0.863   16.165  1.00   10.32 ? 94  ALA A CB  1 
ATOM   704  N  N   . THR A 1 95  ? 1.364   0.541   17.306  1.00   17.94 ? 95  THR A N   1 
ATOM   705  C  CA  . THR A 1 95  ? 2.248   0.599   18.399  1.00   19.35 ? 95  THR A CA  1 
ATOM   706  C  C   . THR A 1 95  ? 3.681   0.846   18.136  1.00   23.70 ? 95  THR A C   1 
ATOM   707  O  O   . THR A 1 95  ? 4.394   1.464   19.021  1.00   24.77 ? 95  THR A O   1 
ATOM   708  C  CB  . THR A 1 95  ? 2.136   -0.704  19.296  1.00   17.66 ? 95  THR A CB  1 
ATOM   709  O  OG1 . THR A 1 95  ? 2.775   -1.721  18.485  1.00   20.85 ? 95  THR A OG1 1 
ATOM   710  C  CG2 . THR A 1 95  ? 0.689   -1.059  19.554  1.00   18.82 ? 95  THR A CG2 1 
ATOM   711  N  N   . LYS A 1 96  ? 4.230   0.418   16.972  1.00   22.10 ? 96  LYS A N   1 
ATOM   712  C  CA  . LYS A 1 96  ? 5.658   0.698   16.752  1.00   18.84 ? 96  LYS A CA  1 
ATOM   713  C  C   . LYS A 1 96  ? 5.950   1.807   15.857  1.00   20.42 ? 96  LYS A C   1 
ATOM   714  O  O   . LYS A 1 96  ? 6.662   2.755   16.189  1.00   23.32 ? 96  LYS A O   1 
ATOM   715  C  CB  . LYS A 1 96  ? 6.404   -0.496  16.207  1.00   20.72 ? 96  LYS A CB  1 
ATOM   716  C  CG  . LYS A 1 96  ? 6.658   -1.593  17.369  1.00   41.86 ? 96  LYS A CG  1 
ATOM   717  N  N   . HIS A 1 97  ? 5.411   1.806   14.667  1.00   22.16 ? 97  HIS A N   1 
ATOM   718  C  CA  . HIS A 1 97  ? 5.713   2.853   13.733  1.00   22.34 ? 97  HIS A CA  1 
ATOM   719  C  C   . HIS A 1 97  ? 4.806   4.139   13.959  1.00   23.13 ? 97  HIS A C   1 
ATOM   720  O  O   . HIS A 1 97  ? 5.289   5.256   13.600  1.00   24.71 ? 97  HIS A O   1 
ATOM   721  C  CB  . HIS A 1 97  ? 5.570   2.314   12.309  1.00   18.80 ? 97  HIS A CB  1 
ATOM   722  C  CG  . HIS A 1 97  ? 6.095   0.944   12.166  1.00   16.02 ? 97  HIS A CG  1 
ATOM   723  N  ND1 . HIS A 1 97  ? 7.412   0.573   12.495  1.00   20.12 ? 97  HIS A ND1 1 
ATOM   724  C  CD2 . HIS A 1 97  ? 5.439   -0.163  11.660  1.00   13.71 ? 97  HIS A CD2 1 
ATOM   725  C  CE1 . HIS A 1 97  ? 7.562   -0.789  12.181  1.00   18.85 ? 97  HIS A CE1 1 
ATOM   726  N  NE2 . HIS A 1 97  ? 6.404   -1.215  11.684  1.00   16.32 ? 97  HIS A NE2 1 
ATOM   727  N  N   . LYS A 1 98  ? 3.586   3.989   14.482  1.00   17.23 ? 98  LYS A N   1 
ATOM   728  C  CA  . LYS A 1 98  ? 2.735   5.065   14.710  1.00   15.52 ? 98  LYS A CA  1 
ATOM   729  C  C   . LYS A 1 98  ? 2.344   5.830   13.509  1.00   17.69 ? 98  LYS A C   1 
ATOM   730  O  O   . LYS A 1 98  ? 2.567   7.054   13.405  1.00   20.16 ? 98  LYS A O   1 
ATOM   731  C  CB  . LYS A 1 98  ? 3.433   6.026   15.712  1.00   18.40 ? 98  LYS A CB  1 
ATOM   732  C  CG  . LYS A 1 98  ? 3.591   5.418   17.091  1.00   26.96 ? 98  LYS A CG  1 
ATOM   733  N  N   . ILE A 1 99  ? 1.734   5.210   12.519  1.00   17.09 ? 99  ILE A N   1 
ATOM   734  C  CA  . ILE A 1 99  ? 1.355   5.907   11.342  1.00   15.02 ? 99  ILE A CA  1 
ATOM   735  C  C   . ILE A 1 99  ? -0.062  6.323   11.219  1.00   16.34 ? 99  ILE A C   1 
ATOM   736  O  O   . ILE A 1 99  ? -0.995  5.455   11.128  1.00   18.11 ? 99  ILE A O   1 
ATOM   737  C  CB  . ILE A 1 99  ? 1.633   4.858   10.186  1.00   19.66 ? 99  ILE A CB  1 
ATOM   738  C  CG1 . ILE A 1 99  ? 3.218   4.617   10.216  1.00   16.90 ? 99  ILE A CG1 1 
ATOM   739  C  CG2 . ILE A 1 99  ? 1.060   5.288   8.770   1.00   13.91 ? 99  ILE A CG2 1 
ATOM   740  C  CD1 . ILE A 1 99  ? 3.394   3.376   10.816  1.00   29.88 ? 99  ILE A CD1 1 
ATOM   741  N  N   . PRO A 1 100 ? -0.320  7.659   11.129  1.00   16.84 ? 100 PRO A N   1 
ATOM   742  C  CA  . PRO A 1 100 ? -1.674  8.166   11.012  1.00   19.17 ? 100 PRO A CA  1 
ATOM   743  C  C   . PRO A 1 100 ? -2.403  7.659   9.787   1.00   20.85 ? 100 PRO A C   1 
ATOM   744  O  O   . PRO A 1 100 ? -1.786  7.281   8.738   1.00   18.35 ? 100 PRO A O   1 
ATOM   745  C  CB  . PRO A 1 100 ? -1.603  9.622   10.915  1.00   18.34 ? 100 PRO A CB  1 
ATOM   746  C  CG  . PRO A 1 100 ? -0.175  9.898   10.568  1.00   19.19 ? 100 PRO A CG  1 
ATOM   747  C  CD  . PRO A 1 100 ? 0.667   8.735   11.060  1.00   18.03 ? 100 PRO A CD  1 
ATOM   748  N  N   . VAL A 1 101 ? -3.743  7.624   9.817   1.00   20.82 ? 101 VAL A N   1 
ATOM   749  C  CA  . VAL A 1 101 ? -4.586  7.169   8.732   1.00   22.88 ? 101 VAL A CA  1 
ATOM   750  C  C   . VAL A 1 101 ? -4.380  8.011   7.460   1.00   22.48 ? 101 VAL A C   1 
ATOM   751  O  O   . VAL A 1 101 ? -4.466  7.551   6.364   1.00   18.45 ? 101 VAL A O   1 
ATOM   752  C  CB  . VAL A 1 101 ? -6.124  7.104   9.154   1.00   23.26 ? 101 VAL A CB  1 
ATOM   753  C  CG1 . VAL A 1 101 ? -7.051  6.781   7.979   1.00   22.54 ? 101 VAL A CG1 1 
ATOM   754  C  CG2 . VAL A 1 101 ? -6.359  6.071   10.279  1.00   25.19 ? 101 VAL A CG2 1 
ATOM   755  N  N   . LYS A 1 102 ? -4.132  9.365   7.673   1.00   21.41 ? 102 LYS A N   1 
ATOM   756  C  CA  . LYS A 1 102 ? -3.862  10.244  6.538   1.00   18.18 ? 102 LYS A CA  1 
ATOM   757  C  C   . LYS A 1 102 ? -2.645  9.736   5.715   1.00   13.97 ? 102 LYS A C   1 
ATOM   758  O  O   . LYS A 1 102 ? -2.641  9.775   4.489   1.00   20.18 ? 102 LYS A O   1 
ATOM   759  C  CB  . LYS A 1 102 ? -3.400  11.611  7.133   1.00   22.62 ? 102 LYS A CB  1 
ATOM   760  C  CG  . LYS A 1 102 ? -3.184  12.786  6.160   1.00   33.28 ? 102 LYS A CG  1 
ATOM   761  N  N   . TYR A 1 103 ? -1.614  9.222   6.375   1.00   14.43 ? 103 TYR A N   1 
ATOM   762  C  CA  . TYR A 1 103 ? -0.483  8.630   5.645   1.00   12.59 ? 103 TYR A CA  1 
ATOM   763  C  C   . TYR A 1 103 ? -0.889  7.368   4.957   1.00   16.93 ? 103 TYR A C   1 
ATOM   764  O  O   . TYR A 1 103 ? -0.341  7.058   3.892   1.00   17.92 ? 103 TYR A O   1 
ATOM   765  C  CB  . TYR A 1 103 ? 0.707   8.307   6.526   1.00   13.79 ? 103 TYR A CB  1 
ATOM   766  C  CG  . TYR A 1 103 ? 1.428   9.537   7.024   1.00   15.14 ? 103 TYR A CG  1 
ATOM   767  C  CD1 . TYR A 1 103 ? 0.929   10.814  6.683   1.00   17.08 ? 103 TYR A CD1 1 
ATOM   768  C  CD2 . TYR A 1 103 ? 2.568   9.359   7.816   1.00   16.12 ? 103 TYR A CD2 1 
ATOM   769  C  CE1 . TYR A 1 103 ? 1.584   11.943  7.168   1.00   20.36 ? 103 TYR A CE1 1 
ATOM   770  C  CE2 . TYR A 1 103 ? 3.237   10.492  8.309   1.00   19.05 ? 103 TYR A CE2 1 
ATOM   771  C  CZ  . TYR A 1 103 ? 2.714   11.746  7.953   1.00   23.87 ? 103 TYR A CZ  1 
ATOM   772  O  OH  . TYR A 1 103 ? 3.376   12.905  8.425   1.00   29.11 ? 103 TYR A OH  1 
ATOM   773  N  N   . LEU A 1 104 ? -1.860  6.619   5.521   1.00   17.55 ? 104 LEU A N   1 
ATOM   774  C  CA  . LEU A 1 104 ? -2.362  5.407   4.869   1.00   18.04 ? 104 LEU A CA  1 
ATOM   775  C  C   . LEU A 1 104 ? -3.102  5.808   3.617   1.00   16.94 ? 104 LEU A C   1 
ATOM   776  O  O   . LEU A 1 104 ? -2.989  5.144   2.548   1.00   14.33 ? 104 LEU A O   1 
ATOM   777  C  CB  . LEU A 1 104 ? -3.350  4.560   5.742   1.00   17.58 ? 104 LEU A CB  1 
ATOM   778  C  CG  . LEU A 1 104 ? -2.729  3.931   6.981   1.00   20.89 ? 104 LEU A CG  1 
ATOM   779  C  CD1 . LEU A 1 104 ? -3.758  3.042   7.790   1.00   14.82 ? 104 LEU A CD1 1 
ATOM   780  C  CD2 . LEU A 1 104 ? -1.482  3.079   6.705   1.00   12.96 ? 104 LEU A CD2 1 
ATOM   781  N  N   . GLU A 1 105 ? -3.855  6.876   3.618   1.00   16.55 ? 105 GLU A N   1 
ATOM   782  C  CA  . GLU A 1 105 ? -4.566  7.197   2.378   1.00   18.01 ? 105 GLU A CA  1 
ATOM   783  C  C   . GLU A 1 105 ? -3.614  7.706   1.269   1.00   12.06 ? 105 GLU A C   1 
ATOM   784  O  O   . GLU A 1 105 ? -3.900  7.555   0.106   1.00   11.33 ? 105 GLU A O   1 
ATOM   785  C  CB  . GLU A 1 105 ? -5.844  8.069   2.653   1.00   23.02 ? 105 GLU A CB  1 
ATOM   786  C  CG  . GLU A 1 105 ? -5.544  9.406   2.885   1.00   77.81 ? 105 GLU A CG  1 
ATOM   787  C  CD  . GLU A 1 105 ? -6.875  10.060  3.595   1.00   80.00 ? 105 GLU A CD  1 
ATOM   788  O  OE1 . GLU A 1 105 ? -7.640  9.614   4.400   1.00   55.64 ? 105 GLU A OE1 1 
ATOM   789  O  OE2 . GLU A 1 105 ? -7.003  11.261  3.143   1.00   59.40 ? 105 GLU A OE2 1 
ATOM   790  N  N   . PHE A 1 106 ? -2.559  8.360   1.729   1.00   15.07 ? 106 PHE A N   1 
ATOM   791  C  CA  . PHE A 1 106 ? -1.510  8.851   0.789   1.00   17.75 ? 106 PHE A CA  1 
ATOM   792  C  C   . PHE A 1 106 ? -0.881  7.565   -0.005  1.00   17.93 ? 106 PHE A C   1 
ATOM   793  O  O   . PHE A 1 106 ? -0.765  7.566   -1.259  1.00   17.02 ? 106 PHE A O   1 
ATOM   794  C  CB  . PHE A 1 106 ? -0.316  9.458   1.515   1.00   13.00 ? 106 PHE A CB  1 
ATOM   795  C  CG  . PHE A 1 106 ? -0.577  10.946  2.012   1.00   20.83 ? 106 PHE A CG  1 
ATOM   796  C  CD1 . PHE A 1 106 ? -1.578  11.691  1.547   1.00   17.30 ? 106 PHE A CD1 1 
ATOM   797  C  CD2 . PHE A 1 106 ? 0.264   11.461  3.021   1.00   21.08 ? 106 PHE A CD2 1 
ATOM   798  C  CE1 . PHE A 1 106 ? -1.761  13.012  2.085   1.00   16.31 ? 106 PHE A CE1 1 
ATOM   799  C  CE2 . PHE A 1 106 ? 0.107   12.769  3.523   1.00   17.17 ? 106 PHE A CE2 1 
ATOM   800  C  CZ  . PHE A 1 106 ? -0.950  13.501  3.062   1.00   13.21 ? 106 PHE A CZ  1 
ATOM   801  N  N   . ILE A 1 107 ? -0.473  6.559   0.722   1.00   12.92 ? 107 ILE A N   1 
ATOM   802  C  CA  . ILE A 1 107 ? 0.099   5.408   0.027   1.00   13.55 ? 107 ILE A CA  1 
ATOM   803  C  C   . ILE A 1 107 ? -0.880  4.731   -0.878  1.00   11.92 ? 107 ILE A C   1 
ATOM   804  O  O   . ILE A 1 107 ? -0.545  4.315   -1.911  1.00   15.24 ? 107 ILE A O   1 
ATOM   805  C  CB  . ILE A 1 107 ? 0.926   4.535   0.966   1.00   13.95 ? 107 ILE A CB  1 
ATOM   806  C  CG1 . ILE A 1 107 ? 1.893   3.668   0.177   1.00   9.96  ? 107 ILE A CG1 1 
ATOM   807  C  CG2 . ILE A 1 107 ? 0.008   3.676   1.827   1.00   15.47 ? 107 ILE A CG2 1 
ATOM   808  C  CD1 . ILE A 1 107 ? 3.017   2.953   0.992   1.00   9.41  ? 107 ILE A CD1 1 
ATOM   809  N  N   . CYS A 1 108 ? -2.143  4.669   -0.484  1.00   9.99  ? 108 CYS A N   1 
ATOM   810  C  CA  . CYS A 1 108 ? -3.210  4.086   -1.259  1.00   12.34 ? 108 CYS A CA  1 
ATOM   811  C  C   . CYS A 1 108 ? -3.352  4.728   -2.564  1.00   17.47 ? 108 CYS A C   1 
ATOM   812  O  O   . CYS A 1 108 ? -3.575  4.107   -3.654  1.00   15.29 ? 108 CYS A O   1 
ATOM   813  C  CB  . CYS A 1 108 ? -4.583  3.968   -0.535  1.00   12.06 ? 108 CYS A CB  1 
ATOM   814  S  SG  . CYS A 1 108 ? -4.433  2.720   0.886   1.00   17.40 ? 108 CYS A SG  1 
ATOM   815  N  N   . GLU A 1 109 ? -3.342  6.077   -2.543  1.00   18.72 ? 109 GLU A N   1 
ATOM   816  C  CA  . GLU A 1 109 ? -3.492  6.791   -3.786  1.00   21.59 ? 109 GLU A CA  1 
ATOM   817  C  C   . GLU A 1 109 ? -2.250  6.579   -4.715  1.00   19.88 ? 109 GLU A C   1 
ATOM   818  O  O   . GLU A 1 109 ? -2.404  6.506   -5.946  1.00   17.25 ? 109 GLU A O   1 
ATOM   819  C  CB  . GLU A 1 109 ? -3.781  8.266   -3.555  1.00   23.04 ? 109 GLU A CB  1 
ATOM   820  C  CG  . GLU A 1 109 ? -2.717  9.016   -2.842  1.00   80.00 ? 109 GLU A CG  1 
ATOM   821  N  N   . ILE A 1 110 ? -1.059  6.547   -4.113  1.00   18.10 ? 110 ILE A N   1 
ATOM   822  C  CA  . ILE A 1 110 ? 0.069   6.347   -4.881  1.00   17.72 ? 110 ILE A CA  1 
ATOM   823  C  C   . ILE A 1 110 ? 0.031   4.926   -5.486  1.00   21.40 ? 110 ILE A C   1 
ATOM   824  O  O   . ILE A 1 110 ? 0.451   4.750   -6.650  1.00   22.98 ? 110 ILE A O   1 
ATOM   825  C  CB  . ILE A 1 110 ? 1.325   6.574   -4.134  1.00   19.57 ? 110 ILE A CB  1 
ATOM   826  C  CG1 . ILE A 1 110 ? 1.595   8.144   -4.084  1.00   17.40 ? 110 ILE A CG1 1 
ATOM   827  C  CG2 . ILE A 1 110 ? 2.558   5.916   -4.767  1.00   13.66 ? 110 ILE A CG2 1 
ATOM   828  C  CD1 . ILE A 1 110 ? 1.644   8.647   -2.726  1.00   31.25 ? 110 ILE A CD1 1 
ATOM   829  N  N   . ILE A 1 111 ? -0.456  3.852   -4.854  1.00   18.87 ? 111 ILE A N   1 
ATOM   830  C  CA  . ILE A 1 111 ? -0.516  2.427   -5.394  1.00   15.24 ? 111 ILE A CA  1 
ATOM   831  C  C   . ILE A 1 111 ? -1.425  2.429   -6.641  1.00   15.03 ? 111 ILE A C   1 
ATOM   832  O  O   . ILE A 1 111 ? -1.118  1.896   -7.735  1.00   15.17 ? 111 ILE A O   1 
ATOM   833  C  CB  . ILE A 1 111 ? -1.047  1.447   -4.350  1.00   15.97 ? 111 ILE A CB  1 
ATOM   834  C  CG1 . ILE A 1 111 ? 0.061   1.198   -3.263  1.00   15.03 ? 111 ILE A CG1 1 
ATOM   835  C  CG2 . ILE A 1 111 ? -1.600  0.158   -4.971  1.00   13.26 ? 111 ILE A CG2 1 
ATOM   836  C  CD1 . ILE A 1 111 ? -0.422  0.735   -1.944  1.00   16.15 ? 111 ILE A CD1 1 
ATOM   837  N  N   . VAL A 1 112 ? -2.567  3.071   -6.522  1.00   12.60 ? 112 VAL A N   1 
ATOM   838  C  CA  . VAL A 1 112 ? -3.448  3.108   -7.654  1.00   15.95 ? 112 VAL A CA  1 
ATOM   839  C  C   . VAL A 1 112 ? -2.781  3.865   -8.837  1.00   19.78 ? 112 VAL A C   1 
ATOM   840  O  O   . VAL A 1 112 ? -2.836  3.419   -9.995  1.00   22.25 ? 112 VAL A O   1 
ATOM   841  C  CB  . VAL A 1 112 ? -4.752  3.853   -7.233  1.00   17.69 ? 112 VAL A CB  1 
ATOM   842  C  CG1 . VAL A 1 112 ? -5.633  4.050   -8.526  1.00   24.19 ? 112 VAL A CG1 1 
ATOM   843  C  CG2 . VAL A 1 112 ? -5.545  2.902   -6.270  1.00   23.81 ? 112 VAL A CG2 1 
ATOM   844  N  N   . LYS A 1 113 ? -2.157  5.058   -8.578  1.00   18.33 ? 113 LYS A N   1 
ATOM   845  C  CA  . LYS A 1 113 ? -1.471  5.851   -9.607  1.00   16.81 ? 113 LYS A CA  1 
ATOM   846  C  C   . LYS A 1 113 ? -0.378  4.976   -10.287 1.00   17.17 ? 113 LYS A C   1 
ATOM   847  O  O   . LYS A 1 113 ? -0.276  4.855   -11.511 1.00   18.72 ? 113 LYS A O   1 
ATOM   848  C  CB  . LYS A 1 113 ? -0.772  7.045   -8.903  1.00   18.08 ? 113 LYS A CB  1 
ATOM   849  N  N   . VAL A 1 114 ? 0.461   4.354   -9.506  1.00   18.62 ? 114 VAL A N   1 
ATOM   850  C  CA  . VAL A 1 114 ? 1.562   3.455   -10.083 1.00   22.79 ? 114 VAL A CA  1 
ATOM   851  C  C   . VAL A 1 114 ? 1.013   2.339   -11.003 1.00   20.74 ? 114 VAL A C   1 
ATOM   852  O  O   . VAL A 1 114 ? 1.529   2.088   -12.074 1.00   21.03 ? 114 VAL A O   1 
ATOM   853  C  CB  . VAL A 1 114 ? 2.495   2.945   -8.944  1.00   24.30 ? 114 VAL A CB  1 
ATOM   854  C  CG1 . VAL A 1 114 ? 3.524   1.889   -9.435  1.00   17.23 ? 114 VAL A CG1 1 
ATOM   855  C  CG2 . VAL A 1 114 ? 3.201   4.106   -8.168  1.00   14.85 ? 114 VAL A CG2 1 
ATOM   856  N  N   . ILE A 1 115 ? -0.065  1.668   -10.545 1.00   16.05 ? 115 ILE A N   1 
ATOM   857  C  CA  . ILE A 1 115 ? -0.552  0.601   -11.354 1.00   14.93 ? 115 ILE A CA  1 
ATOM   858  C  C   . ILE A 1 115 ? -1.151  1.137   -12.649 1.00   16.58 ? 115 ILE A C   1 
ATOM   859  O  O   . ILE A 1 115 ? -1.026  0.527   -13.714 1.00   17.26 ? 115 ILE A O   1 
ATOM   860  C  CB  . ILE A 1 115 ? -1.559  -0.210  -10.484 1.00   16.88 ? 115 ILE A CB  1 
ATOM   861  C  CG1 . ILE A 1 115 ? -0.975  -0.906  -9.315  1.00   12.70 ? 115 ILE A CG1 1 
ATOM   862  C  CG2 . ILE A 1 115 ? -2.425  -1.183  -11.391 1.00   17.03 ? 115 ILE A CG2 1 
ATOM   863  C  CD1 . ILE A 1 115 ? -2.072  -1.598  -8.470  1.00   18.56 ? 115 ILE A CD1 1 
ATOM   864  N  N   . ALA A 1 116 ? -1.840  2.270   -12.556 1.00   14.03 ? 116 ALA A N   1 
ATOM   865  C  CA  . ALA A 1 116 ? -2.473  2.838   -13.647 1.00   16.62 ? 116 ALA A CA  1 
ATOM   866  C  C   . ALA A 1 116 ? -1.379  3.216   -14.677 1.00   23.73 ? 116 ALA A C   1 
ATOM   867  O  O   . ALA A 1 116 ? -1.505  2.952   -15.902 1.00   28.47 ? 116 ALA A O   1 
ATOM   868  C  CB  . ALA A 1 116 ? -3.334  4.083   -13.304 1.00   17.44 ? 116 ALA A CB  1 
ATOM   869  N  N   . GLU A 1 117 ? -0.310  3.774   -14.197 1.00   22.87 ? 117 GLU A N   1 
ATOM   870  C  CA  . GLU A 1 117 ? 0.734   4.142   -15.067 1.00   24.58 ? 117 GLU A CA  1 
ATOM   871  C  C   . GLU A 1 117 ? 1.372   2.867   -15.768 1.00   25.28 ? 117 GLU A C   1 
ATOM   872  O  O   . GLU A 1 117 ? 1.636   2.889   -17.002 1.00   26.21 ? 117 GLU A O   1 
ATOM   873  C  CB  . GLU A 1 117 ? 1.940   4.790   -14.177 1.00   24.22 ? 117 GLU A CB  1 
ATOM   874  C  CG  . GLU A 1 117 ? 2.393   6.042   -14.584 1.00   65.13 ? 117 GLU A CG  1 
ATOM   875  C  CD  . GLU A 1 117 ? 3.385   6.630   -13.609 1.00   80.00 ? 117 GLU A CD  1 
ATOM   876  O  OE1 . GLU A 1 117 ? 3.065   7.193   -12.442 1.00   74.52 ? 117 GLU A OE1 1 
ATOM   877  O  OE2 . GLU A 1 117 ? 4.648   6.543   -14.046 1.00   77.34 ? 117 GLU A OE2 1 
ATOM   878  N  N   . LYS A 1 118 ? 1.592   1.850   -15.023 1.00   23.82 ? 118 LYS A N   1 
ATOM   879  C  CA  . LYS A 1 118 ? 2.194   0.670   -15.542 1.00   23.53 ? 118 LYS A CA  1 
ATOM   880  C  C   . LYS A 1 118 ? 1.248   -0.345  -16.353 1.00   21.29 ? 118 LYS A C   1 
ATOM   881  O  O   . LYS A 1 118 ? 1.766   -1.239  -16.985 1.00   19.47 ? 118 LYS A O   1 
ATOM   882  C  CB  . LYS A 1 118 ? 2.991   -0.022  -14.506 1.00   22.90 ? 118 LYS A CB  1 
ATOM   883  C  CG  . LYS A 1 118 ? 4.117   0.741   -13.974 1.00   20.79 ? 118 LYS A CG  1 
ATOM   884  C  CD  . LYS A 1 118 ? 4.890   -0.152  -13.029 1.00   42.67 ? 118 LYS A CD  1 
ATOM   885  C  CE  . LYS A 1 118 ? 6.501   0.033   -13.292 1.00   59.24 ? 118 LYS A CE  1 
ATOM   886  N  NZ  . LYS A 1 118 ? 6.968   1.085   -12.487 1.00   58.28 ? 118 LYS A NZ  1 
ATOM   887  N  N   . HIS A 1 119 ? -0.061  -0.121  -16.276 1.00   16.43 ? 119 HIS A N   1 
ATOM   888  C  CA  . HIS A 1 119 ? -0.939  -0.970  -16.932 1.00   16.83 ? 119 HIS A CA  1 
ATOM   889  C  C   . HIS A 1 119 ? -1.980  -0.185  -17.654 1.00   20.53 ? 119 HIS A C   1 
ATOM   890  O  O   . HIS A 1 119 ? -3.185  -0.458  -17.445 1.00   23.57 ? 119 HIS A O   1 
ATOM   891  C  CB  . HIS A 1 119 ? -1.645  -1.962  -15.941 1.00   15.15 ? 119 HIS A CB  1 
ATOM   892  C  CG  . HIS A 1 119 ? -0.605  -2.639  -15.172 1.00   20.51 ? 119 HIS A CG  1 
ATOM   893  N  ND1 . HIS A 1 119 ? 0.044   -3.826  -15.675 1.00   21.34 ? 119 HIS A ND1 1 
ATOM   894  C  CD2 . HIS A 1 119 ? -0.006  -2.303  -14.033 1.00   19.70 ? 119 HIS A CD2 1 
ATOM   895  C  CE1 . HIS A 1 119 ? 0.992   -4.202  -14.756 1.00   19.24 ? 119 HIS A CE1 1 
ATOM   896  N  NE2 . HIS A 1 119 ? 1.009   -3.259  -13.760 1.00   19.36 ? 119 HIS A NE2 1 
ATOM   897  N  N   . PRO A 1 120 ? -1.635  0.742   -18.511 1.00   21.38 ? 120 PRO A N   1 
ATOM   898  C  CA  . PRO A 1 120 ? -2.580  1.521   -19.265 1.00   22.83 ? 120 PRO A CA  1 
ATOM   899  C  C   . PRO A 1 120 ? -3.668  0.805   -20.038 1.00   24.64 ? 120 PRO A C   1 
ATOM   900  O  O   . PRO A 1 120 ? -4.781  1.441   -20.107 1.00   29.00 ? 120 PRO A O   1 
ATOM   901  C  CB  . PRO A 1 120 ? -1.823  2.252   -20.322 1.00   23.71 ? 120 PRO A CB  1 
ATOM   902  C  CG  . PRO A 1 120 ? -0.542  1.451   -20.476 1.00   24.33 ? 120 PRO A CG  1 
ATOM   903  C  CD  . PRO A 1 120 ? -0.256  0.911   -19.077 1.00   23.22 ? 120 PRO A CD  1 
ATOM   904  N  N   . SER A 1 121 ? -3.476  -0.430  -20.504 1.00   24.72 ? 121 SER A N   1 
ATOM   905  C  CA  . SER A 1 121 ? -4.535  -0.987  -21.158 1.00   34.87 ? 121 SER A CA  1 
ATOM   906  C  C   . SER A 1 121 ? -5.490  -1.932  -20.459 1.00   39.65 ? 121 SER A C   1 
ATOM   907  O  O   . SER A 1 121 ? -6.641  -2.340  -20.973 1.00   44.13 ? 121 SER A O   1 
ATOM   908  C  CB  . SER A 1 121 ? -4.011  -1.765  -22.535 1.00   39.23 ? 121 SER A CB  1 
ATOM   909  O  OG  . SER A 1 121 ? -3.186  -2.817  -22.130 1.00   40.42 ? 121 SER A OG  1 
ATOM   910  N  N   . ASP A 1 122 ? -5.046  -2.338  -19.273 1.00   33.15 ? 122 ASP A N   1 
ATOM   911  C  CA  . ASP A 1 122 ? -5.841  -3.262  -18.472 1.00   29.13 ? 122 ASP A CA  1 
ATOM   912  C  C   . ASP A 1 122 ? -6.376  -2.637  -17.240 1.00   27.56 ? 122 ASP A C   1 
ATOM   913  O  O   . ASP A 1 122 ? -7.106  -3.313  -16.583 1.00   31.79 ? 122 ASP A O   1 
ATOM   914  C  CB  . ASP A 1 122 ? -4.831  -4.302  -17.900 1.00   29.26 ? 122 ASP A CB  1 
ATOM   915  C  CG  . ASP A 1 122 ? -4.079  -5.203  -18.877 1.00   34.13 ? 122 ASP A CG  1 
ATOM   916  O  OD1 . ASP A 1 122 ? -4.814  -5.844  -19.630 1.00   44.49 ? 122 ASP A OD1 1 
ATOM   917  O  OD2 . ASP A 1 122 ? -2.771  -5.241  -18.700 1.00   45.33 ? 122 ASP A OD2 1 
ATOM   918  N  N   . PHE A 1 123 ? -6.000  -1.421  -16.944 1.00   22.88 ? 123 PHE A N   1 
ATOM   919  C  CA  . PHE A 1 123 ? -6.536  -0.824  -15.712 1.00   23.39 ? 123 PHE A CA  1 
ATOM   920  C  C   . PHE A 1 123 ? -7.567  0.277   -16.038 1.00   27.12 ? 123 PHE A C   1 
ATOM   921  O  O   . PHE A 1 123 ? -7.241  1.434   -15.933 1.00   27.94 ? 123 PHE A O   1 
ATOM   922  C  CB  . PHE A 1 123 ? -5.379  -0.391  -14.783 1.00   19.73 ? 123 PHE A CB  1 
ATOM   923  C  CG  . PHE A 1 123 ? -5.732  -0.057  -13.288 1.00   21.64 ? 123 PHE A CG  1 
ATOM   924  C  CD1 . PHE A 1 123 ? -6.411  -0.919  -12.459 1.00   22.20 ? 123 PHE A CD1 1 
ATOM   925  C  CD2 . PHE A 1 123 ? -5.252  1.135   -12.752 1.00   21.82 ? 123 PHE A CD2 1 
ATOM   926  C  CE1 . PHE A 1 123 ? -6.640  -0.637  -11.108 1.00   22.53 ? 123 PHE A CE1 1 
ATOM   927  C  CE2 . PHE A 1 123 ? -5.494  1.483   -11.433 1.00   20.61 ? 123 PHE A CE2 1 
ATOM   928  C  CZ  . PHE A 1 123 ? -6.186  0.567   -10.629 1.00   21.25 ? 123 PHE A CZ  1 
ATOM   929  N  N   . GLY A 1 124 ? -8.774  -0.137  -16.415 1.00   26.92 ? 124 GLY A N   1 
ATOM   930  C  CA  . GLY A 1 124 ? -9.765  0.854   -16.732 1.00   24.97 ? 124 GLY A CA  1 
ATOM   931  C  C   . GLY A 1 124 ? -10.622 1.443   -15.680 1.00   22.61 ? 124 GLY A C   1 
ATOM   932  O  O   . GLY A 1 124 ? -10.307 1.156   -14.525 1.00   22.87 ? 124 GLY A O   1 
ATOM   933  N  N   . ALA A 1 125 ? -11.612 2.173   -16.048 1.00   19.79 ? 125 ALA A N   1 
ATOM   934  C  CA  . ALA A 1 125 ? -12.398 2.755   -15.099 1.00   23.59 ? 125 ALA A CA  1 
ATOM   935  C  C   . ALA A 1 125 ? -13.068 1.855   -14.036 1.00   18.87 ? 125 ALA A C   1 
ATOM   936  O  O   . ALA A 1 125 ? -13.205 2.196   -12.848 1.00   17.55 ? 125 ALA A O   1 
ATOM   937  C  CB  . ALA A 1 125 ? -13.604 3.701   -15.694 1.00   28.40 ? 125 ALA A CB  1 
ATOM   938  N  N   . ASP A 1 126 ? -13.542 0.703   -14.527 1.00   15.79 ? 126 ASP A N   1 
ATOM   939  C  CA  . ASP A 1 126 ? -14.184 -0.217  -13.533 1.00   17.72 ? 126 ASP A CA  1 
ATOM   940  C  C   . ASP A 1 126 ? -13.167 -0.717  -12.582 1.00   16.41 ? 126 ASP A C   1 
ATOM   941  O  O   . ASP A 1 126 ? -13.405 -0.814  -11.388 1.00   19.79 ? 126 ASP A O   1 
ATOM   942  C  CB  . ASP A 1 126 ? -14.849 -1.470  -14.182 1.00   23.50 ? 126 ASP A CB  1 
ATOM   943  C  CG  . ASP A 1 126 ? -15.987 -1.071  -15.247 1.00   80.00 ? 126 ASP A CG  1 
ATOM   944  O  OD1 . ASP A 1 126 ? -16.794 -0.309  -15.027 1.00   53.94 ? 126 ASP A OD1 1 
ATOM   945  O  OD2 . ASP A 1 126 ? -15.892 -1.706  -16.428 1.00   57.59 ? 126 ASP A OD2 1 
ATOM   946  N  N   . SER A 1 127 ? -11.966 -1.107  -13.092 1.00   13.20 ? 127 SER A N   1 
ATOM   947  C  CA  . SER A 1 127 ? -10.958 -1.633  -12.240 1.00   11.73 ? 127 SER A CA  1 
ATOM   948  C  C   . SER A 1 127 ? -10.419 -0.605  -11.233 1.00   15.42 ? 127 SER A C   1 
ATOM   949  O  O   . SER A 1 127 ? -10.216 -0.919  -10.069 1.00   17.19 ? 127 SER A O   1 
ATOM   950  C  CB  . SER A 1 127 ? -9.818  -2.164  -13.058 1.00   11.76 ? 127 SER A CB  1 
ATOM   951  O  OG  . SER A 1 127 ? -10.424 -3.112  -13.876 1.00   30.73 ? 127 SER A OG  1 
ATOM   952  N  N   . GLN A 1 128 ? -10.159 0.645   -11.646 1.00   16.61 ? 128 GLN A N   1 
ATOM   953  C  CA  . GLN A 1 128 ? -9.643  1.617   -10.699 1.00   17.90 ? 128 GLN A CA  1 
ATOM   954  C  C   . GLN A 1 128 ? -10.761 1.855   -9.643  1.00   18.28 ? 128 GLN A C   1 
ATOM   955  O  O   . GLN A 1 128 ? -10.425 1.920   -8.490  1.00   22.72 ? 128 GLN A O   1 
ATOM   956  C  CB  . GLN A 1 128 ? -9.400  2.940   -11.488 1.00   19.39 ? 128 GLN A CB  1 
ATOM   957  C  CG  . GLN A 1 128 ? -8.439  2.577   -12.655 1.00   40.87 ? 128 GLN A CG  1 
ATOM   958  C  CD  . GLN A 1 128 ? -7.951  3.962   -13.233 1.00   61.87 ? 128 GLN A CD  1 
ATOM   959  O  OE1 . GLN A 1 128 ? -8.289  4.968   -12.649 1.00   42.30 ? 128 GLN A OE1 1 
ATOM   960  N  NE2 . GLN A 1 128 ? -7.158  3.981   -14.304 1.00   41.48 ? 128 GLN A NE2 1 
ATOM   961  N  N   . ALA A 1 129 ? -12.050 1.928   -10.003 1.00   14.68 ? 129 ALA A N   1 
ATOM   962  C  CA  . ALA A 1 129 ? -13.048 2.086   -8.979  1.00   13.68 ? 129 ALA A CA  1 
ATOM   963  C  C   . ALA A 1 129 ? -13.027 1.024   -7.958  1.00   14.86 ? 129 ALA A C   1 
ATOM   964  O  O   . ALA A 1 129 ? -13.083 1.214   -6.701  1.00   13.67 ? 129 ALA A O   1 
ATOM   965  C  CB  . ALA A 1 129 ? -14.414 2.131   -9.654  1.00   13.71 ? 129 ALA A CB  1 
ATOM   966  N  N   . ALA A 1 130 ? -12.916 -0.262  -8.440  1.00   14.88 ? 130 ALA A N   1 
ATOM   967  C  CA  . ALA A 1 130 ? -12.904 -1.414  -7.548  1.00   13.35 ? 130 ALA A CA  1 
ATOM   968  C  C   . ALA A 1 130 ? -11.681 -1.418  -6.640  1.00   14.30 ? 130 ALA A C   1 
ATOM   969  O  O   . ALA A 1 130 ? -11.756 -1.709  -5.446  1.00   11.33 ? 130 ALA A O   1 
ATOM   970  C  CB  . ALA A 1 130 ? -12.978 -2.677  -8.266  1.00   10.55 ? 130 ALA A CB  1 
ATOM   971  N  N   . MET A 1 131 ? -10.507 -1.115  -7.247  1.00   14.29 ? 131 MET A N   1 
ATOM   972  C  CA  . MET A 1 131 ? -9.276  -1.124  -6.432  1.00   15.29 ? 131 MET A CA  1 
ATOM   973  C  C   . MET A 1 131 ? -9.397  0.017   -5.384  1.00   14.01 ? 131 MET A C   1 
ATOM   974  O  O   . MET A 1 131 ? -9.023  -0.175  -4.248  1.00   11.17 ? 131 MET A O   1 
ATOM   975  C  CB  . MET A 1 131 ? -8.045  -0.974  -7.307  1.00   16.63 ? 131 MET A CB  1 
ATOM   976  C  CG  . MET A 1 131 ? -6.738  -0.969  -6.636  1.00   18.99 ? 131 MET A CG  1 
ATOM   977  S  SD  . MET A 1 131 ? -6.372  -2.555  -5.863  1.00   25.32 ? 131 MET A SD  1 
ATOM   978  C  CE  . MET A 1 131 ? -4.630  -2.385  -5.808  1.00   65.70 ? 131 MET A CE  1 
ATOM   979  N  N   . LYS A 1 132 ? -9.926  1.153   -5.809  1.00   13.72 ? 132 LYS A N   1 
ATOM   980  C  CA  . LYS A 1 132 ? -10.066 2.225   -4.814  1.00   19.63 ? 132 LYS A CA  1 
ATOM   981  C  C   . LYS A 1 132 ? -10.947 1.785   -3.635  1.00   16.72 ? 132 LYS A C   1 
ATOM   982  O  O   . LYS A 1 132 ? -10.564 1.982   -2.430  1.00   16.95 ? 132 LYS A O   1 
ATOM   983  C  CB  . LYS A 1 132 ? -10.677 3.519   -5.451  1.00   23.69 ? 132 LYS A CB  1 
ATOM   984  C  CG  . LYS A 1 132 ? -9.519  4.373   -6.263  1.00   73.63 ? 132 LYS A CG  1 
ATOM   985  C  CD  . LYS A 1 132 ? -10.070 5.729   -6.550  1.00   42.57 ? 132 LYS A CD  1 
ATOM   986  C  CE  . LYS A 1 132 ? -10.020 5.894   -8.048  1.00   75.58 ? 132 LYS A CE  1 
ATOM   987  N  N   . LYS A 1 133 ? -12.035 1.138   -3.961  1.00   13.18 ? 133 LYS A N   1 
ATOM   988  C  CA  . LYS A 1 133 ? -12.901 0.623   -2.878  1.00   17.37 ? 133 LYS A CA  1 
ATOM   989  C  C   . LYS A 1 133 ? -12.195 -0.467  -1.995  1.00   18.38 ? 133 LYS A C   1 
ATOM   990  O  O   . LYS A 1 133 ? -12.419 -0.487  -0.766  1.00   16.37 ? 133 LYS A O   1 
ATOM   991  C  CB  . LYS A 1 133 ? -14.152 -0.052  -3.496  1.00   18.64 ? 133 LYS A CB  1 
ATOM   992  C  CG  . LYS A 1 133 ? -15.440 0.768   -3.653  1.00   31.41 ? 133 LYS A CG  1 
ATOM   993  C  CD  . LYS A 1 133 ? -16.654 -0.255  -3.586  1.00   38.12 ? 133 LYS A CD  1 
ATOM   994  C  CE  . LYS A 1 133 ? -17.963 0.314   -4.173  1.00   43.24 ? 133 LYS A CE  1 
ATOM   995  N  N   . ALA A 1 134 ? -11.347 -1.382  -2.606  1.00   14.97 ? 134 ALA A N   1 
ATOM   996  C  CA  . ALA A 1 134 ? -10.674 -2.390  -1.799  1.00   12.27 ? 134 ALA A CA  1 
ATOM   997  C  C   . ALA A 1 134 ? -9.692  -1.726  -0.851  1.00   12.91 ? 134 ALA A C   1 
ATOM   998  O  O   . ALA A 1 134 ? -9.532  -2.166  0.304   1.00   14.27 ? 134 ALA A O   1 
ATOM   999  C  CB  . ALA A 1 134 ? -9.874  -3.390  -2.673  1.00   9.53  ? 134 ALA A CB  1 
ATOM   1000 N  N   . LEU A 1 135 ? -8.989  -0.684  -1.335  1.00   9.93  ? 135 LEU A N   1 
ATOM   1001 C  CA  . LEU A 1 135 ? -8.035  -0.036  -0.488  1.00   10.38 ? 135 LEU A CA  1 
ATOM   1002 C  C   . LEU A 1 135 ? -8.738  0.797   0.576   1.00   14.04 ? 135 LEU A C   1 
ATOM   1003 O  O   . LEU A 1 135 ? -8.220  0.933   1.681   1.00   15.31 ? 135 LEU A O   1 
ATOM   1004 C  CB  . LEU A 1 135 ? -7.053  0.860   -1.339  1.00   11.39 ? 135 LEU A CB  1 
ATOM   1005 C  CG  . LEU A 1 135 ? -6.161  -0.050  -2.242  1.00   10.58 ? 135 LEU A CG  1 
ATOM   1006 C  CD1 . LEU A 1 135 ? -5.361  0.884   -3.173  1.00   15.49 ? 135 LEU A CD1 1 
ATOM   1007 C  CD2 . LEU A 1 135 ? -5.282  -0.976  -1.424  1.00   14.46 ? 135 LEU A CD2 1 
ATOM   1008 N  N   . GLU A 1 136 ? -9.881  1.307   0.258   1.00   17.15 ? 136 GLU A N   1 
ATOM   1009 C  CA  . GLU A 1 136 ? -10.653 2.070   1.262   1.00   17.90 ? 136 GLU A CA  1 
ATOM   1010 C  C   . GLU A 1 136 ? -11.140 1.112   2.380   1.00   16.14 ? 136 GLU A C   1 
ATOM   1011 O  O   . GLU A 1 136 ? -11.159 1.454   3.568   1.00   15.74 ? 136 GLU A O   1 
ATOM   1012 C  CB  . GLU A 1 136 ? -11.823 2.787   0.542   1.00   17.08 ? 136 GLU A CB  1 
ATOM   1013 C  CG  . GLU A 1 136 ? -12.512 3.772   1.494   1.00   52.96 ? 136 GLU A CG  1 
ATOM   1014 C  CD  . GLU A 1 136 ? -13.819 4.283   1.016   1.00   79.99 ? 136 GLU A CD  1 
ATOM   1015 O  OE1 . GLU A 1 136 ? -14.285 3.900   -0.154  1.00   66.62 ? 136 GLU A OE1 1 
ATOM   1016 O  OE2 . GLU A 1 136 ? -14.417 5.073   1.867   1.00   68.27 ? 136 GLU A OE2 1 
ATOM   1017 N  N   . LEU A 1 137 ? -11.501 -0.097  2.027   1.00   13.56 ? 137 LEU A N   1 
ATOM   1018 C  CA  . LEU A 1 137 ? -11.923 -1.078  2.992   1.00   12.53 ? 137 LEU A CA  1 
ATOM   1019 C  C   . LEU A 1 137 ? -10.720 -1.409  3.837   1.00   15.52 ? 137 LEU A C   1 
ATOM   1020 O  O   . LEU A 1 137 ? -10.854 -1.503  5.137   1.00   14.39 ? 137 LEU A O   1 
ATOM   1021 C  CB  . LEU A 1 137 ? -12.495 -2.342  2.355   1.00   11.84 ? 137 LEU A CB  1 
ATOM   1022 C  CG  . LEU A 1 137 ? -12.787 -3.504  3.287   1.00   16.86 ? 137 LEU A CG  1 
ATOM   1023 C  CD1 . LEU A 1 137 ? -14.112 -3.288  3.981   1.00   14.40 ? 137 LEU A CD1 1 
ATOM   1024 C  CD2 . LEU A 1 137 ? -12.940 -4.760  2.387   1.00   17.62 ? 137 LEU A CD2 1 
ATOM   1025 N  N   . PHE A 1 138 ? -9.532  -1.545  3.224   1.00   15.23 ? 138 PHE A N   1 
ATOM   1026 C  CA  . PHE A 1 138 ? -8.287  -1.864  4.004   1.00   17.68 ? 138 PHE A CA  1 
ATOM   1027 C  C   . PHE A 1 138 ? -7.960  -0.642  5.023   1.00   18.05 ? 138 PHE A C   1 
ATOM   1028 O  O   . PHE A 1 138 ? -7.630  -0.833  6.203   1.00   19.13 ? 138 PHE A O   1 
ATOM   1029 C  CB  . PHE A 1 138 ? -7.102  -1.974  3.051   1.00   17.22 ? 138 PHE A CB  1 
ATOM   1030 C  CG  . PHE A 1 138 ? -5.782  -1.735  3.626   1.00   15.35 ? 138 PHE A CG  1 
ATOM   1031 C  CD1 . PHE A 1 138 ? -5.156  -2.696  4.347   1.00   17.82 ? 138 PHE A CD1 1 
ATOM   1032 C  CD2 . PHE A 1 138 ? -5.037  -0.599  3.381   1.00   16.26 ? 138 PHE A CD2 1 
ATOM   1033 C  CE1 . PHE A 1 138 ? -3.875  -2.475  4.891   1.00   19.36 ? 138 PHE A CE1 1 
ATOM   1034 C  CE2 . PHE A 1 138 ? -3.800  -0.347  3.909   1.00   14.72 ? 138 PHE A CE2 1 
ATOM   1035 C  CZ  . PHE A 1 138 ? -3.192  -1.319  4.638   1.00   17.30 ? 138 PHE A CZ  1 
ATOM   1036 N  N   . ARG A 1 139 ? -8.091  0.585   4.570   1.00   17.50 ? 139 ARG A N   1 
ATOM   1037 C  CA  . ARG A 1 139 ? -7.772  1.754   5.424   1.00   17.78 ? 139 ARG A CA  1 
ATOM   1038 C  C   . ARG A 1 139 ? -8.778  1.777   6.620   1.00   17.57 ? 139 ARG A C   1 
ATOM   1039 O  O   . ARG A 1 139 ? -8.382  1.957   7.717   1.00   18.86 ? 139 ARG A O   1 
ATOM   1040 C  CB  . ARG A 1 139 ? -7.990  3.035   4.603   1.00   17.82 ? 139 ARG A CB  1 
ATOM   1041 C  CG  . ARG A 1 139 ? -6.783  3.699   4.000   1.00   47.23 ? 139 ARG A CG  1 
ATOM   1042 C  CD  . ARG A 1 139 ? -7.140  5.050   3.181   1.00   45.45 ? 139 ARG A CD  1 
ATOM   1043 N  NE  . ARG A 1 139 ? -8.081  4.722   1.897   1.00   54.49 ? 139 ARG A NE  1 
ATOM   1044 C  CZ  . ARG A 1 139 ? -8.722  5.552   1.330   1.00   43.20 ? 139 ARG A CZ  1 
ATOM   1045 N  NH1 . ARG A 1 139 ? -8.769  6.745   1.556   1.00   53.18 ? 139 ARG A NH1 1 
ATOM   1046 N  NH2 . ARG A 1 139 ? -9.469  5.239   0.388   1.00   53.29 ? 139 ARG A NH2 1 
ATOM   1047 N  N   . ASN A 1 140 ? -10.043 1.615   6.336   1.00   18.11 ? 140 ASN A N   1 
ATOM   1048 C  CA  . ASN A 1 140 ? -11.060 1.569   7.326   1.00   23.30 ? 140 ASN A CA  1 
ATOM   1049 C  C   . ASN A 1 140 ? -10.846 0.503   8.345   1.00   21.33 ? 140 ASN A C   1 
ATOM   1050 O  O   . ASN A 1 140 ? -10.919 0.759   9.583   1.00   22.69 ? 140 ASN A O   1 
ATOM   1051 C  CB  . ASN A 1 140 ? -12.493 1.396   6.754   1.00   27.41 ? 140 ASN A CB  1 
ATOM   1052 C  CG  . ASN A 1 140 ? -12.948 2.695   5.994   1.00   33.78 ? 140 ASN A CG  1 
ATOM   1053 O  OD1 . ASN A 1 140 ? -12.431 3.779   6.190   1.00   42.29 ? 140 ASN A OD1 1 
ATOM   1054 N  ND2 . ASN A 1 140 ? -13.916 2.526   5.044   1.00   43.73 ? 140 ASN A ND2 1 
ATOM   1055 N  N   . ASP A 1 141 ? -10.553 -0.645  7.951   1.00   15.89 ? 141 ASP A N   1 
ATOM   1056 C  CA  . ASP A 1 141 ? -10.373 -1.684  8.921   1.00   14.45 ? 141 ASP A CA  1 
ATOM   1057 C  C   . ASP A 1 141 ? -9.146  -1.463  9.692   1.00   16.84 ? 141 ASP A C   1 
ATOM   1058 O  O   . ASP A 1 141 ? -9.086  -1.840  10.888  1.00   18.40 ? 141 ASP A O   1 
ATOM   1059 C  CB  . ASP A 1 141 ? -10.467 -3.104  8.337   1.00   15.80 ? 141 ASP A CB  1 
ATOM   1060 C  CG  . ASP A 1 141 ? -11.741 -3.554  7.833   1.00   28.67 ? 141 ASP A CG  1 
ATOM   1061 O  OD1 . ASP A 1 141 ? -12.675 -2.848  8.124   1.00   24.45 ? 141 ASP A OD1 1 
ATOM   1062 O  OD2 . ASP A 1 141 ? -11.831 -4.583  7.038   1.00   25.66 ? 141 ASP A OD2 1 
ATOM   1063 N  N   . MET A 1 142 ? -8.085  -0.918  9.054   1.00   15.67 ? 142 MET A N   1 
ATOM   1064 C  CA  . MET A 1 142 ? -6.818  -0.630  9.798   1.00   17.87 ? 142 MET A CA  1 
ATOM   1065 C  C   . MET A 1 142 ? -7.181  0.494   10.979  1.00   19.10 ? 142 MET A C   1 
ATOM   1066 O  O   . MET A 1 142 ? -6.812  0.318   12.105  1.00   18.28 ? 142 MET A O   1 
ATOM   1067 C  CB  . MET A 1 142 ? -5.809  0.110   8.865   1.00   18.15 ? 142 MET A CB  1 
ATOM   1068 C  CG  . MET A 1 142 ? -5.071  -0.920  7.969   1.00   21.23 ? 142 MET A CG  1 
ATOM   1069 S  SD  . MET A 1 142 ? -3.779  -1.842  8.901   1.00   22.26 ? 142 MET A SD  1 
ATOM   1070 C  CE  . MET A 1 142 ? -2.471  -0.585  8.932   1.00   15.06 ? 142 MET A CE  1 
ATOM   1071 N  N   . ALA A 1 143 ? -7.874  1.537   10.563  1.00   17.87 ? 143 ALA A N   1 
ATOM   1072 C  CA  . ALA A 1 143 ? -8.308  2.550   11.422  1.00   22.11 ? 143 ALA A CA  1 
ATOM   1073 C  C   . ALA A 1 143 ? -9.158  1.985   12.609  1.00   22.89 ? 143 ALA A C   1 
ATOM   1074 O  O   . ALA A 1 143 ? -8.967  2.453   13.715  1.00   23.86 ? 143 ALA A O   1 
ATOM   1075 C  CB  . ALA A 1 143 ? -9.033  3.615   10.608  1.00   23.47 ? 143 ALA A CB  1 
ATOM   1076 N  N   . SER A 1 144 ? -10.019 1.014   12.407  1.00   23.96 ? 144 SER A N   1 
ATOM   1077 C  CA  . SER A 1 144 ? -10.786 0.358   13.530  1.00   23.95 ? 144 SER A CA  1 
ATOM   1078 C  C   . SER A 1 144 ? -9.838  -0.416  14.396  1.00   22.68 ? 144 SER A C   1 
ATOM   1079 O  O   . SER A 1 144 ? -9.936  -0.338  15.676  1.00   23.09 ? 144 SER A O   1 
ATOM   1080 C  CB  . SER A 1 144 ? -11.756 -0.690  13.078  1.00   21.43 ? 144 SER A CB  1 
ATOM   1081 O  OG  . SER A 1 144 ? -12.635 0.023   12.259  1.00   44.35 ? 144 SER A OG  1 
ATOM   1082 N  N   . LYS A 1 145 ? -8.917  -1.160  13.753  1.00   16.28 ? 145 LYS A N   1 
ATOM   1083 C  CA  . LYS A 1 145 ? -7.988  -1.918  14.506  1.00   18.92 ? 145 LYS A CA  1 
ATOM   1084 C  C   . LYS A 1 145 ? -7.081  -1.177  15.374  1.00   18.70 ? 145 LYS A C   1 
ATOM   1085 O  O   . LYS A 1 145 ? -6.714  -1.590  16.536  1.00   21.85 ? 145 LYS A O   1 
ATOM   1086 C  CB  . LYS A 1 145 ? -7.170  -2.945  13.686  1.00   22.34 ? 145 LYS A CB  1 
ATOM   1087 C  CG  . LYS A 1 145 ? -7.871  -4.419  13.751  1.00   31.54 ? 145 LYS A CG  1 
ATOM   1088 N  N   . TYR A 1 146 ? -6.713  -0.032  14.846  1.00   13.98 ? 146 TYR A N   1 
ATOM   1089 C  CA  . TYR A 1 146 ? -5.780  0.812   15.541  1.00   15.51 ? 146 TYR A CA  1 
ATOM   1090 C  C   . TYR A 1 146 ? -6.348  1.161   17.108  1.00   16.95 ? 146 TYR A C   1 
ATOM   1091 O  O   . TYR A 1 146 ? -5.608  1.228   18.118  1.00   14.99 ? 146 TYR A O   1 
ATOM   1092 C  CB  . TYR A 1 146 ? -5.788  2.134   14.673  1.00   13.62 ? 146 TYR A CB  1 
ATOM   1093 C  CG  . TYR A 1 146 ? -4.640  2.225   13.664  1.00   20.63 ? 146 TYR A CG  1 
ATOM   1094 C  CD1 . TYR A 1 146 ? -3.841  1.131   13.279  1.00   17.16 ? 146 TYR A CD1 1 
ATOM   1095 C  CD2 . TYR A 1 146 ? -4.451  3.514   13.045  1.00   21.80 ? 146 TYR A CD2 1 
ATOM   1096 C  CE1 . TYR A 1 146 ? -2.782  1.357   12.386  1.00   17.72 ? 146 TYR A CE1 1 
ATOM   1097 C  CE2 . TYR A 1 146 ? -3.443  3.751   12.120  1.00   20.35 ? 146 TYR A CE2 1 
ATOM   1098 C  CZ  . TYR A 1 146 ? -2.615  2.662   11.825  1.00   19.44 ? 146 TYR A CZ  1 
ATOM   1099 O  OH  . TYR A 1 146 ? -1.588  2.932   10.998  1.00   19.42 ? 146 TYR A OH  1 
ATOM   1100 N  N   . LYS A 1 147 ? -7.619  1.424   17.127  1.00   14.88 ? 147 LYS A N   1 
ATOM   1101 C  CA  . LYS A 1 147 ? -8.224  1.782   18.393  1.00   17.94 ? 147 LYS A CA  1 
ATOM   1102 C  C   . LYS A 1 147 ? -8.057  0.658   19.458  1.00   21.23 ? 147 LYS A C   1 
ATOM   1103 O  O   . LYS A 1 147 ? -7.867  0.902   20.654  1.00   19.61 ? 147 LYS A O   1 
ATOM   1104 C  CB  . LYS A 1 147 ? -9.667  2.276   18.027  1.00   16.71 ? 147 LYS A CB  1 
ATOM   1105 N  N   . GLU A 1 148 ? -8.035  -0.586  19.030  1.00   20.71 ? 148 GLU A N   1 
ATOM   1106 C  CA  . GLU A 1 148 ? -7.854  -1.660  19.896  1.00   17.21 ? 148 GLU A CA  1 
ATOM   1107 C  C   . GLU A 1 148 ? -6.518  -1.706  20.457  1.00   18.91 ? 148 GLU A C   1 
ATOM   1108 O  O   . GLU A 1 148 ? -6.264  -2.632  21.353  1.00   22.53 ? 148 GLU A O   1 
ATOM   1109 C  CB  . GLU A 1 148 ? -8.133  -3.040  19.177  1.00   14.09 ? 148 GLU A CB  1 
ATOM   1110 C  CG  . GLU A 1 148 ? -9.614  -3.085  18.908  1.00   24.49 ? 148 GLU A CG  1 
ATOM   1111 C  CD  . GLU A 1 148 ? -10.084 -4.430  18.250  1.00   35.73 ? 148 GLU A CD  1 
ATOM   1112 O  OE1 . GLU A 1 148 ? -9.451  -5.438  18.529  1.00   38.92 ? 148 GLU A OE1 1 
ATOM   1113 O  OE2 . GLU A 1 148 ? -11.132 -4.352  17.526  1.00   39.52 ? 148 GLU A OE2 1 
ATOM   1114 N  N   . PHE A 1 149 ? -5.580  -0.881  19.967  1.00   15.26 ? 149 PHE A N   1 
ATOM   1115 C  CA  . PHE A 1 149 ? -4.228  -0.834  20.487  1.00   16.73 ? 149 PHE A CA  1 
ATOM   1116 C  C   . PHE A 1 149 ? -3.959  0.557   21.188  1.00   17.64 ? 149 PHE A C   1 
ATOM   1117 O  O   . PHE A 1 149 ? -2.867  0.922   21.518  1.00   19.68 ? 149 PHE A O   1 
ATOM   1118 C  CB  . PHE A 1 149 ? -3.093  -1.123  19.373  1.00   14.25 ? 149 PHE A CB  1 
ATOM   1119 C  CG  . PHE A 1 149 ? -3.355  -2.403  18.703  1.00   17.13 ? 149 PHE A CG  1 
ATOM   1120 C  CD1 . PHE A 1 149 ? -3.120  -3.618  19.345  1.00   19.43 ? 149 PHE A CD1 1 
ATOM   1121 C  CD2 . PHE A 1 149 ? -3.771  -2.408  17.407  1.00   17.43 ? 149 PHE A CD2 1 
ATOM   1122 C  CE1 . PHE A 1 149 ? -3.334  -4.864  18.671  1.00   20.92 ? 149 PHE A CE1 1 
ATOM   1123 C  CE2 . PHE A 1 149 ? -3.938  -3.642  16.723  1.00   18.72 ? 149 PHE A CE2 1 
ATOM   1124 C  CZ  . PHE A 1 149 ? -3.735  -4.861  17.355  1.00   18.60 ? 149 PHE A CZ  1 
ATOM   1125 N  N   . GLY A 1 150 ? -4.983  1.296   21.347  1.00   15.48 ? 150 GLY A N   1 
ATOM   1126 C  CA  . GLY A 1 150 ? -4.797  2.566   22.018  1.00   16.62 ? 150 GLY A CA  1 
ATOM   1127 C  C   . GLY A 1 150 ? -4.394  3.684   21.099  1.00   21.28 ? 150 GLY A C   1 
ATOM   1128 O  O   . GLY A 1 150 ? -4.086  4.755   21.634  1.00   17.60 ? 150 GLY A O   1 
ATOM   1129 N  N   . PHE A 1 151 ? -4.437  3.447   19.701  1.00   22.14 ? 151 PHE A N   1 
ATOM   1130 C  CA  . PHE A 1 151 ? -3.956  4.466   18.871  1.00   17.94 ? 151 PHE A CA  1 
ATOM   1131 C  C   . PHE A 1 151 ? -5.011  5.063   18.093  1.00   20.66 ? 151 PHE A C   1 
ATOM   1132 O  O   . PHE A 1 151 ? -5.849  4.442   17.613  1.00   19.79 ? 151 PHE A O   1 
ATOM   1133 C  CB  . PHE A 1 151 ? -2.752  3.845   18.072  1.00   18.02 ? 151 PHE A CB  1 
ATOM   1134 C  CG  . PHE A 1 151 ? -2.142  4.723   16.989  1.00   30.29 ? 151 PHE A CG  1 
ATOM   1135 C  CD1 . PHE A 1 151 ? -1.268  5.771   17.371  1.00   32.33 ? 151 PHE A CD1 1 
ATOM   1136 C  CD2 . PHE A 1 151 ? -2.421  4.604   15.640  1.00   27.52 ? 151 PHE A CD2 1 
ATOM   1137 C  CE1 . PHE A 1 151 ? -0.678  6.628   16.356  1.00   31.32 ? 151 PHE A CE1 1 
ATOM   1138 C  CE2 . PHE A 1 151 ? -1.813  5.471   14.665  1.00   27.23 ? 151 PHE A CE2 1 
ATOM   1139 C  CZ  . PHE A 1 151 ? -0.916  6.477   14.999  1.00   26.92 ? 151 PHE A CZ  1 
ATOM   1140 N  N   . GLN A 1 152 ? -4.976  6.393   17.989  1.00   29.42 ? 152 GLN A N   1 
ATOM   1141 C  CA  . GLN A 1 152 ? -6.006  7.235   17.310  1.00   34.98 ? 152 GLN A CA  1 
ATOM   1142 C  C   . GLN A 1 152 ? -5.900  7.249   15.828  1.00   40.08 ? 152 GLN A C   1 
ATOM   1143 O  O   . GLN A 1 152 ? -6.973  7.165   15.183  1.00   43.43 ? 152 GLN A O   1 
ATOM   1144 N  N   . GLY A 1 153 ? -4.721  7.354   15.288  1.00   42.89 ? 153 GLY A N   1 
ATOM   1145 C  CA  . GLY A 1 153 ? -4.686  7.381   13.824  1.00   48.88 ? 153 GLY A CA  1 
ATOM   1146 C  C   . GLY A 1 153 ? -4.695  8.812   13.344  1.00   49.16 ? 153 GLY A C   1 
ATOM   1147 O  O   . GLY A 1 153 ? -5.108  9.091   12.163  1.00   52.27 ? 153 GLY A O   1 
ATOM   1148 O  OXT . GLY A 1 153 ? -4.255  9.626   14.188  0.71   51.24 ? 153 GLY A OXT 1 
HETATM 1149 C  C   . CYN B 2 .   ? 5.743   0.326   4.652   0.0000 16.40 ? 158 CYN A C   1 
HETATM 1150 N  N   . CYN B 2 .   ? 5.874   1.465   4.604   0.0000 28.79 ? 158 CYN A N   1 
HETATM 1151 C  CHA . HEM C 3 .   ? 7.018   -1.609  7.885   1.00   23.14 ? 155 HEM A CHA 1 
HETATM 1152 C  CHB . HEM C 3 .   ? 3.320   -2.783  5.326   1.00   15.13 ? 155 HEM A CHB 1 
HETATM 1153 C  CHC . HEM C 3 .   ? 1.931   1.757   5.015   1.00   16.00 ? 155 HEM A CHC 1 
HETATM 1154 C  CHD . HEM C 3 .   ? 5.799   2.987   7.642   1.00   24.77 ? 155 HEM A CHD 1 
HETATM 1155 C  C1A . HEM C 3 .   ? 6.023   -2.340  7.314   1.00   17.03 ? 155 HEM A C1A 1 
HETATM 1156 C  C2A . HEM C 3 .   ? 6.154   -3.761  7.125   1.00   14.60 ? 155 HEM A C2A 1 
HETATM 1157 C  C3A . HEM C 3 .   ? 5.188   -4.143  6.309   1.00   12.38 ? 155 HEM A C3A 1 
HETATM 1158 C  C4A . HEM C 3 .   ? 4.479   -2.880  6.055   1.00   15.10 ? 155 HEM A C4A 1 
HETATM 1159 C  CMA . HEM C 3 .   ? 4.643   -5.509  5.890   1.00   8.65  ? 155 HEM A CMA 1 
HETATM 1160 C  CAA . HEM C 3 .   ? 7.232   -4.532  7.974   1.00   20.70 ? 155 HEM A CAA 1 
HETATM 1161 C  CBA . HEM C 3 .   ? 6.705   -5.477  9.057   1.00   17.65 ? 155 HEM A CBA 1 
HETATM 1162 C  CGA . HEM C 3 .   ? 6.003   -4.603  10.067  1.00   30.84 ? 155 HEM A CGA 1 
HETATM 1163 O  O1A . HEM C 3 .   ? 6.720   -3.783  10.678  1.00   26.08 ? 155 HEM A O1A 1 
HETATM 1164 O  O2A . HEM C 3 .   ? 4.794   -4.720  10.246  1.00   28.99 ? 155 HEM A O2A 1 
HETATM 1165 C  C1B . HEM C 3 .   ? 2.669   -1.602  4.996   1.00   16.09 ? 155 HEM A C1B 1 
HETATM 1166 C  C2B . HEM C 3 .   ? 1.391   -1.602  4.261   1.00   14.11 ? 155 HEM A C2B 1 
HETATM 1167 C  C3B . HEM C 3 .   ? 0.973   -0.333  4.208   1.00   10.87 ? 155 HEM A C3B 1 
HETATM 1168 C  C4B . HEM C 3 .   ? 1.923   0.393   5.013   1.00   14.65 ? 155 HEM A C4B 1 
HETATM 1169 C  CMB . HEM C 3 .   ? 0.660   -2.910  3.565   1.00   17.08 ? 155 HEM A CMB 1 
HETATM 1170 C  CAB . HEM C 3 .   ? -0.061  0.206   3.138   1.00   9.69  ? 155 HEM A CAB 1 
HETATM 1171 C  CBB . HEM C 3 .   ? -0.768  1.171   3.426   1.00   79.99 ? 155 HEM A CBB 1 
HETATM 1172 C  C1C . HEM C 3 .   ? 2.816   2.532   5.750   1.00   8.99  ? 155 HEM A C1C 1 
HETATM 1173 C  C2C . HEM C 3 .   ? 2.914   3.983   5.731   1.00   10.40 ? 155 HEM A C2C 1 
HETATM 1174 C  C3C . HEM C 3 .   ? 4.032   4.292   6.394   1.00   14.46 ? 155 HEM A C3C 1 
HETATM 1175 C  C4C . HEM C 3 .   ? 4.608   3.084   6.886   1.00   18.22 ? 155 HEM A C4C 1 
HETATM 1176 C  CMC . HEM C 3 .   ? 1.949   4.899   4.957   1.00   5.98  ? 155 HEM A CMC 1 
HETATM 1177 C  CAC . HEM C 3 .   ? 4.657   5.646   6.743   1.00   14.54 ? 155 HEM A CAC 1 
HETATM 1178 C  CBC . HEM C 3 .   ? 4.169   6.714   6.251   1.00   18.73 ? 155 HEM A CBC 1 
HETATM 1179 C  C1D . HEM C 3 .   ? 6.373   1.747   8.003   1.00   20.54 ? 155 HEM A C1D 1 
HETATM 1180 C  C2D . HEM C 3 .   ? 7.503   1.737   8.943   1.00   13.10 ? 155 HEM A C2D 1 
HETATM 1181 C  C3D . HEM C 3 .   ? 7.917   0.555   8.902   1.00   18.51 ? 155 HEM A C3D 1 
HETATM 1182 C  C4D . HEM C 3 .   ? 6.881   -0.263  8.152   1.00   17.91 ? 155 HEM A C4D 1 
HETATM 1183 C  CMD . HEM C 3 .   ? 8.192   3.037   9.536   1.00   13.67 ? 155 HEM A CMD 1 
HETATM 1184 C  CAD . HEM C 3 .   ? 9.254   0.038   9.473   1.00   22.55 ? 155 HEM A CAD 1 
HETATM 1185 C  CBD . HEM C 3 .   ? 10.294  -0.118  8.404   1.00   30.76 ? 155 HEM A CBD 1 
HETATM 1186 C  CGD . HEM C 3 .   ? 11.688  -0.639  9.072   1.00   44.86 ? 155 HEM A CGD 1 
HETATM 1187 O  O1D . HEM C 3 .   ? 12.496  0.153   9.361   1.00   44.45 ? 155 HEM A O1D 1 
HETATM 1188 O  O2D . HEM C 3 .   ? 11.861  -1.720  9.279   1.00   52.45 ? 155 HEM A O2D 1 
HETATM 1189 N  NA  . HEM C 3 .   ? 5.042   -1.800  6.591   1.00   13.80 ? 155 HEM A NA  1 
HETATM 1190 N  NB  . HEM C 3 .   ? 2.973   -0.410  5.499   1.00   9.15  ? 155 HEM A NB  1 
HETATM 1191 N  NC  . HEM C 3 .   ? 3.801   1.965   6.526   1.00   10.18 ? 155 HEM A NC  1 
HETATM 1192 N  ND  . HEM C 3 .   ? 5.834   0.469   7.746   1.00   17.22 ? 155 HEM A ND  1 
HETATM 1193 FE FE  . HEM C 3 .   ? 4.431   0.070   6.593   1.00   15.76 ? 155 HEM A FE  1 
HETATM 1194 O  O   . HOH D 4 .   ? 1.187   -10.684 -4.280  1.00   27.22 ? 201 HOH A O   1 
HETATM 1195 O  O   . HOH D 4 .   ? 9.164   2.604   13.382  1.00   25.94 ? 202 HOH A O   1 
HETATM 1196 O  O   . HOH D 4 .   ? 1.559   -16.708 -5.784  1.00   30.72 ? 203 HOH A O   1 
HETATM 1197 O  O   . HOH D 4 .   ? 12.908  2.706   9.433   1.00   43.41 ? 204 HOH A O   1 
HETATM 1198 O  O   . HOH D 4 .   ? -15.781 -1.379  -10.395 1.00   26.67 ? 205 HOH A O   1 
HETATM 1199 O  O   . HOH D 4 .   ? -16.533 -0.462  -7.911  1.00   20.74 ? 206 HOH A O   1 
HETATM 1200 O  O   . HOH D 4 .   ? -12.695 -15.175 -9.662  1.00   34.18 ? 207 HOH A O   1 
HETATM 1201 O  O   . HOH D 4 .   ? -9.071  -7.604  1.418   1.00   13.99 ? 208 HOH A O   1 
HETATM 1202 O  O   . HOH D 4 .   ? 1.532   -11.626 -1.578  1.00   21.25 ? 209 HOH A O   1 
HETATM 1203 O  O   . HOH D 4 .   ? 18.975  6.351   5.937   1.00   53.39 ? 210 HOH A O   1 
HETATM 1204 O  O   . HOH D 4 .   ? -4.356  -12.066 -8.306  1.00   53.34 ? 211 HOH A O   1 
HETATM 1205 O  O   . HOH D 4 .   ? -5.032  3.052   -17.009 1.00   39.55 ? 212 HOH A O   1 
HETATM 1206 O  O   . HOH D 4 .   ? -8.687  4.075   -1.820  1.00   33.24 ? 213 HOH A O   1 
HETATM 1207 O  O   . HOH D 4 .   ? -16.283 -8.267  -13.228 1.00   56.04 ? 214 HOH A O   1 
HETATM 1208 O  O   . HOH D 4 .   ? -4.262  -14.468 1.604   1.00   37.42 ? 215 HOH A O   1 
HETATM 1209 O  O   . HOH D 4 .   ? 2.707   -7.354  14.476  1.00   40.10 ? 216 HOH A O   1 
HETATM 1210 O  O   . HOH D 4 .   ? -12.338 2.451   -19.327 1.00   44.11 ? 217 HOH A O   1 
HETATM 1211 O  O   . HOH D 4 .   ? -14.875 0.020   0.506   1.00   25.54 ? 218 HOH A O   1 
HETATM 1212 O  O   . HOH D 4 .   ? -11.589 -2.280  -16.708 1.00   22.60 ? 219 HOH A O   1 
HETATM 1213 O  O   . HOH D 4 .   ? -9.224  -4.664  1.816   1.00   18.21 ? 220 HOH A O   1 
HETATM 1214 O  O   . HOH D 4 .   ? 1.316   -15.830 -2.997  1.00   50.89 ? 221 HOH A O   1 
HETATM 1215 O  O   . HOH D 4 .   ? 4.111   -5.331  16.146  1.00   51.95 ? 222 HOH A O   1 
HETATM 1216 O  O   . HOH D 4 .   ? -17.835 -12.814 2.903   1.00   56.70 ? 223 HOH A O   1 
HETATM 1217 O  O   . HOH D 4 .   ? -17.644 -6.253  -15.559 1.00   64.00 ? 224 HOH A O   1 
HETATM 1218 O  O   . HOH D 4 .   ? -8.886  -0.920  -19.696 1.00   50.37 ? 225 HOH A O   1 
HETATM 1219 O  O   . HOH D 4 .   ? 19.858  2.573   10.587  1.00   70.68 ? 226 HOH A O   1 
HETATM 1220 O  O   . HOH D 4 .   ? -6.371  6.237   -16.227 1.00   73.96 ? 227 HOH A O   1 
HETATM 1221 O  O   . HOH D 4 .   ? -0.011  -15.551 -7.601  1.00   30.44 ? 228 HOH A O   1 
HETATM 1222 O  O   . HOH D 4 .   ? -2.874  -16.774 -5.132  1.00   38.11 ? 229 HOH A O   1 
HETATM 1223 O  O   . HOH D 4 .   ? -17.619 -10.620 -15.545 1.00   65.68 ? 230 HOH A O   1 
HETATM 1224 O  O   . HOH D 4 .   ? 8.250   -10.503 -15.156 1.00   41.79 ? 231 HOH A O   1 
HETATM 1225 O  O   . HOH D 4 .   ? -5.049  4.028   -20.582 1.00   54.10 ? 232 HOH A O   1 
HETATM 1226 O  O   . HOH D 4 .   ? -5.327  -11.379 -14.583 1.00   41.81 ? 233 HOH A O   1 
HETATM 1227 O  O   . HOH D 4 .   ? -1.624  -14.777 0.691   1.00   80.00 ? 234 HOH A O   1 
HETATM 1228 O  O   . HOH D 4 .   ? -0.123  -9.372  5.012   1.00   38.64 ? 235 HOH A O   1 
HETATM 1229 O  O   . HOH D 4 .   ? -0.122  -12.150 -15.172 1.00   38.21 ? 236 HOH A O   1 
HETATM 1230 O  O   . HOH D 4 .   ? -1.440  -10.443 -19.538 1.00   60.37 ? 237 HOH A O   1 
HETATM 1231 O  O   . HOH D 4 .   ? -12.204 -8.950  7.433   1.00   39.64 ? 238 HOH A O   1 
HETATM 1232 O  O   . HOH D 4 .   ? 10.403  0.284   -16.280 1.00   73.29 ? 239 HOH A O   1 
HETATM 1233 O  O   . HOH D 4 .   ? 11.760  3.960   11.799  1.00   71.84 ? 240 HOH A O   1 
HETATM 1234 O  O   . HOH D 4 .   ? -2.726  -13.423 -15.642 1.00   53.41 ? 241 HOH A O   1 
HETATM 1235 O  O   . HOH D 4 .   ? -8.860  8.740   -8.936  1.00   61.49 ? 242 HOH A O   1 
HETATM 1236 O  O   . HOH D 4 .   ? 8.636   11.962  11.200  1.00   47.12 ? 243 HOH A O   1 
HETATM 1237 O  O   . HOH D 4 .   ? -11.448 -17.711 -2.475  1.00   77.50 ? 244 HOH A O   1 
HETATM 1238 O  O   . HOH D 4 .   ? -16.583 -1.217  1.832   1.00   60.68 ? 245 HOH A O   1 
HETATM 1239 O  O   . HOH D 4 .   ? -20.948 -10.023 -7.496  1.00   42.47 ? 246 HOH A O   1 
HETATM 1240 O  O   . HOH D 4 .   ? 10.641  -4.155  18.272  1.00   56.37 ? 247 HOH A O   1 
HETATM 1241 O  O   . HOH D 4 .   ? -10.724 -8.496  17.668  1.00   80.00 ? 248 HOH A O   1 
HETATM 1242 O  O   . HOH D 4 .   ? 19.743  -10.403 -31.435 1.00   59.03 ? 249 HOH A O   1 
HETATM 1243 O  O   . HOH D 4 .   ? 4.569   -3.504  19.556  1.00   78.25 ? 250 HOH A O   1 
HETATM 1244 O  O   . HOH D 4 .   ? 11.422  -3.196  5.533   1.00   51.86 ? 251 HOH A O   1 
HETATM 1245 O  O   . HOH D 4 .   ? 16.959  -26.901 -45.576 1.00   64.55 ? 252 HOH A O   1 
HETATM 1246 O  O   . HOH D 4 .   ? 8.219   -2.402  15.433  1.00   80.00 ? 253 HOH A O   1 
HETATM 1247 O  O   . HOH D 4 .   ? -8.110  6.162   -10.952 1.00   50.96 ? 254 HOH A O   1 
HETATM 1248 O  O   . HOH D 4 .   ? 25.182  15.362  2.792   1.00   59.24 ? 255 HOH A O   1 
HETATM 1249 O  O   . HOH D 4 .   ? -15.404 -15.224 -0.001  1.00   74.59 ? 256 HOH A O   1 
HETATM 1250 O  O   . HOH D 4 .   ? -14.226 -18.030 -1.614  1.00   59.88 ? 257 HOH A O   1 
HETATM 1251 O  O   . HOH D 4 .   ? -6.779  7.109   -5.790  1.00   46.18 ? 258 HOH A O   1 
HETATM 1252 O  O   . HOH D 4 .   ? -6.536  -14.454 -7.031  1.00   61.39 ? 259 HOH A O   1 
HETATM 1253 O  O   . HOH D 4 .   ? 15.321  1.715   -4.803  1.00   34.56 ? 260 HOH A O   1 
HETATM 1254 O  O   . HOH D 4 .   ? -15.314 -11.826 0.256   1.00   38.54 ? 261 HOH A O   1 
HETATM 1255 O  O   . HOH D 4 .   ? 9.428   16.366  -3.047  1.00   40.63 ? 262 HOH A O   1 
HETATM 1256 O  O   . HOH D 4 .   ? -5.722  -5.160  21.426  1.00   28.75 ? 263 HOH A O   1 
HETATM 1257 O  O   . HOH D 4 .   ? 0.375   -13.748 -11.368 1.00   35.70 ? 264 HOH A O   1 
HETATM 1258 O  O   . HOH D 4 .   ? -9.784  -4.406  -16.814 1.00   80.00 ? 265 HOH A O   1 
HETATM 1259 O  O   . HOH D 4 .   ? 13.043  -7.280  -3.728  1.00   34.19 ? 266 HOH A O   1 
HETATM 1260 O  O   . HOH D 4 .   ? 21.245  0.333   -0.012  1.00   55.36 ? 267 HOH A O   1 
HETATM 1261 O  O   . HOH D 4 .   ? 5.257   -8.845  3.545   1.00   33.32 ? 268 HOH A O   1 
# 
